data_5AIE
# 
_entry.id   5AIE 
# 
_audit_conform.dict_name       mmcif_pdbx.dic 
_audit_conform.dict_version    5.391 
_audit_conform.dict_location   http://mmcif.pdb.org/dictionaries/ascii/mmcif_pdbx.dic 
# 
loop_
_database_2.database_id 
_database_2.database_code 
_database_2.pdbx_database_accession 
_database_2.pdbx_DOI 
PDB   5AIE         pdb_00005aie 10.2210/pdb5aie/pdb 
PDBE  EBI-63035    ?            ?                   
WWPDB D_1290063035 ?            ?                   
# 
loop_
_pdbx_audit_revision_history.ordinal 
_pdbx_audit_revision_history.data_content_type 
_pdbx_audit_revision_history.major_revision 
_pdbx_audit_revision_history.minor_revision 
_pdbx_audit_revision_history.revision_date 
1 'Structure model' 1 0 2015-04-29 
2 'Structure model' 1 1 2015-05-13 
3 'Structure model' 1 2 2015-05-27 
4 'Structure model' 1 3 2024-05-08 
# 
_pdbx_audit_revision_details.ordinal             1 
_pdbx_audit_revision_details.revision_ordinal    1 
_pdbx_audit_revision_details.data_content_type   'Structure model' 
_pdbx_audit_revision_details.provider            repository 
_pdbx_audit_revision_details.type                'Initial release' 
_pdbx_audit_revision_details.description         ? 
_pdbx_audit_revision_details.details             ? 
# 
loop_
_pdbx_audit_revision_group.ordinal 
_pdbx_audit_revision_group.revision_ordinal 
_pdbx_audit_revision_group.data_content_type 
_pdbx_audit_revision_group.group 
1 2 'Structure model' 'Database references'  
2 3 'Structure model' 'Database references'  
3 4 'Structure model' 'Data collection'      
4 4 'Structure model' 'Database references'  
5 4 'Structure model' 'Derived calculations' 
6 4 'Structure model' Other                  
# 
loop_
_pdbx_audit_revision_category.ordinal 
_pdbx_audit_revision_category.revision_ordinal 
_pdbx_audit_revision_category.data_content_type 
_pdbx_audit_revision_category.category 
1 4 'Structure model' chem_comp_atom         
2 4 'Structure model' chem_comp_bond         
3 4 'Structure model' database_2             
4 4 'Structure model' pdbx_database_status   
5 4 'Structure model' pdbx_struct_conn_angle 
6 4 'Structure model' struct_conn            
7 4 'Structure model' struct_site            
# 
loop_
_pdbx_audit_revision_item.ordinal 
_pdbx_audit_revision_item.revision_ordinal 
_pdbx_audit_revision_item.data_content_type 
_pdbx_audit_revision_item.item 
1  4 'Structure model' '_database_2.pdbx_DOI'                       
2  4 'Structure model' '_database_2.pdbx_database_accession'        
3  4 'Structure model' '_pdbx_database_status.status_code_sf'       
4  4 'Structure model' '_pdbx_struct_conn_angle.ptnr1_auth_seq_id'  
5  4 'Structure model' '_pdbx_struct_conn_angle.ptnr1_label_seq_id' 
6  4 'Structure model' '_pdbx_struct_conn_angle.ptnr3_auth_seq_id'  
7  4 'Structure model' '_pdbx_struct_conn_angle.ptnr3_label_seq_id' 
8  4 'Structure model' '_pdbx_struct_conn_angle.value'              
9  4 'Structure model' '_struct_conn.pdbx_dist_value'               
10 4 'Structure model' '_struct_conn.ptnr1_auth_comp_id'            
11 4 'Structure model' '_struct_conn.ptnr1_auth_seq_id'             
12 4 'Structure model' '_struct_conn.ptnr1_label_asym_id'           
13 4 'Structure model' '_struct_conn.ptnr1_label_atom_id'           
14 4 'Structure model' '_struct_conn.ptnr1_label_comp_id'           
15 4 'Structure model' '_struct_conn.ptnr1_label_seq_id'            
16 4 'Structure model' '_struct_conn.ptnr2_auth_comp_id'            
17 4 'Structure model' '_struct_conn.ptnr2_auth_seq_id'             
18 4 'Structure model' '_struct_conn.ptnr2_label_asym_id'           
19 4 'Structure model' '_struct_conn.ptnr2_label_atom_id'           
20 4 'Structure model' '_struct_conn.ptnr2_label_comp_id'           
21 4 'Structure model' '_struct_conn.ptnr2_label_seq_id'            
22 4 'Structure model' '_struct_site.pdbx_auth_asym_id'             
23 4 'Structure model' '_struct_site.pdbx_auth_comp_id'             
24 4 'Structure model' '_struct_site.pdbx_auth_seq_id'              
# 
_pdbx_database_status.status_code                     REL 
_pdbx_database_status.entry_id                        5AIE 
_pdbx_database_status.deposit_site                    PDBE 
_pdbx_database_status.process_site                    PDBE 
_pdbx_database_status.SG_entry                        . 
_pdbx_database_status.recvd_initial_deposition_date   2015-02-12 
_pdbx_database_status.pdb_format_compatible           Y 
_pdbx_database_status.status_code_sf                  REL 
_pdbx_database_status.status_code_mr                  ? 
_pdbx_database_status.status_code_cs                  ? 
_pdbx_database_status.methods_development_category    ? 
_pdbx_database_status.status_code_nmr_data            ? 
# 
loop_
_audit_author.name 
_audit_author.pdbx_ordinal 
'Bhaskar, V.' 1 
'Basquin, J.' 2 
'Conti, E.'   3 
# 
_citation.id                        primary 
_citation.title                     'Architecture of the Ubiquitylation Module of the Yeast Ccr4-not Complex.' 
_citation.journal_abbrev            Structure 
_citation.journal_volume            23 
_citation.page_first                921 
_citation.page_last                 ? 
_citation.year                      2015 
_citation.journal_id_ASTM           STRUE6 
_citation.country                   UK 
_citation.journal_id_ISSN           0969-2126 
_citation.journal_id_CSD            2005 
_citation.book_publisher            ? 
_citation.pdbx_database_id_PubMed   25914052 
_citation.pdbx_database_id_DOI      10.1016/J.STR.2015.03.011 
# 
loop_
_citation_author.citation_id 
_citation_author.name 
_citation_author.ordinal 
_citation_author.identifier_ORCID 
primary 'Bhaskar, V.' 1 ? 
primary 'Basquin, J.' 2 ? 
primary 'Conti, E.'   3 ? 
# 
loop_
_entity.id 
_entity.type 
_entity.src_method 
_entity.pdbx_description 
_entity.formula_weight 
_entity.pdbx_number_of_molecules 
_entity.pdbx_ec 
_entity.pdbx_mutation 
_entity.pdbx_fragment 
_entity.details 
1 polymer     man 'GENERAL NEGATIVE REGULATOR OF TRANSCRIPTION SUBUNIT 4' 6796.774  1 ?        ? 'RING DOMAIN, RESIDUES 30-83' ? 
2 polymer     man 'UBIQUITIN-CONJUGATING ENZYME E2 4'                     17353.561 1 6.3.2.19 ? ?                             ? 
3 non-polymer syn 'ZINC ION'                                              65.409    2 ?        ? ?                             ? 
# 
loop_
_entity_name_com.entity_id 
_entity_name_com.name 
1 'NOT4, MODULATOR OF TRANSCRIPTION 2'                            
2 'UBC4, UBIQUITIN CARRIER PROTEIN 4, UBIQUITIN-PROTEIN LIGASE 4' 
# 
loop_
_entity_poly.entity_id 
_entity_poly.type 
_entity_poly.nstd_linkage 
_entity_poly.nstd_monomer 
_entity_poly.pdbx_seq_one_letter_code 
_entity_poly.pdbx_seq_one_letter_code_can 
_entity_poly.pdbx_strand_id 
_entity_poly.pdbx_target_identifier 
1 'polypeptide(L)' no no RSMEDYCPLCIEPMDITDKNFFPCPCGYQICQFCYNNIRQNPELNGRCPACRRKYDD 
RSMEDYCPLCIEPMDITDKNFFPCPCGYQICQFCYNNIRQNPELNGRCPACRRKYDD A ? 
2 'polypeptide(L)' no no 
;TGSTGSTETGMSSSKRIAKELSDLERDPPTSCSAGPVGDDLYHWQASIMGPADSPYAGGVFFLSIHFPTDYPFKPPKISF
TTKIYHPNINANGNICLDILKDQWSPALTLSKVLLSICSLLTDANPDDPLVPEIAHIYKTDRPKYEATAREWTKKYAV
;
;TGSTGSTETGMSSSKRIAKELSDLERDPPTSCSAGPVGDDLYHWQASIMGPADSPYAGGVFFLSIHFPTDYPFKPPKISF
TTKIYHPNINANGNICLDILKDQWSPALTLSKVLLSICSLLTDANPDDPLVPEIAHIYKTDRPKYEATAREWTKKYAV
;
B ? 
# 
_pdbx_entity_nonpoly.entity_id   3 
_pdbx_entity_nonpoly.name        'ZINC ION' 
_pdbx_entity_nonpoly.comp_id     ZN 
# 
loop_
_entity_poly_seq.entity_id 
_entity_poly_seq.num 
_entity_poly_seq.mon_id 
_entity_poly_seq.hetero 
1 1   ARG n 
1 2   SER n 
1 3   MET n 
1 4   GLU n 
1 5   ASP n 
1 6   TYR n 
1 7   CYS n 
1 8   PRO n 
1 9   LEU n 
1 10  CYS n 
1 11  ILE n 
1 12  GLU n 
1 13  PRO n 
1 14  MET n 
1 15  ASP n 
1 16  ILE n 
1 17  THR n 
1 18  ASP n 
1 19  LYS n 
1 20  ASN n 
1 21  PHE n 
1 22  PHE n 
1 23  PRO n 
1 24  CYS n 
1 25  PRO n 
1 26  CYS n 
1 27  GLY n 
1 28  TYR n 
1 29  GLN n 
1 30  ILE n 
1 31  CYS n 
1 32  GLN n 
1 33  PHE n 
1 34  CYS n 
1 35  TYR n 
1 36  ASN n 
1 37  ASN n 
1 38  ILE n 
1 39  ARG n 
1 40  GLN n 
1 41  ASN n 
1 42  PRO n 
1 43  GLU n 
1 44  LEU n 
1 45  ASN n 
1 46  GLY n 
1 47  ARG n 
1 48  CYS n 
1 49  PRO n 
1 50  ALA n 
1 51  CYS n 
1 52  ARG n 
1 53  ARG n 
1 54  LYS n 
1 55  TYR n 
1 56  ASP n 
1 57  ASP n 
2 1   THR n 
2 2   GLY n 
2 3   SER n 
2 4   THR n 
2 5   GLY n 
2 6   SER n 
2 7   THR n 
2 8   GLU n 
2 9   THR n 
2 10  GLY n 
2 11  MET n 
2 12  SER n 
2 13  SER n 
2 14  SER n 
2 15  LYS n 
2 16  ARG n 
2 17  ILE n 
2 18  ALA n 
2 19  LYS n 
2 20  GLU n 
2 21  LEU n 
2 22  SER n 
2 23  ASP n 
2 24  LEU n 
2 25  GLU n 
2 26  ARG n 
2 27  ASP n 
2 28  PRO n 
2 29  PRO n 
2 30  THR n 
2 31  SER n 
2 32  CYS n 
2 33  SER n 
2 34  ALA n 
2 35  GLY n 
2 36  PRO n 
2 37  VAL n 
2 38  GLY n 
2 39  ASP n 
2 40  ASP n 
2 41  LEU n 
2 42  TYR n 
2 43  HIS n 
2 44  TRP n 
2 45  GLN n 
2 46  ALA n 
2 47  SER n 
2 48  ILE n 
2 49  MET n 
2 50  GLY n 
2 51  PRO n 
2 52  ALA n 
2 53  ASP n 
2 54  SER n 
2 55  PRO n 
2 56  TYR n 
2 57  ALA n 
2 58  GLY n 
2 59  GLY n 
2 60  VAL n 
2 61  PHE n 
2 62  PHE n 
2 63  LEU n 
2 64  SER n 
2 65  ILE n 
2 66  HIS n 
2 67  PHE n 
2 68  PRO n 
2 69  THR n 
2 70  ASP n 
2 71  TYR n 
2 72  PRO n 
2 73  PHE n 
2 74  LYS n 
2 75  PRO n 
2 76  PRO n 
2 77  LYS n 
2 78  ILE n 
2 79  SER n 
2 80  PHE n 
2 81  THR n 
2 82  THR n 
2 83  LYS n 
2 84  ILE n 
2 85  TYR n 
2 86  HIS n 
2 87  PRO n 
2 88  ASN n 
2 89  ILE n 
2 90  ASN n 
2 91  ALA n 
2 92  ASN n 
2 93  GLY n 
2 94  ASN n 
2 95  ILE n 
2 96  CYS n 
2 97  LEU n 
2 98  ASP n 
2 99  ILE n 
2 100 LEU n 
2 101 LYS n 
2 102 ASP n 
2 103 GLN n 
2 104 TRP n 
2 105 SER n 
2 106 PRO n 
2 107 ALA n 
2 108 LEU n 
2 109 THR n 
2 110 LEU n 
2 111 SER n 
2 112 LYS n 
2 113 VAL n 
2 114 LEU n 
2 115 LEU n 
2 116 SER n 
2 117 ILE n 
2 118 CYS n 
2 119 SER n 
2 120 LEU n 
2 121 LEU n 
2 122 THR n 
2 123 ASP n 
2 124 ALA n 
2 125 ASN n 
2 126 PRO n 
2 127 ASP n 
2 128 ASP n 
2 129 PRO n 
2 130 LEU n 
2 131 VAL n 
2 132 PRO n 
2 133 GLU n 
2 134 ILE n 
2 135 ALA n 
2 136 HIS n 
2 137 ILE n 
2 138 TYR n 
2 139 LYS n 
2 140 THR n 
2 141 ASP n 
2 142 ARG n 
2 143 PRO n 
2 144 LYS n 
2 145 TYR n 
2 146 GLU n 
2 147 ALA n 
2 148 THR n 
2 149 ALA n 
2 150 ARG n 
2 151 GLU n 
2 152 TRP n 
2 153 THR n 
2 154 LYS n 
2 155 LYS n 
2 156 TYR n 
2 157 ALA n 
2 158 VAL n 
# 
loop_
_entity_src_gen.entity_id 
_entity_src_gen.pdbx_src_id 
_entity_src_gen.pdbx_alt_source_flag 
_entity_src_gen.pdbx_seq_type 
_entity_src_gen.pdbx_beg_seq_num 
_entity_src_gen.pdbx_end_seq_num 
_entity_src_gen.gene_src_common_name 
_entity_src_gen.gene_src_genus 
_entity_src_gen.pdbx_gene_src_gene 
_entity_src_gen.gene_src_species 
_entity_src_gen.gene_src_strain 
_entity_src_gen.gene_src_tissue 
_entity_src_gen.gene_src_tissue_fraction 
_entity_src_gen.gene_src_details 
_entity_src_gen.pdbx_gene_src_fragment 
_entity_src_gen.pdbx_gene_src_scientific_name 
_entity_src_gen.pdbx_gene_src_ncbi_taxonomy_id 
_entity_src_gen.pdbx_gene_src_variant 
_entity_src_gen.pdbx_gene_src_cell_line 
_entity_src_gen.pdbx_gene_src_atcc 
_entity_src_gen.pdbx_gene_src_organ 
_entity_src_gen.pdbx_gene_src_organelle 
_entity_src_gen.pdbx_gene_src_cell 
_entity_src_gen.pdbx_gene_src_cellular_location 
_entity_src_gen.host_org_common_name 
_entity_src_gen.pdbx_host_org_scientific_name 
_entity_src_gen.pdbx_host_org_ncbi_taxonomy_id 
_entity_src_gen.host_org_genus 
_entity_src_gen.pdbx_host_org_gene 
_entity_src_gen.pdbx_host_org_organ 
_entity_src_gen.host_org_species 
_entity_src_gen.pdbx_host_org_tissue 
_entity_src_gen.pdbx_host_org_tissue_fraction 
_entity_src_gen.pdbx_host_org_strain 
_entity_src_gen.pdbx_host_org_variant 
_entity_src_gen.pdbx_host_org_cell_line 
_entity_src_gen.pdbx_host_org_atcc 
_entity_src_gen.pdbx_host_org_culture_collection 
_entity_src_gen.pdbx_host_org_cell 
_entity_src_gen.pdbx_host_org_organelle 
_entity_src_gen.pdbx_host_org_cellular_location 
_entity_src_gen.pdbx_host_org_vector_type 
_entity_src_gen.pdbx_host_org_vector 
_entity_src_gen.host_org_details 
_entity_src_gen.expression_system_id 
_entity_src_gen.plasmid_name 
_entity_src_gen.plasmid_details 
_entity_src_gen.pdbx_description 
1 1 sample ? ? ? 
;BAKER'S YEAST
;
? ? ? S288C ? ? ? ? 'SACCHAROMYCES CEREVISIAE' 559292 ? ? ? ? ? ? ? ? 'ESCHERICHIA COLI' 469008 ? ? ? ? ? ? 'BL21(DE3)' PLYSS ? ? 
? ? ? ? ? 'PEC VECTOR' ? ? PEC-HIS-SUMO ? ? 
2 1 sample ? ? ? 
;BAKER'S YEAST
;
? ? ? S288C ? ? ? ? 'SACCHAROMYCES CEREVISIAE' 559292 ? ? ? ? ? ? ? ? 'ESCHERICHIA COLI' 469008 ? ? ? ? ? ? 'BL21(DE3)' PLYSS ? ? 
? ? ? ? ? 'PEC VECTOR' ? ? PEC-HIS-SUMO ? ? 
# 
loop_
_chem_comp.id 
_chem_comp.type 
_chem_comp.mon_nstd_flag 
_chem_comp.name 
_chem_comp.pdbx_synonyms 
_chem_comp.formula 
_chem_comp.formula_weight 
ALA 'L-peptide linking' y ALANINE         ? 'C3 H7 N O2'     89.093  
ARG 'L-peptide linking' y ARGININE        ? 'C6 H15 N4 O2 1' 175.209 
ASN 'L-peptide linking' y ASPARAGINE      ? 'C4 H8 N2 O3'    132.118 
ASP 'L-peptide linking' y 'ASPARTIC ACID' ? 'C4 H7 N O4'     133.103 
CYS 'L-peptide linking' y CYSTEINE        ? 'C3 H7 N O2 S'   121.158 
GLN 'L-peptide linking' y GLUTAMINE       ? 'C5 H10 N2 O3'   146.144 
GLU 'L-peptide linking' y 'GLUTAMIC ACID' ? 'C5 H9 N O4'     147.129 
GLY 'peptide linking'   y GLYCINE         ? 'C2 H5 N O2'     75.067  
HIS 'L-peptide linking' y HISTIDINE       ? 'C6 H10 N3 O2 1' 156.162 
ILE 'L-peptide linking' y ISOLEUCINE      ? 'C6 H13 N O2'    131.173 
LEU 'L-peptide linking' y LEUCINE         ? 'C6 H13 N O2'    131.173 
LYS 'L-peptide linking' y LYSINE          ? 'C6 H15 N2 O2 1' 147.195 
MET 'L-peptide linking' y METHIONINE      ? 'C5 H11 N O2 S'  149.211 
PHE 'L-peptide linking' y PHENYLALANINE   ? 'C9 H11 N O2'    165.189 
PRO 'L-peptide linking' y PROLINE         ? 'C5 H9 N O2'     115.130 
SER 'L-peptide linking' y SERINE          ? 'C3 H7 N O3'     105.093 
THR 'L-peptide linking' y THREONINE       ? 'C4 H9 N O3'     119.119 
TRP 'L-peptide linking' y TRYPTOPHAN      ? 'C11 H12 N2 O2'  204.225 
TYR 'L-peptide linking' y TYROSINE        ? 'C9 H11 N O3'    181.189 
VAL 'L-peptide linking' y VALINE          ? 'C5 H11 N O2'    117.146 
ZN  non-polymer         . 'ZINC ION'      ? 'Zn 2'           65.409  
# 
loop_
_pdbx_poly_seq_scheme.asym_id 
_pdbx_poly_seq_scheme.entity_id 
_pdbx_poly_seq_scheme.seq_id 
_pdbx_poly_seq_scheme.mon_id 
_pdbx_poly_seq_scheme.ndb_seq_num 
_pdbx_poly_seq_scheme.pdb_seq_num 
_pdbx_poly_seq_scheme.auth_seq_num 
_pdbx_poly_seq_scheme.pdb_mon_id 
_pdbx_poly_seq_scheme.auth_mon_id 
_pdbx_poly_seq_scheme.pdb_strand_id 
_pdbx_poly_seq_scheme.pdb_ins_code 
_pdbx_poly_seq_scheme.hetero 
A 1 1   ARG 1   27  ?   ?   ?   A . n 
A 1 2   SER 2   28  ?   ?   ?   A . n 
A 1 3   MET 3   29  29  MET MET A . n 
A 1 4   GLU 4   30  30  GLU GLU A . n 
A 1 5   ASP 5   31  31  ASP ASP A . n 
A 1 6   TYR 6   32  32  TYR TYR A . n 
A 1 7   CYS 7   33  33  CYS CYS A . n 
A 1 8   PRO 8   34  34  PRO PRO A . n 
A 1 9   LEU 9   35  35  LEU LEU A . n 
A 1 10  CYS 10  36  36  CYS CYS A . n 
A 1 11  ILE 11  37  37  ILE ILE A . n 
A 1 12  GLU 12  38  38  GLU GLU A . n 
A 1 13  PRO 13  39  39  PRO PRO A . n 
A 1 14  MET 14  40  40  MET MET A . n 
A 1 15  ASP 15  41  41  ASP ASP A . n 
A 1 16  ILE 16  42  42  ILE ILE A . n 
A 1 17  THR 17  43  43  THR THR A . n 
A 1 18  ASP 18  44  44  ASP ASP A . n 
A 1 19  LYS 19  45  45  LYS LYS A . n 
A 1 20  ASN 20  46  46  ASN ASN A . n 
A 1 21  PHE 21  47  47  PHE PHE A . n 
A 1 22  PHE 22  48  48  PHE PHE A . n 
A 1 23  PRO 23  49  49  PRO PRO A . n 
A 1 24  CYS 24  50  50  CYS CYS A . n 
A 1 25  PRO 25  51  51  PRO PRO A . n 
A 1 26  CYS 26  52  52  CYS CYS A . n 
A 1 27  GLY 27  53  53  GLY GLY A . n 
A 1 28  TYR 28  54  54  TYR TYR A . n 
A 1 29  GLN 29  55  55  GLN GLN A . n 
A 1 30  ILE 30  56  56  ILE ILE A . n 
A 1 31  CYS 31  57  57  CYS CYS A . n 
A 1 32  GLN 32  58  58  GLN GLN A . n 
A 1 33  PHE 33  59  59  PHE PHE A . n 
A 1 34  CYS 34  60  60  CYS CYS A . n 
A 1 35  TYR 35  61  61  TYR TYR A . n 
A 1 36  ASN 36  62  62  ASN ASN A . n 
A 1 37  ASN 37  63  63  ASN ASN A . n 
A 1 38  ILE 38  64  64  ILE ILE A . n 
A 1 39  ARG 39  65  65  ARG ARG A . n 
A 1 40  GLN 40  66  66  GLN GLN A . n 
A 1 41  ASN 41  67  67  ASN ASN A . n 
A 1 42  PRO 42  68  68  PRO PRO A . n 
A 1 43  GLU 43  69  69  GLU GLU A . n 
A 1 44  LEU 44  70  70  LEU LEU A . n 
A 1 45  ASN 45  71  71  ASN ASN A . n 
A 1 46  GLY 46  72  72  GLY GLY A . n 
A 1 47  ARG 47  73  73  ARG ARG A . n 
A 1 48  CYS 48  74  74  CYS CYS A . n 
A 1 49  PRO 49  75  75  PRO PRO A . n 
A 1 50  ALA 50  76  76  ALA ALA A . n 
A 1 51  CYS 51  77  77  CYS CYS A . n 
A 1 52  ARG 52  78  78  ARG ARG A . n 
A 1 53  ARG 53  79  79  ARG ARG A . n 
A 1 54  LYS 54  80  80  LYS LYS A . n 
A 1 55  TYR 55  81  81  TYR TYR A . n 
A 1 56  ASP 56  82  82  ASP ASP A . n 
A 1 57  ASP 57  83  ?   ?   ?   A . n 
B 2 1   THR 1   -9  ?   ?   ?   B . n 
B 2 2   GLY 2   -8  ?   ?   ?   B . n 
B 2 3   SER 3   -7  ?   ?   ?   B . n 
B 2 4   THR 4   -6  ?   ?   ?   B . n 
B 2 5   GLY 5   -5  ?   ?   ?   B . n 
B 2 6   SER 6   -4  ?   ?   ?   B . n 
B 2 7   THR 7   -3  ?   ?   ?   B . n 
B 2 8   GLU 8   -2  ?   ?   ?   B . n 
B 2 9   THR 9   -1  -1  THR THR B . n 
B 2 10  GLY 10  0   0   GLY GLY B . n 
B 2 11  MET 11  1   1   MET MET B . n 
B 2 12  SER 12  2   2   SER SER B . n 
B 2 13  SER 13  3   3   SER SER B . n 
B 2 14  SER 14  4   4   SER SER B . n 
B 2 15  LYS 15  5   5   LYS LYS B . n 
B 2 16  ARG 16  6   6   ARG ARG B . n 
B 2 17  ILE 17  7   7   ILE ILE B . n 
B 2 18  ALA 18  8   8   ALA ALA B . n 
B 2 19  LYS 19  9   9   LYS LYS B . n 
B 2 20  GLU 20  10  10  GLU GLU B . n 
B 2 21  LEU 21  11  11  LEU LEU B . n 
B 2 22  SER 22  12  12  SER SER B . n 
B 2 23  ASP 23  13  13  ASP ASP B . n 
B 2 24  LEU 24  14  14  LEU LEU B . n 
B 2 25  GLU 25  15  15  GLU GLU B . n 
B 2 26  ARG 26  16  16  ARG ARG B . n 
B 2 27  ASP 27  17  17  ASP ASP B . n 
B 2 28  PRO 28  18  18  PRO PRO B . n 
B 2 29  PRO 29  19  19  PRO PRO B . n 
B 2 30  THR 30  20  20  THR THR B . n 
B 2 31  SER 31  21  21  SER SER B . n 
B 2 32  CYS 32  22  22  CYS CYS B . n 
B 2 33  SER 33  23  23  SER SER B . n 
B 2 34  ALA 34  24  24  ALA ALA B . n 
B 2 35  GLY 35  25  25  GLY GLY B . n 
B 2 36  PRO 36  26  26  PRO PRO B . n 
B 2 37  VAL 37  27  27  VAL VAL B . n 
B 2 38  GLY 38  28  28  GLY GLY B . n 
B 2 39  ASP 39  29  29  ASP ASP B . n 
B 2 40  ASP 40  30  30  ASP ASP B . n 
B 2 41  LEU 41  31  31  LEU LEU B . n 
B 2 42  TYR 42  32  32  TYR TYR B . n 
B 2 43  HIS 43  33  33  HIS HIS B . n 
B 2 44  TRP 44  34  34  TRP TRP B . n 
B 2 45  GLN 45  35  35  GLN GLN B . n 
B 2 46  ALA 46  36  36  ALA ALA B . n 
B 2 47  SER 47  37  37  SER SER B . n 
B 2 48  ILE 48  38  38  ILE ILE B . n 
B 2 49  MET 49  39  39  MET MET B . n 
B 2 50  GLY 50  40  40  GLY GLY B . n 
B 2 51  PRO 51  41  41  PRO PRO B . n 
B 2 52  ALA 52  42  42  ALA ALA B . n 
B 2 53  ASP 53  43  43  ASP ASP B . n 
B 2 54  SER 54  44  44  SER SER B . n 
B 2 55  PRO 55  45  45  PRO PRO B . n 
B 2 56  TYR 56  46  46  TYR TYR B . n 
B 2 57  ALA 57  47  47  ALA ALA B . n 
B 2 58  GLY 58  48  48  GLY GLY B . n 
B 2 59  GLY 59  49  49  GLY GLY B . n 
B 2 60  VAL 60  50  50  VAL VAL B . n 
B 2 61  PHE 61  51  51  PHE PHE B . n 
B 2 62  PHE 62  52  52  PHE PHE B . n 
B 2 63  LEU 63  53  53  LEU LEU B . n 
B 2 64  SER 64  54  54  SER SER B . n 
B 2 65  ILE 65  55  55  ILE ILE B . n 
B 2 66  HIS 66  56  56  HIS HIS B . n 
B 2 67  PHE 67  57  57  PHE PHE B . n 
B 2 68  PRO 68  58  58  PRO PRO B . n 
B 2 69  THR 69  59  59  THR THR B . n 
B 2 70  ASP 70  60  60  ASP ASP B . n 
B 2 71  TYR 71  61  61  TYR TYR B . n 
B 2 72  PRO 72  62  62  PRO PRO B . n 
B 2 73  PHE 73  63  63  PHE PHE B . n 
B 2 74  LYS 74  64  64  LYS LYS B . n 
B 2 75  PRO 75  65  65  PRO PRO B . n 
B 2 76  PRO 76  66  66  PRO PRO B . n 
B 2 77  LYS 77  67  67  LYS LYS B . n 
B 2 78  ILE 78  68  68  ILE ILE B . n 
B 2 79  SER 79  69  69  SER SER B . n 
B 2 80  PHE 80  70  70  PHE PHE B . n 
B 2 81  THR 81  71  71  THR THR B . n 
B 2 82  THR 82  72  72  THR THR B . n 
B 2 83  LYS 83  73  73  LYS LYS B . n 
B 2 84  ILE 84  74  74  ILE ILE B . n 
B 2 85  TYR 85  75  75  TYR TYR B . n 
B 2 86  HIS 86  76  76  HIS HIS B . n 
B 2 87  PRO 87  77  77  PRO PRO B . n 
B 2 88  ASN 88  78  78  ASN ASN B . n 
B 2 89  ILE 89  79  79  ILE ILE B . n 
B 2 90  ASN 90  80  80  ASN ASN B . n 
B 2 91  ALA 91  81  81  ALA ALA B . n 
B 2 92  ASN 92  82  82  ASN ASN B . n 
B 2 93  GLY 93  83  83  GLY GLY B . n 
B 2 94  ASN 94  84  84  ASN ASN B . n 
B 2 95  ILE 95  85  85  ILE ILE B . n 
B 2 96  CYS 96  86  86  CYS CYS B . n 
B 2 97  LEU 97  87  87  LEU LEU B . n 
B 2 98  ASP 98  88  88  ASP ASP B . n 
B 2 99  ILE 99  89  89  ILE ILE B . n 
B 2 100 LEU 100 90  90  LEU LEU B . n 
B 2 101 LYS 101 91  91  LYS LYS B . n 
B 2 102 ASP 102 92  92  ASP ASP B . n 
B 2 103 GLN 103 93  93  GLN GLN B . n 
B 2 104 TRP 104 94  94  TRP TRP B . n 
B 2 105 SER 105 95  95  SER SER B . n 
B 2 106 PRO 106 96  96  PRO PRO B . n 
B 2 107 ALA 107 97  97  ALA ALA B . n 
B 2 108 LEU 108 98  98  LEU LEU B . n 
B 2 109 THR 109 99  99  THR THR B . n 
B 2 110 LEU 110 100 100 LEU LEU B . n 
B 2 111 SER 111 101 101 SER SER B . n 
B 2 112 LYS 112 102 102 LYS LYS B . n 
B 2 113 VAL 113 103 103 VAL VAL B . n 
B 2 114 LEU 114 104 104 LEU LEU B . n 
B 2 115 LEU 115 105 105 LEU LEU B . n 
B 2 116 SER 116 106 106 SER SER B . n 
B 2 117 ILE 117 107 107 ILE ILE B . n 
B 2 118 CYS 118 108 108 CYS CYS B . n 
B 2 119 SER 119 109 109 SER SER B . n 
B 2 120 LEU 120 110 110 LEU LEU B . n 
B 2 121 LEU 121 111 111 LEU LEU B . n 
B 2 122 THR 122 112 112 THR THR B . n 
B 2 123 ASP 123 113 113 ASP ASP B . n 
B 2 124 ALA 124 114 114 ALA ALA B . n 
B 2 125 ASN 125 115 115 ASN ASN B . n 
B 2 126 PRO 126 116 116 PRO PRO B . n 
B 2 127 ASP 127 117 117 ASP ASP B . n 
B 2 128 ASP 128 118 118 ASP ASP B . n 
B 2 129 PRO 129 119 119 PRO PRO B . n 
B 2 130 LEU 130 120 120 LEU LEU B . n 
B 2 131 VAL 131 121 121 VAL VAL B . n 
B 2 132 PRO 132 122 122 PRO PRO B . n 
B 2 133 GLU 133 123 123 GLU GLU B . n 
B 2 134 ILE 134 124 124 ILE ILE B . n 
B 2 135 ALA 135 125 125 ALA ALA B . n 
B 2 136 HIS 136 126 126 HIS HIS B . n 
B 2 137 ILE 137 127 127 ILE ILE B . n 
B 2 138 TYR 138 128 128 TYR TYR B . n 
B 2 139 LYS 139 129 129 LYS LYS B . n 
B 2 140 THR 140 130 130 THR THR B . n 
B 2 141 ASP 141 131 131 ASP ASP B . n 
B 2 142 ARG 142 132 132 ARG ARG B . n 
B 2 143 PRO 143 133 133 PRO PRO B . n 
B 2 144 LYS 144 134 134 LYS LYS B . n 
B 2 145 TYR 145 135 135 TYR TYR B . n 
B 2 146 GLU 146 136 136 GLU GLU B . n 
B 2 147 ALA 147 137 137 ALA ALA B . n 
B 2 148 THR 148 138 138 THR THR B . n 
B 2 149 ALA 149 139 139 ALA ALA B . n 
B 2 150 ARG 150 140 140 ARG ARG B . n 
B 2 151 GLU 151 141 141 GLU GLU B . n 
B 2 152 TRP 152 142 142 TRP TRP B . n 
B 2 153 THR 153 143 143 THR THR B . n 
B 2 154 LYS 154 144 144 LYS LYS B . n 
B 2 155 LYS 155 145 145 LYS LYS B . n 
B 2 156 TYR 156 146 146 TYR TYR B . n 
B 2 157 ALA 157 147 147 ALA ALA B . n 
B 2 158 VAL 158 148 148 VAL VAL B . n 
# 
loop_
_pdbx_nonpoly_scheme.asym_id 
_pdbx_nonpoly_scheme.entity_id 
_pdbx_nonpoly_scheme.mon_id 
_pdbx_nonpoly_scheme.ndb_seq_num 
_pdbx_nonpoly_scheme.pdb_seq_num 
_pdbx_nonpoly_scheme.auth_seq_num 
_pdbx_nonpoly_scheme.pdb_mon_id 
_pdbx_nonpoly_scheme.auth_mon_id 
_pdbx_nonpoly_scheme.pdb_strand_id 
_pdbx_nonpoly_scheme.pdb_ins_code 
C 3 ZN 1 1083 1083 ZN ZN A . 
D 3 ZN 1 1084 1084 ZN ZN A . 
# 
loop_
_pdbx_unobs_or_zero_occ_atoms.id 
_pdbx_unobs_or_zero_occ_atoms.PDB_model_num 
_pdbx_unobs_or_zero_occ_atoms.polymer_flag 
_pdbx_unobs_or_zero_occ_atoms.occupancy_flag 
_pdbx_unobs_or_zero_occ_atoms.auth_asym_id 
_pdbx_unobs_or_zero_occ_atoms.auth_comp_id 
_pdbx_unobs_or_zero_occ_atoms.auth_seq_id 
_pdbx_unobs_or_zero_occ_atoms.PDB_ins_code 
_pdbx_unobs_or_zero_occ_atoms.auth_atom_id 
_pdbx_unobs_or_zero_occ_atoms.label_alt_id 
_pdbx_unobs_or_zero_occ_atoms.label_asym_id 
_pdbx_unobs_or_zero_occ_atoms.label_comp_id 
_pdbx_unobs_or_zero_occ_atoms.label_seq_id 
_pdbx_unobs_or_zero_occ_atoms.label_atom_id 
1  1 Y 1 A MET 29  ? CG  ? A MET 3   CG  
2  1 Y 1 A MET 29  ? SD  ? A MET 3   SD  
3  1 Y 1 A MET 29  ? CE  ? A MET 3   CE  
4  1 Y 1 A GLU 30  ? CG  ? A GLU 4   CG  
5  1 Y 1 A GLU 30  ? CD  ? A GLU 4   CD  
6  1 Y 1 A GLU 30  ? OE1 ? A GLU 4   OE1 
7  1 Y 1 A GLU 30  ? OE2 ? A GLU 4   OE2 
8  1 Y 1 A ASP 31  ? CG  ? A ASP 5   CG  
9  1 Y 1 A ASP 31  ? OD1 ? A ASP 5   OD1 
10 1 Y 1 A ASP 31  ? OD2 ? A ASP 5   OD2 
11 1 Y 1 A THR 43  ? OG1 ? A THR 17  OG1 
12 1 Y 1 A THR 43  ? CG2 ? A THR 17  CG2 
13 1 Y 1 A GLN 58  ? CG  ? A GLN 32  CG  
14 1 Y 1 A GLN 58  ? CD  ? A GLN 32  CD  
15 1 Y 1 A GLN 58  ? OE1 ? A GLN 32  OE1 
16 1 Y 1 A GLN 58  ? NE2 ? A GLN 32  NE2 
17 1 Y 1 A ILE 64  ? CG1 ? A ILE 38  CG1 
18 1 Y 1 A ILE 64  ? CG2 ? A ILE 38  CG2 
19 1 Y 1 A ILE 64  ? CD1 ? A ILE 38  CD1 
20 1 Y 1 A LYS 80  ? CG  ? A LYS 54  CG  
21 1 Y 1 A LYS 80  ? CD  ? A LYS 54  CD  
22 1 Y 1 A LYS 80  ? CE  ? A LYS 54  CE  
23 1 Y 1 A LYS 80  ? NZ  ? A LYS 54  NZ  
24 1 Y 1 B ARG 16  ? CG  ? B ARG 26  CG  
25 1 Y 1 B ARG 16  ? CD  ? B ARG 26  CD  
26 1 Y 1 B ARG 16  ? NE  ? B ARG 26  NE  
27 1 Y 1 B ARG 16  ? CZ  ? B ARG 26  CZ  
28 1 Y 1 B ARG 16  ? NH1 ? B ARG 26  NH1 
29 1 Y 1 B ARG 16  ? NH2 ? B ARG 26  NH2 
30 1 Y 1 B LYS 67  ? CG  ? B LYS 77  CG  
31 1 Y 1 B LYS 67  ? CD  ? B LYS 77  CD  
32 1 Y 1 B LYS 67  ? CE  ? B LYS 77  CE  
33 1 Y 1 B LYS 67  ? NZ  ? B LYS 77  NZ  
34 1 Y 1 B LYS 73  ? CG  ? B LYS 83  CG  
35 1 Y 1 B LYS 73  ? CD  ? B LYS 83  CD  
36 1 Y 1 B LYS 73  ? CE  ? B LYS 83  CE  
37 1 Y 1 B LYS 73  ? NZ  ? B LYS 83  NZ  
38 1 Y 1 B LYS 144 ? CG  ? B LYS 154 CG  
39 1 Y 1 B LYS 144 ? CD  ? B LYS 154 CD  
40 1 Y 1 B LYS 144 ? CE  ? B LYS 154 CE  
41 1 Y 1 B LYS 144 ? NZ  ? B LYS 154 NZ  
# 
loop_
_software.name 
_software.classification 
_software.version 
_software.citation_id 
_software.pdbx_ordinal 
PHENIX refinement       '(PHENIX.REFINE)' ? 1 
XDS    'data reduction' .                 ? 2 
XDS    'data scaling'   .                 ? 3 
PHASER phasing          .                 ? 4 
# 
_cell.entry_id           5AIE 
_cell.length_a           107.112 
_cell.length_b           107.112 
_cell.length_c           62.203 
_cell.angle_alpha        90.00 
_cell.angle_beta         90.00 
_cell.angle_gamma        120.00 
_cell.Z_PDB              9 
_cell.pdbx_unique_axis   ? 
# 
_symmetry.entry_id                         5AIE 
_symmetry.space_group_name_H-M             'H 3' 
_symmetry.pdbx_full_space_group_name_H-M   ? 
_symmetry.cell_setting                     ? 
_symmetry.Int_Tables_number                146 
# 
_exptl.entry_id          5AIE 
_exptl.method            'X-RAY DIFFRACTION' 
_exptl.crystals_number   1 
# 
_exptl_crystal.id                    1 
_exptl_crystal.density_meas          ? 
_exptl_crystal.density_Matthews      2.85 
_exptl_crystal.density_percent_sol   56.86 
_exptl_crystal.description           NONE 
# 
_exptl_crystal_grow.crystal_id      1 
_exptl_crystal_grow.method          ? 
_exptl_crystal_grow.temp            ? 
_exptl_crystal_grow.temp_details    ? 
_exptl_crystal_grow.pH              8.5 
_exptl_crystal_grow.pdbx_pH_range   ? 
_exptl_crystal_grow.pdbx_details    
;10% (W/V) PEG 8000, 0.02 M OF L-NA-GLUTAMATE, 0.02 M OF ALANINE (RACEMIC), 0.02 M OF GLYCINE, 0.02 M OF LYSINE HCL (RACEMIC), 0.02 M OF SERINE (RACEMIC), 0.1 M BICINE PH 8.5 AND 20% (W/V) ETHYLENE GLYCOL AS CRYSTALLIZATION BUFFER AT ROOM TEMPERATURE.
;
# 
_diffrn.id                     1 
_diffrn.ambient_temp           100 
_diffrn.ambient_temp_details   ? 
_diffrn.crystal_id             1 
# 
_diffrn_detector.diffrn_id              1 
_diffrn_detector.detector               PIXEL 
_diffrn_detector.type                   'DECTRIS PILATUS 2M' 
_diffrn_detector.pdbx_collection_date   2014-09-10 
_diffrn_detector.details                ? 
# 
_diffrn_radiation.diffrn_id                        1 
_diffrn_radiation.wavelength_id                    1 
_diffrn_radiation.pdbx_monochromatic_or_laue_m_l   M 
_diffrn_radiation.monochromator                    MONOCHROMATOR 
_diffrn_radiation.pdbx_diffrn_protocol             'SINGLE WAVELENGTH' 
_diffrn_radiation.pdbx_scattering_type             x-ray 
# 
_diffrn_radiation_wavelength.id           1 
_diffrn_radiation_wavelength.wavelength   0.99995 
_diffrn_radiation_wavelength.wt           1.0 
# 
_diffrn_source.diffrn_id                   1 
_diffrn_source.source                      SYNCHROTRON 
_diffrn_source.type                        'SLS BEAMLINE X06DA' 
_diffrn_source.pdbx_synchrotron_site       SLS 
_diffrn_source.pdbx_synchrotron_beamline   X06DA 
_diffrn_source.pdbx_wavelength             0.99995 
_diffrn_source.pdbx_wavelength_list        ? 
# 
_reflns.pdbx_diffrn_id               1 
_reflns.pdbx_ordinal                 1 
_reflns.entry_id                     5AIE 
_reflns.observed_criterion_sigma_I   2.0 
_reflns.observed_criterion_sigma_F   ? 
_reflns.d_resolution_low             53.56 
_reflns.d_resolution_high            2.80 
_reflns.number_obs                   6541 
_reflns.number_all                   ? 
_reflns.percent_possible_obs         99.4 
_reflns.pdbx_Rmerge_I_obs            0.06 
_reflns.pdbx_Rsym_value              ? 
_reflns.pdbx_netI_over_sigmaI        29.35 
_reflns.B_iso_Wilson_estimate        ? 
_reflns.pdbx_redundancy              10.3 
# 
_reflns_shell.pdbx_diffrn_id         1 
_reflns_shell.pdbx_ordinal           1 
_reflns_shell.d_res_high             2.80 
_reflns_shell.d_res_low              2.90 
_reflns_shell.percent_possible_all   95.2 
_reflns_shell.Rmerge_I_obs           0.97 
_reflns_shell.pdbx_Rsym_value        ? 
_reflns_shell.meanI_over_sigI_obs    2.10 
_reflns_shell.pdbx_redundancy        10.0 
# 
_refine.pdbx_refine_id                           'X-RAY DIFFRACTION' 
_refine.entry_id                                 5AIE 
_refine.pdbx_diffrn_id                           1 
_refine.pdbx_TLS_residual_ADP_flag               ? 
_refine.ls_number_reflns_obs                     6505 
_refine.ls_number_reflns_all                     ? 
_refine.pdbx_ls_sigma_I                          ? 
_refine.pdbx_ls_sigma_F                          1.47 
_refine.pdbx_data_cutoff_high_absF               ? 
_refine.pdbx_data_cutoff_low_absF                ? 
_refine.pdbx_data_cutoff_high_rms_absF           ? 
_refine.ls_d_res_low                             53.556 
_refine.ls_d_res_high                            2.80 
_refine.ls_percent_reflns_obs                    98.59 
_refine.ls_R_factor_obs                          0.2246 
_refine.ls_R_factor_all                          ? 
_refine.ls_R_factor_R_work                       0.2200 
_refine.ls_R_factor_R_free                       0.2706 
_refine.ls_R_factor_R_free_error                 ? 
_refine.ls_R_factor_R_free_error_details         ? 
_refine.ls_percent_reflns_R_free                 9.2 
_refine.ls_number_reflns_R_free                  1200 
_refine.ls_number_parameters                     ? 
_refine.ls_number_restraints                     ? 
_refine.occupancy_min                            ? 
_refine.occupancy_max                            ? 
_refine.correlation_coeff_Fo_to_Fc               ? 
_refine.correlation_coeff_Fo_to_Fc_free          ? 
_refine.B_iso_mean                               87.23 
_refine.aniso_B[1][1]                            ? 
_refine.aniso_B[2][2]                            ? 
_refine.aniso_B[3][3]                            ? 
_refine.aniso_B[1][2]                            ? 
_refine.aniso_B[1][3]                            ? 
_refine.aniso_B[2][3]                            ? 
_refine.solvent_model_details                    'FLAT BULK SOLVENT MODEL' 
_refine.solvent_model_param_ksol                 ? 
_refine.solvent_model_param_bsol                 ? 
_refine.pdbx_solvent_vdw_probe_radii             1.11 
_refine.pdbx_solvent_ion_probe_radii             ? 
_refine.pdbx_solvent_shrinkage_radii             0.90 
_refine.pdbx_ls_cross_valid_method               ? 
_refine.details                                  ? 
_refine.pdbx_starting_model                      ? 
_refine.pdbx_method_to_determine_struct          'MOLECULAR REPLACEMENT' 
_refine.pdbx_isotropic_thermal_model             ? 
_refine.pdbx_stereochemistry_target_values       ML 
_refine.pdbx_stereochem_target_val_spec_case     ? 
_refine.pdbx_R_Free_selection_details            ? 
_refine.pdbx_overall_ESU_R                       ? 
_refine.pdbx_overall_ESU_R_Free                  ? 
_refine.overall_SU_ML                            0.45 
_refine.pdbx_overall_phase_error                 38.34 
_refine.overall_SU_B                             ? 
_refine.overall_SU_R_Cruickshank_DPI             ? 
_refine.pdbx_overall_SU_R_free_Cruickshank_DPI   ? 
_refine.pdbx_overall_SU_R_Blow_DPI               ? 
_refine.pdbx_overall_SU_R_free_Blow_DPI          ? 
# 
_refine_hist.pdbx_refine_id                   'X-RAY DIFFRACTION' 
_refine_hist.cycle_id                         LAST 
_refine_hist.pdbx_number_atoms_protein        1573 
_refine_hist.pdbx_number_atoms_nucleic_acid   0 
_refine_hist.pdbx_number_atoms_ligand         2 
_refine_hist.number_atoms_solvent             0 
_refine_hist.number_atoms_total               1575 
_refine_hist.d_res_high                       2.80 
_refine_hist.d_res_low                        53.556 
# 
loop_
_refine_ls_restr.type 
_refine_ls_restr.dev_ideal 
_refine_ls_restr.dev_ideal_target 
_refine_ls_restr.weight 
_refine_ls_restr.number 
_refine_ls_restr.pdbx_refine_id 
_refine_ls_restr.pdbx_restraint_function 
f_bond_d           0.002  ? ? 1621 'X-RAY DIFFRACTION' ? 
f_angle_d          0.525  ? ? 2217 'X-RAY DIFFRACTION' ? 
f_dihedral_angle_d 10.503 ? ? 589  'X-RAY DIFFRACTION' ? 
f_chiral_restr     0.023  ? ? 239  'X-RAY DIFFRACTION' ? 
f_plane_restr      0.004  ? ? 292  'X-RAY DIFFRACTION' ? 
# 
loop_
_refine_ls_shell.pdbx_refine_id 
_refine_ls_shell.pdbx_total_number_of_bins_used 
_refine_ls_shell.d_res_high 
_refine_ls_shell.d_res_low 
_refine_ls_shell.number_reflns_R_work 
_refine_ls_shell.R_factor_R_work 
_refine_ls_shell.percent_reflns_obs 
_refine_ls_shell.R_factor_R_free 
_refine_ls_shell.R_factor_R_free_error 
_refine_ls_shell.percent_reflns_R_free 
_refine_ls_shell.number_reflns_R_free 
_refine_ls_shell.number_reflns_all 
_refine_ls_shell.R_factor_all 
'X-RAY DIFFRACTION' . 2.7969 2.9089  1223 0.4193 94.00  0.4470 . . 128 . . 
'X-RAY DIFFRACTION' . 2.9089 3.0413  1316 0.3326 98.00  0.3679 . . 124 . . 
'X-RAY DIFFRACTION' . 3.0413 3.2016  1295 0.3115 100.00 0.4051 . . 133 . . 
'X-RAY DIFFRACTION' . 3.2016 3.4021  1334 0.2973 99.00  0.3026 . . 131 . . 
'X-RAY DIFFRACTION' . 3.4021 3.6648  1339 0.2704 98.00  0.2747 . . 140 . . 
'X-RAY DIFFRACTION' . 3.6648 4.0335  1282 0.2500 99.00  0.3055 . . 139 . . 
'X-RAY DIFFRACTION' . 4.0335 4.6168  1314 0.2037 100.00 0.3186 . . 158 . . 
'X-RAY DIFFRACTION' . 4.6168 5.8156  1328 0.2111 100.00 0.2419 . . 122 . . 
'X-RAY DIFFRACTION' . 5.8156 53.5658 1345 0.1604 100.00 0.1978 . . 125 . . 
# 
_struct.entry_id                  5AIE 
_struct.title                     'Not4 ring domain in complex with Ubc4' 
_struct.pdbx_model_details        ? 
_struct.pdbx_CASP_flag            ? 
_struct.pdbx_model_type_details   ? 
# 
_struct_keywords.entry_id        5AIE 
_struct_keywords.pdbx_keywords   LIGASE 
_struct_keywords.text            'LIGASE, SIGNALING PROTEIN, NOT4 RING DOMAIN, UBC4, E2-E3 LIGASE' 
# 
loop_
_struct_asym.id 
_struct_asym.pdbx_blank_PDB_chainid_flag 
_struct_asym.pdbx_modified 
_struct_asym.entity_id 
_struct_asym.details 
A N N 1 ? 
B N N 2 ? 
C N N 3 ? 
D N N 3 ? 
# 
loop_
_struct_ref.id 
_struct_ref.db_name 
_struct_ref.db_code 
_struct_ref.entity_id 
_struct_ref.pdbx_seq_one_letter_code 
_struct_ref.pdbx_align_begin 
_struct_ref.pdbx_db_accession 
_struct_ref.pdbx_db_isoform 
1 UNP NOT4_YEAST 1 ? ? P34909 ? 
2 UNP UBC4_YEAST 2 ? ? P15731 ? 
# 
loop_
_struct_ref_seq.align_id 
_struct_ref_seq.ref_id 
_struct_ref_seq.pdbx_PDB_id_code 
_struct_ref_seq.pdbx_strand_id 
_struct_ref_seq.seq_align_beg 
_struct_ref_seq.pdbx_seq_align_beg_ins_code 
_struct_ref_seq.seq_align_end 
_struct_ref_seq.pdbx_seq_align_end_ins_code 
_struct_ref_seq.pdbx_db_accession 
_struct_ref_seq.db_align_beg 
_struct_ref_seq.pdbx_db_align_beg_ins_code 
_struct_ref_seq.db_align_end 
_struct_ref_seq.pdbx_db_align_end_ins_code 
_struct_ref_seq.pdbx_auth_seq_align_beg 
_struct_ref_seq.pdbx_auth_seq_align_end 
1 1 5AIE A 4  ? 57  ? P34909 30 ? 83  ? 30 83  
2 2 5AIE B 11 ? 158 ? P15731 1  ? 148 ? 1  148 
# 
loop_
_struct_ref_seq_dif.align_id 
_struct_ref_seq_dif.pdbx_pdb_id_code 
_struct_ref_seq_dif.mon_id 
_struct_ref_seq_dif.pdbx_pdb_strand_id 
_struct_ref_seq_dif.seq_num 
_struct_ref_seq_dif.pdbx_pdb_ins_code 
_struct_ref_seq_dif.pdbx_seq_db_name 
_struct_ref_seq_dif.pdbx_seq_db_accession_code 
_struct_ref_seq_dif.db_mon_id 
_struct_ref_seq_dif.pdbx_seq_db_seq_num 
_struct_ref_seq_dif.details 
_struct_ref_seq_dif.pdbx_auth_seq_num 
_struct_ref_seq_dif.pdbx_ordinal 
1 5AIE ARG A 1  ? UNP P34909 ? ? 'expression tag' 27 1  
1 5AIE SER A 2  ? UNP P34909 ? ? 'expression tag' 28 2  
1 5AIE MET A 3  ? UNP P34909 ? ? 'expression tag' 29 3  
2 5AIE THR B 1  ? UNP P15731 ? ? 'expression tag' -9 4  
2 5AIE GLY B 2  ? UNP P15731 ? ? 'expression tag' -8 5  
2 5AIE SER B 3  ? UNP P15731 ? ? 'expression tag' -7 6  
2 5AIE THR B 4  ? UNP P15731 ? ? 'expression tag' -6 7  
2 5AIE GLY B 5  ? UNP P15731 ? ? 'expression tag' -5 8  
2 5AIE SER B 6  ? UNP P15731 ? ? 'expression tag' -4 9  
2 5AIE THR B 7  ? UNP P15731 ? ? 'expression tag' -3 10 
2 5AIE GLU B 8  ? UNP P15731 ? ? 'expression tag' -2 11 
2 5AIE THR B 9  ? UNP P15731 ? ? 'expression tag' -1 12 
2 5AIE GLY B 10 ? UNP P15731 ? ? 'expression tag' 0  13 
# 
_pdbx_struct_assembly.id                   1 
_pdbx_struct_assembly.details              author_and_software_defined_assembly 
_pdbx_struct_assembly.method_details       PISA 
_pdbx_struct_assembly.oligomeric_details   dimeric 
_pdbx_struct_assembly.oligomeric_count     2 
# 
_pdbx_struct_assembly_gen.assembly_id       1 
_pdbx_struct_assembly_gen.oper_expression   1 
_pdbx_struct_assembly_gen.asym_id_list      A,B,C,D 
# 
_pdbx_struct_oper_list.id                   1 
_pdbx_struct_oper_list.type                 'identity operation' 
_pdbx_struct_oper_list.name                 1_555 
_pdbx_struct_oper_list.symmetry_operation   x,y,z 
_pdbx_struct_oper_list.matrix[1][1]         1.0000000000 
_pdbx_struct_oper_list.matrix[1][2]         0.0000000000 
_pdbx_struct_oper_list.matrix[1][3]         0.0000000000 
_pdbx_struct_oper_list.vector[1]            0.0000000000 
_pdbx_struct_oper_list.matrix[2][1]         0.0000000000 
_pdbx_struct_oper_list.matrix[2][2]         1.0000000000 
_pdbx_struct_oper_list.matrix[2][3]         0.0000000000 
_pdbx_struct_oper_list.vector[2]            0.0000000000 
_pdbx_struct_oper_list.matrix[3][1]         0.0000000000 
_pdbx_struct_oper_list.matrix[3][2]         0.0000000000 
_pdbx_struct_oper_list.matrix[3][3]         1.0000000000 
_pdbx_struct_oper_list.vector[3]            0.0000000000 
# 
_struct_biol.id   1 
# 
loop_
_struct_conf.conf_type_id 
_struct_conf.id 
_struct_conf.pdbx_PDB_helix_id 
_struct_conf.beg_label_comp_id 
_struct_conf.beg_label_asym_id 
_struct_conf.beg_label_seq_id 
_struct_conf.pdbx_beg_PDB_ins_code 
_struct_conf.end_label_comp_id 
_struct_conf.end_label_asym_id 
_struct_conf.end_label_seq_id 
_struct_conf.pdbx_end_PDB_ins_code 
_struct_conf.beg_auth_comp_id 
_struct_conf.beg_auth_asym_id 
_struct_conf.beg_auth_seq_id 
_struct_conf.end_auth_comp_id 
_struct_conf.end_auth_asym_id 
_struct_conf.end_auth_seq_id 
_struct_conf.pdbx_PDB_helix_class 
_struct_conf.details 
_struct_conf.pdbx_PDB_helix_length 
HELX_P HELX_P1 1 ILE A 16  ? ASN A 20  ? ILE A 42  ASN A 46  1 ? 5  
HELX_P HELX_P2 2 GLN A 32  ? GLN A 40  ? GLN A 58  GLN A 66  1 ? 9  
HELX_P HELX_P3 3 SER B 12  ? ARG B 26  ? SER B 2   ARG B 16  1 ? 15 
HELX_P HELX_P4 4 LEU B 110 ? THR B 122 ? LEU B 100 THR B 112 1 ? 13 
HELX_P HELX_P5 5 PRO B 132 ? THR B 140 ? PRO B 122 THR B 130 1 ? 9  
HELX_P HELX_P6 6 ARG B 142 ? ALA B 157 ? ARG B 132 ALA B 147 1 ? 16 
# 
_struct_conf_type.id          HELX_P 
_struct_conf_type.criteria    ? 
_struct_conf_type.reference   ? 
# 
loop_
_struct_conn.id 
_struct_conn.conn_type_id 
_struct_conn.pdbx_leaving_atom_flag 
_struct_conn.pdbx_PDB_id 
_struct_conn.ptnr1_label_asym_id 
_struct_conn.ptnr1_label_comp_id 
_struct_conn.ptnr1_label_seq_id 
_struct_conn.ptnr1_label_atom_id 
_struct_conn.pdbx_ptnr1_label_alt_id 
_struct_conn.pdbx_ptnr1_PDB_ins_code 
_struct_conn.pdbx_ptnr1_standard_comp_id 
_struct_conn.ptnr1_symmetry 
_struct_conn.ptnr2_label_asym_id 
_struct_conn.ptnr2_label_comp_id 
_struct_conn.ptnr2_label_seq_id 
_struct_conn.ptnr2_label_atom_id 
_struct_conn.pdbx_ptnr2_label_alt_id 
_struct_conn.pdbx_ptnr2_PDB_ins_code 
_struct_conn.ptnr1_auth_asym_id 
_struct_conn.ptnr1_auth_comp_id 
_struct_conn.ptnr1_auth_seq_id 
_struct_conn.ptnr2_auth_asym_id 
_struct_conn.ptnr2_auth_comp_id 
_struct_conn.ptnr2_auth_seq_id 
_struct_conn.ptnr2_symmetry 
_struct_conn.pdbx_ptnr3_label_atom_id 
_struct_conn.pdbx_ptnr3_label_seq_id 
_struct_conn.pdbx_ptnr3_label_comp_id 
_struct_conn.pdbx_ptnr3_label_asym_id 
_struct_conn.pdbx_ptnr3_label_alt_id 
_struct_conn.pdbx_ptnr3_PDB_ins_code 
_struct_conn.details 
_struct_conn.pdbx_dist_value 
_struct_conn.pdbx_value_order 
_struct_conn.pdbx_role 
metalc1 metalc ? ? A CYS 7  SG ? ? ? 1_555 C ZN . ZN ? ? A CYS 33 A ZN 1083 1_555 ? ? ? ? ? ? ? 2.703 ? ? 
metalc2 metalc ? ? A CYS 10 SG ? ? ? 1_555 C ZN . ZN ? ? A CYS 36 A ZN 1083 1_555 ? ? ? ? ? ? ? 2.384 ? ? 
metalc3 metalc ? ? A CYS 24 SG ? ? ? 1_555 D ZN . ZN ? ? A CYS 50 A ZN 1084 1_555 ? ? ? ? ? ? ? 2.414 ? ? 
metalc4 metalc ? ? A CYS 26 SG ? ? ? 1_555 D ZN . ZN ? ? A CYS 52 A ZN 1084 1_555 ? ? ? ? ? ? ? 2.364 ? ? 
metalc5 metalc ? ? A CYS 34 SG ? ? ? 1_555 C ZN . ZN ? ? A CYS 60 A ZN 1083 1_555 ? ? ? ? ? ? ? 2.386 ? ? 
metalc6 metalc ? ? A CYS 48 SG ? ? ? 1_555 D ZN . ZN ? ? A CYS 74 A ZN 1084 1_555 ? ? ? ? ? ? ? 2.477 ? ? 
metalc7 metalc ? ? A CYS 51 SG ? ? ? 1_555 D ZN . ZN ? ? A CYS 77 A ZN 1084 1_555 ? ? ? ? ? ? ? 2.335 ? ? 
# 
_struct_conn_type.id          metalc 
_struct_conn_type.criteria    ? 
_struct_conn_type.reference   ? 
# 
loop_
_pdbx_struct_conn_angle.id 
_pdbx_struct_conn_angle.ptnr1_label_atom_id 
_pdbx_struct_conn_angle.ptnr1_label_alt_id 
_pdbx_struct_conn_angle.ptnr1_label_asym_id 
_pdbx_struct_conn_angle.ptnr1_label_comp_id 
_pdbx_struct_conn_angle.ptnr1_label_seq_id 
_pdbx_struct_conn_angle.ptnr1_auth_atom_id 
_pdbx_struct_conn_angle.ptnr1_auth_asym_id 
_pdbx_struct_conn_angle.ptnr1_auth_comp_id 
_pdbx_struct_conn_angle.ptnr1_auth_seq_id 
_pdbx_struct_conn_angle.ptnr1_PDB_ins_code 
_pdbx_struct_conn_angle.ptnr1_symmetry 
_pdbx_struct_conn_angle.ptnr2_label_atom_id 
_pdbx_struct_conn_angle.ptnr2_label_alt_id 
_pdbx_struct_conn_angle.ptnr2_label_asym_id 
_pdbx_struct_conn_angle.ptnr2_label_comp_id 
_pdbx_struct_conn_angle.ptnr2_label_seq_id 
_pdbx_struct_conn_angle.ptnr2_auth_atom_id 
_pdbx_struct_conn_angle.ptnr2_auth_asym_id 
_pdbx_struct_conn_angle.ptnr2_auth_comp_id 
_pdbx_struct_conn_angle.ptnr2_auth_seq_id 
_pdbx_struct_conn_angle.ptnr2_PDB_ins_code 
_pdbx_struct_conn_angle.ptnr2_symmetry 
_pdbx_struct_conn_angle.ptnr3_label_atom_id 
_pdbx_struct_conn_angle.ptnr3_label_alt_id 
_pdbx_struct_conn_angle.ptnr3_label_asym_id 
_pdbx_struct_conn_angle.ptnr3_label_comp_id 
_pdbx_struct_conn_angle.ptnr3_label_seq_id 
_pdbx_struct_conn_angle.ptnr3_auth_atom_id 
_pdbx_struct_conn_angle.ptnr3_auth_asym_id 
_pdbx_struct_conn_angle.ptnr3_auth_comp_id 
_pdbx_struct_conn_angle.ptnr3_auth_seq_id 
_pdbx_struct_conn_angle.ptnr3_PDB_ins_code 
_pdbx_struct_conn_angle.ptnr3_symmetry 
_pdbx_struct_conn_angle.value 
_pdbx_struct_conn_angle.value_esd 
1 SG ? A CYS 7  ? A CYS 33 ? 1_555 ZN ? C ZN . ? A ZN 1083 ? 1_555 SG ? A CYS 10 ? A CYS 36 ? 1_555 92.8  ? 
2 SG ? A CYS 7  ? A CYS 33 ? 1_555 ZN ? C ZN . ? A ZN 1083 ? 1_555 SG ? A CYS 34 ? A CYS 60 ? 1_555 102.9 ? 
3 SG ? A CYS 10 ? A CYS 36 ? 1_555 ZN ? C ZN . ? A ZN 1083 ? 1_555 SG ? A CYS 34 ? A CYS 60 ? 1_555 99.2  ? 
4 SG ? A CYS 24 ? A CYS 50 ? 1_555 ZN ? D ZN . ? A ZN 1084 ? 1_555 SG ? A CYS 26 ? A CYS 52 ? 1_555 97.8  ? 
5 SG ? A CYS 24 ? A CYS 50 ? 1_555 ZN ? D ZN . ? A ZN 1084 ? 1_555 SG ? A CYS 48 ? A CYS 74 ? 1_555 106.3 ? 
6 SG ? A CYS 26 ? A CYS 52 ? 1_555 ZN ? D ZN . ? A ZN 1084 ? 1_555 SG ? A CYS 48 ? A CYS 74 ? 1_555 96.5  ? 
7 SG ? A CYS 24 ? A CYS 50 ? 1_555 ZN ? D ZN . ? A ZN 1084 ? 1_555 SG ? A CYS 51 ? A CYS 77 ? 1_555 102.7 ? 
8 SG ? A CYS 26 ? A CYS 52 ? 1_555 ZN ? D ZN . ? A ZN 1084 ? 1_555 SG ? A CYS 51 ? A CYS 77 ? 1_555 112.8 ? 
9 SG ? A CYS 48 ? A CYS 74 ? 1_555 ZN ? D ZN . ? A ZN 1084 ? 1_555 SG ? A CYS 51 ? A CYS 77 ? 1_555 135.1 ? 
# 
_struct_mon_prot_cis.pdbx_id                1 
_struct_mon_prot_cis.label_comp_id          TYR 
_struct_mon_prot_cis.label_seq_id           71 
_struct_mon_prot_cis.label_asym_id          B 
_struct_mon_prot_cis.label_alt_id           . 
_struct_mon_prot_cis.pdbx_PDB_ins_code      ? 
_struct_mon_prot_cis.auth_comp_id           TYR 
_struct_mon_prot_cis.auth_seq_id            61 
_struct_mon_prot_cis.auth_asym_id           B 
_struct_mon_prot_cis.pdbx_label_comp_id_2   PRO 
_struct_mon_prot_cis.pdbx_label_seq_id_2    72 
_struct_mon_prot_cis.pdbx_label_asym_id_2   B 
_struct_mon_prot_cis.pdbx_PDB_ins_code_2    ? 
_struct_mon_prot_cis.pdbx_auth_comp_id_2    PRO 
_struct_mon_prot_cis.pdbx_auth_seq_id_2     62 
_struct_mon_prot_cis.pdbx_auth_asym_id_2    B 
_struct_mon_prot_cis.pdbx_PDB_model_num     1 
_struct_mon_prot_cis.pdbx_omega_angle       1.32 
# 
_struct_sheet.id               BA 
_struct_sheet.type             ? 
_struct_sheet.number_strands   4 
_struct_sheet.details          ? 
# 
loop_
_struct_sheet_order.sheet_id 
_struct_sheet_order.range_id_1 
_struct_sheet_order.range_id_2 
_struct_sheet_order.offset 
_struct_sheet_order.sense 
BA 1 2 ? anti-parallel 
BA 2 3 ? anti-parallel 
BA 3 4 ? anti-parallel 
# 
loop_
_struct_sheet_range.sheet_id 
_struct_sheet_range.id 
_struct_sheet_range.beg_label_comp_id 
_struct_sheet_range.beg_label_asym_id 
_struct_sheet_range.beg_label_seq_id 
_struct_sheet_range.pdbx_beg_PDB_ins_code 
_struct_sheet_range.end_label_comp_id 
_struct_sheet_range.end_label_asym_id 
_struct_sheet_range.end_label_seq_id 
_struct_sheet_range.pdbx_end_PDB_ins_code 
_struct_sheet_range.beg_auth_comp_id 
_struct_sheet_range.beg_auth_asym_id 
_struct_sheet_range.beg_auth_seq_id 
_struct_sheet_range.end_auth_comp_id 
_struct_sheet_range.end_auth_asym_id 
_struct_sheet_range.end_auth_seq_id 
BA 1 CYS B 32 ? PRO B 36 ? CYS B 22 PRO B 26 
BA 2 HIS B 43 ? MET B 49 ? HIS B 33 MET B 39 
BA 3 VAL B 60 ? HIS B 66 ? VAL B 50 HIS B 56 
BA 4 LYS B 77 ? PHE B 80 ? LYS B 67 PHE B 70 
# 
loop_
_pdbx_struct_sheet_hbond.sheet_id 
_pdbx_struct_sheet_hbond.range_id_1 
_pdbx_struct_sheet_hbond.range_id_2 
_pdbx_struct_sheet_hbond.range_1_label_atom_id 
_pdbx_struct_sheet_hbond.range_1_label_comp_id 
_pdbx_struct_sheet_hbond.range_1_label_asym_id 
_pdbx_struct_sheet_hbond.range_1_label_seq_id 
_pdbx_struct_sheet_hbond.range_1_PDB_ins_code 
_pdbx_struct_sheet_hbond.range_1_auth_atom_id 
_pdbx_struct_sheet_hbond.range_1_auth_comp_id 
_pdbx_struct_sheet_hbond.range_1_auth_asym_id 
_pdbx_struct_sheet_hbond.range_1_auth_seq_id 
_pdbx_struct_sheet_hbond.range_2_label_atom_id 
_pdbx_struct_sheet_hbond.range_2_label_comp_id 
_pdbx_struct_sheet_hbond.range_2_label_asym_id 
_pdbx_struct_sheet_hbond.range_2_label_seq_id 
_pdbx_struct_sheet_hbond.range_2_PDB_ins_code 
_pdbx_struct_sheet_hbond.range_2_auth_atom_id 
_pdbx_struct_sheet_hbond.range_2_auth_comp_id 
_pdbx_struct_sheet_hbond.range_2_auth_asym_id 
_pdbx_struct_sheet_hbond.range_2_auth_seq_id 
BA 1 2 N GLY B 35 ? N GLY B 25 O GLN B 45 ? O GLN B 35 
BA 2 3 N ILE B 48 ? N ILE B 38 O PHE B 61 ? O PHE B 51 
BA 3 4 N HIS B 66 ? N HIS B 56 O LYS B 77 ? O LYS B 67 
# 
loop_
_struct_site.id 
_struct_site.pdbx_evidence_code 
_struct_site.pdbx_auth_asym_id 
_struct_site.pdbx_auth_comp_id 
_struct_site.pdbx_auth_seq_id 
_struct_site.pdbx_auth_ins_code 
_struct_site.pdbx_num_residues 
_struct_site.details 
AC1 Software A ZN 1083 ? 4 'BINDING SITE FOR RESIDUE ZN A 1083' 
AC2 Software A ZN 1084 ? 4 'BINDING SITE FOR RESIDUE ZN A 1084' 
# 
loop_
_struct_site_gen.id 
_struct_site_gen.site_id 
_struct_site_gen.pdbx_num_res 
_struct_site_gen.label_comp_id 
_struct_site_gen.label_asym_id 
_struct_site_gen.label_seq_id 
_struct_site_gen.pdbx_auth_ins_code 
_struct_site_gen.auth_comp_id 
_struct_site_gen.auth_asym_id 
_struct_site_gen.auth_seq_id 
_struct_site_gen.label_atom_id 
_struct_site_gen.label_alt_id 
_struct_site_gen.symmetry 
_struct_site_gen.details 
1 AC1 4 CYS A 7  ? CYS A 33 . ? 1_555 ? 
2 AC1 4 CYS A 10 ? CYS A 36 . ? 1_555 ? 
3 AC1 4 CYS A 31 ? CYS A 57 . ? 1_555 ? 
4 AC1 4 CYS A 34 ? CYS A 60 . ? 1_555 ? 
5 AC2 4 CYS A 24 ? CYS A 50 . ? 1_555 ? 
6 AC2 4 CYS A 26 ? CYS A 52 . ? 1_555 ? 
7 AC2 4 CYS A 48 ? CYS A 74 . ? 1_555 ? 
8 AC2 4 CYS A 51 ? CYS A 77 . ? 1_555 ? 
# 
loop_
_pdbx_validate_torsion.id 
_pdbx_validate_torsion.PDB_model_num 
_pdbx_validate_torsion.auth_comp_id 
_pdbx_validate_torsion.auth_asym_id 
_pdbx_validate_torsion.auth_seq_id 
_pdbx_validate_torsion.PDB_ins_code 
_pdbx_validate_torsion.label_alt_id 
_pdbx_validate_torsion.phi 
_pdbx_validate_torsion.psi 
1 1 ALA A 76 ? ? -97.12  -73.82  
2 1 THR B 20 ? ? 54.92   -129.40 
3 1 SER B 37 ? ? -160.97 99.66   
4 1 GLN B 93 ? ? -140.87 14.24   
# 
loop_
_pdbx_database_remark.id 
_pdbx_database_remark.text 
650 
;
HELIX
DETERMINATION METHOD: AUTHOR PROVIDED.
;
700 
;
SHEET
DETERMINATION METHOD: AUTHOR PROVIDED.
;
# 
_pdbx_entry_details.entry_id                 5AIE 
_pdbx_entry_details.compound_details         ? 
_pdbx_entry_details.source_details           ? 
_pdbx_entry_details.nonpolymer_details       ? 
_pdbx_entry_details.sequence_details         
;RSM RESIDUES ARE LEFT OVER AFTER THE TAG CLEAVAGE
TGSTGSTETG RESIDUES ARE THE ARTIFICIAL LINKER USED TO FUSE
THE C-TERMINUS OF THE RING DOMAIN OF NOT4 WITH THE N-
TERMINAL METHIONINE OF THE UBC4
;
_pdbx_entry_details.has_ligand_of_interest   ? 
# 
loop_
_pdbx_unobs_or_zero_occ_residues.id 
_pdbx_unobs_or_zero_occ_residues.PDB_model_num 
_pdbx_unobs_or_zero_occ_residues.polymer_flag 
_pdbx_unobs_or_zero_occ_residues.occupancy_flag 
_pdbx_unobs_or_zero_occ_residues.auth_asym_id 
_pdbx_unobs_or_zero_occ_residues.auth_comp_id 
_pdbx_unobs_or_zero_occ_residues.auth_seq_id 
_pdbx_unobs_or_zero_occ_residues.PDB_ins_code 
_pdbx_unobs_or_zero_occ_residues.label_asym_id 
_pdbx_unobs_or_zero_occ_residues.label_comp_id 
_pdbx_unobs_or_zero_occ_residues.label_seq_id 
1  1 Y 1 A ARG 27 ? A ARG 1  
2  1 Y 1 A SER 28 ? A SER 2  
3  1 Y 1 A ASP 83 ? A ASP 57 
4  1 Y 1 B THR -9 ? B THR 1  
5  1 Y 1 B GLY -8 ? B GLY 2  
6  1 Y 1 B SER -7 ? B SER 3  
7  1 Y 1 B THR -6 ? B THR 4  
8  1 Y 1 B GLY -5 ? B GLY 5  
9  1 Y 1 B SER -4 ? B SER 6  
10 1 Y 1 B THR -3 ? B THR 7  
11 1 Y 1 B GLU -2 ? B GLU 8  
# 
loop_
_chem_comp_atom.comp_id 
_chem_comp_atom.atom_id 
_chem_comp_atom.type_symbol 
_chem_comp_atom.pdbx_aromatic_flag 
_chem_comp_atom.pdbx_stereo_config 
_chem_comp_atom.pdbx_ordinal 
ALA N    N  N N 1   
ALA CA   C  N S 2   
ALA C    C  N N 3   
ALA O    O  N N 4   
ALA CB   C  N N 5   
ALA OXT  O  N N 6   
ALA H    H  N N 7   
ALA H2   H  N N 8   
ALA HA   H  N N 9   
ALA HB1  H  N N 10  
ALA HB2  H  N N 11  
ALA HB3  H  N N 12  
ALA HXT  H  N N 13  
ARG N    N  N N 14  
ARG CA   C  N S 15  
ARG C    C  N N 16  
ARG O    O  N N 17  
ARG CB   C  N N 18  
ARG CG   C  N N 19  
ARG CD   C  N N 20  
ARG NE   N  N N 21  
ARG CZ   C  N N 22  
ARG NH1  N  N N 23  
ARG NH2  N  N N 24  
ARG OXT  O  N N 25  
ARG H    H  N N 26  
ARG H2   H  N N 27  
ARG HA   H  N N 28  
ARG HB2  H  N N 29  
ARG HB3  H  N N 30  
ARG HG2  H  N N 31  
ARG HG3  H  N N 32  
ARG HD2  H  N N 33  
ARG HD3  H  N N 34  
ARG HE   H  N N 35  
ARG HH11 H  N N 36  
ARG HH12 H  N N 37  
ARG HH21 H  N N 38  
ARG HH22 H  N N 39  
ARG HXT  H  N N 40  
ASN N    N  N N 41  
ASN CA   C  N S 42  
ASN C    C  N N 43  
ASN O    O  N N 44  
ASN CB   C  N N 45  
ASN CG   C  N N 46  
ASN OD1  O  N N 47  
ASN ND2  N  N N 48  
ASN OXT  O  N N 49  
ASN H    H  N N 50  
ASN H2   H  N N 51  
ASN HA   H  N N 52  
ASN HB2  H  N N 53  
ASN HB3  H  N N 54  
ASN HD21 H  N N 55  
ASN HD22 H  N N 56  
ASN HXT  H  N N 57  
ASP N    N  N N 58  
ASP CA   C  N S 59  
ASP C    C  N N 60  
ASP O    O  N N 61  
ASP CB   C  N N 62  
ASP CG   C  N N 63  
ASP OD1  O  N N 64  
ASP OD2  O  N N 65  
ASP OXT  O  N N 66  
ASP H    H  N N 67  
ASP H2   H  N N 68  
ASP HA   H  N N 69  
ASP HB2  H  N N 70  
ASP HB3  H  N N 71  
ASP HD2  H  N N 72  
ASP HXT  H  N N 73  
CYS N    N  N N 74  
CYS CA   C  N R 75  
CYS C    C  N N 76  
CYS O    O  N N 77  
CYS CB   C  N N 78  
CYS SG   S  N N 79  
CYS OXT  O  N N 80  
CYS H    H  N N 81  
CYS H2   H  N N 82  
CYS HA   H  N N 83  
CYS HB2  H  N N 84  
CYS HB3  H  N N 85  
CYS HG   H  N N 86  
CYS HXT  H  N N 87  
GLN N    N  N N 88  
GLN CA   C  N S 89  
GLN C    C  N N 90  
GLN O    O  N N 91  
GLN CB   C  N N 92  
GLN CG   C  N N 93  
GLN CD   C  N N 94  
GLN OE1  O  N N 95  
GLN NE2  N  N N 96  
GLN OXT  O  N N 97  
GLN H    H  N N 98  
GLN H2   H  N N 99  
GLN HA   H  N N 100 
GLN HB2  H  N N 101 
GLN HB3  H  N N 102 
GLN HG2  H  N N 103 
GLN HG3  H  N N 104 
GLN HE21 H  N N 105 
GLN HE22 H  N N 106 
GLN HXT  H  N N 107 
GLU N    N  N N 108 
GLU CA   C  N S 109 
GLU C    C  N N 110 
GLU O    O  N N 111 
GLU CB   C  N N 112 
GLU CG   C  N N 113 
GLU CD   C  N N 114 
GLU OE1  O  N N 115 
GLU OE2  O  N N 116 
GLU OXT  O  N N 117 
GLU H    H  N N 118 
GLU H2   H  N N 119 
GLU HA   H  N N 120 
GLU HB2  H  N N 121 
GLU HB3  H  N N 122 
GLU HG2  H  N N 123 
GLU HG3  H  N N 124 
GLU HE2  H  N N 125 
GLU HXT  H  N N 126 
GLY N    N  N N 127 
GLY CA   C  N N 128 
GLY C    C  N N 129 
GLY O    O  N N 130 
GLY OXT  O  N N 131 
GLY H    H  N N 132 
GLY H2   H  N N 133 
GLY HA2  H  N N 134 
GLY HA3  H  N N 135 
GLY HXT  H  N N 136 
HIS N    N  N N 137 
HIS CA   C  N S 138 
HIS C    C  N N 139 
HIS O    O  N N 140 
HIS CB   C  N N 141 
HIS CG   C  Y N 142 
HIS ND1  N  Y N 143 
HIS CD2  C  Y N 144 
HIS CE1  C  Y N 145 
HIS NE2  N  Y N 146 
HIS OXT  O  N N 147 
HIS H    H  N N 148 
HIS H2   H  N N 149 
HIS HA   H  N N 150 
HIS HB2  H  N N 151 
HIS HB3  H  N N 152 
HIS HD1  H  N N 153 
HIS HD2  H  N N 154 
HIS HE1  H  N N 155 
HIS HE2  H  N N 156 
HIS HXT  H  N N 157 
ILE N    N  N N 158 
ILE CA   C  N S 159 
ILE C    C  N N 160 
ILE O    O  N N 161 
ILE CB   C  N S 162 
ILE CG1  C  N N 163 
ILE CG2  C  N N 164 
ILE CD1  C  N N 165 
ILE OXT  O  N N 166 
ILE H    H  N N 167 
ILE H2   H  N N 168 
ILE HA   H  N N 169 
ILE HB   H  N N 170 
ILE HG12 H  N N 171 
ILE HG13 H  N N 172 
ILE HG21 H  N N 173 
ILE HG22 H  N N 174 
ILE HG23 H  N N 175 
ILE HD11 H  N N 176 
ILE HD12 H  N N 177 
ILE HD13 H  N N 178 
ILE HXT  H  N N 179 
LEU N    N  N N 180 
LEU CA   C  N S 181 
LEU C    C  N N 182 
LEU O    O  N N 183 
LEU CB   C  N N 184 
LEU CG   C  N N 185 
LEU CD1  C  N N 186 
LEU CD2  C  N N 187 
LEU OXT  O  N N 188 
LEU H    H  N N 189 
LEU H2   H  N N 190 
LEU HA   H  N N 191 
LEU HB2  H  N N 192 
LEU HB3  H  N N 193 
LEU HG   H  N N 194 
LEU HD11 H  N N 195 
LEU HD12 H  N N 196 
LEU HD13 H  N N 197 
LEU HD21 H  N N 198 
LEU HD22 H  N N 199 
LEU HD23 H  N N 200 
LEU HXT  H  N N 201 
LYS N    N  N N 202 
LYS CA   C  N S 203 
LYS C    C  N N 204 
LYS O    O  N N 205 
LYS CB   C  N N 206 
LYS CG   C  N N 207 
LYS CD   C  N N 208 
LYS CE   C  N N 209 
LYS NZ   N  N N 210 
LYS OXT  O  N N 211 
LYS H    H  N N 212 
LYS H2   H  N N 213 
LYS HA   H  N N 214 
LYS HB2  H  N N 215 
LYS HB3  H  N N 216 
LYS HG2  H  N N 217 
LYS HG3  H  N N 218 
LYS HD2  H  N N 219 
LYS HD3  H  N N 220 
LYS HE2  H  N N 221 
LYS HE3  H  N N 222 
LYS HZ1  H  N N 223 
LYS HZ2  H  N N 224 
LYS HZ3  H  N N 225 
LYS HXT  H  N N 226 
MET N    N  N N 227 
MET CA   C  N S 228 
MET C    C  N N 229 
MET O    O  N N 230 
MET CB   C  N N 231 
MET CG   C  N N 232 
MET SD   S  N N 233 
MET CE   C  N N 234 
MET OXT  O  N N 235 
MET H    H  N N 236 
MET H2   H  N N 237 
MET HA   H  N N 238 
MET HB2  H  N N 239 
MET HB3  H  N N 240 
MET HG2  H  N N 241 
MET HG3  H  N N 242 
MET HE1  H  N N 243 
MET HE2  H  N N 244 
MET HE3  H  N N 245 
MET HXT  H  N N 246 
PHE N    N  N N 247 
PHE CA   C  N S 248 
PHE C    C  N N 249 
PHE O    O  N N 250 
PHE CB   C  N N 251 
PHE CG   C  Y N 252 
PHE CD1  C  Y N 253 
PHE CD2  C  Y N 254 
PHE CE1  C  Y N 255 
PHE CE2  C  Y N 256 
PHE CZ   C  Y N 257 
PHE OXT  O  N N 258 
PHE H    H  N N 259 
PHE H2   H  N N 260 
PHE HA   H  N N 261 
PHE HB2  H  N N 262 
PHE HB3  H  N N 263 
PHE HD1  H  N N 264 
PHE HD2  H  N N 265 
PHE HE1  H  N N 266 
PHE HE2  H  N N 267 
PHE HZ   H  N N 268 
PHE HXT  H  N N 269 
PRO N    N  N N 270 
PRO CA   C  N S 271 
PRO C    C  N N 272 
PRO O    O  N N 273 
PRO CB   C  N N 274 
PRO CG   C  N N 275 
PRO CD   C  N N 276 
PRO OXT  O  N N 277 
PRO H    H  N N 278 
PRO HA   H  N N 279 
PRO HB2  H  N N 280 
PRO HB3  H  N N 281 
PRO HG2  H  N N 282 
PRO HG3  H  N N 283 
PRO HD2  H  N N 284 
PRO HD3  H  N N 285 
PRO HXT  H  N N 286 
SER N    N  N N 287 
SER CA   C  N S 288 
SER C    C  N N 289 
SER O    O  N N 290 
SER CB   C  N N 291 
SER OG   O  N N 292 
SER OXT  O  N N 293 
SER H    H  N N 294 
SER H2   H  N N 295 
SER HA   H  N N 296 
SER HB2  H  N N 297 
SER HB3  H  N N 298 
SER HG   H  N N 299 
SER HXT  H  N N 300 
THR N    N  N N 301 
THR CA   C  N S 302 
THR C    C  N N 303 
THR O    O  N N 304 
THR CB   C  N R 305 
THR OG1  O  N N 306 
THR CG2  C  N N 307 
THR OXT  O  N N 308 
THR H    H  N N 309 
THR H2   H  N N 310 
THR HA   H  N N 311 
THR HB   H  N N 312 
THR HG1  H  N N 313 
THR HG21 H  N N 314 
THR HG22 H  N N 315 
THR HG23 H  N N 316 
THR HXT  H  N N 317 
TRP N    N  N N 318 
TRP CA   C  N S 319 
TRP C    C  N N 320 
TRP O    O  N N 321 
TRP CB   C  N N 322 
TRP CG   C  Y N 323 
TRP CD1  C  Y N 324 
TRP CD2  C  Y N 325 
TRP NE1  N  Y N 326 
TRP CE2  C  Y N 327 
TRP CE3  C  Y N 328 
TRP CZ2  C  Y N 329 
TRP CZ3  C  Y N 330 
TRP CH2  C  Y N 331 
TRP OXT  O  N N 332 
TRP H    H  N N 333 
TRP H2   H  N N 334 
TRP HA   H  N N 335 
TRP HB2  H  N N 336 
TRP HB3  H  N N 337 
TRP HD1  H  N N 338 
TRP HE1  H  N N 339 
TRP HE3  H  N N 340 
TRP HZ2  H  N N 341 
TRP HZ3  H  N N 342 
TRP HH2  H  N N 343 
TRP HXT  H  N N 344 
TYR N    N  N N 345 
TYR CA   C  N S 346 
TYR C    C  N N 347 
TYR O    O  N N 348 
TYR CB   C  N N 349 
TYR CG   C  Y N 350 
TYR CD1  C  Y N 351 
TYR CD2  C  Y N 352 
TYR CE1  C  Y N 353 
TYR CE2  C  Y N 354 
TYR CZ   C  Y N 355 
TYR OH   O  N N 356 
TYR OXT  O  N N 357 
TYR H    H  N N 358 
TYR H2   H  N N 359 
TYR HA   H  N N 360 
TYR HB2  H  N N 361 
TYR HB3  H  N N 362 
TYR HD1  H  N N 363 
TYR HD2  H  N N 364 
TYR HE1  H  N N 365 
TYR HE2  H  N N 366 
TYR HH   H  N N 367 
TYR HXT  H  N N 368 
VAL N    N  N N 369 
VAL CA   C  N S 370 
VAL C    C  N N 371 
VAL O    O  N N 372 
VAL CB   C  N N 373 
VAL CG1  C  N N 374 
VAL CG2  C  N N 375 
VAL OXT  O  N N 376 
VAL H    H  N N 377 
VAL H2   H  N N 378 
VAL HA   H  N N 379 
VAL HB   H  N N 380 
VAL HG11 H  N N 381 
VAL HG12 H  N N 382 
VAL HG13 H  N N 383 
VAL HG21 H  N N 384 
VAL HG22 H  N N 385 
VAL HG23 H  N N 386 
VAL HXT  H  N N 387 
ZN  ZN   ZN N N 388 
# 
loop_
_chem_comp_bond.comp_id 
_chem_comp_bond.atom_id_1 
_chem_comp_bond.atom_id_2 
_chem_comp_bond.value_order 
_chem_comp_bond.pdbx_aromatic_flag 
_chem_comp_bond.pdbx_stereo_config 
_chem_comp_bond.pdbx_ordinal 
ALA N   CA   sing N N 1   
ALA N   H    sing N N 2   
ALA N   H2   sing N N 3   
ALA CA  C    sing N N 4   
ALA CA  CB   sing N N 5   
ALA CA  HA   sing N N 6   
ALA C   O    doub N N 7   
ALA C   OXT  sing N N 8   
ALA CB  HB1  sing N N 9   
ALA CB  HB2  sing N N 10  
ALA CB  HB3  sing N N 11  
ALA OXT HXT  sing N N 12  
ARG N   CA   sing N N 13  
ARG N   H    sing N N 14  
ARG N   H2   sing N N 15  
ARG CA  C    sing N N 16  
ARG CA  CB   sing N N 17  
ARG CA  HA   sing N N 18  
ARG C   O    doub N N 19  
ARG C   OXT  sing N N 20  
ARG CB  CG   sing N N 21  
ARG CB  HB2  sing N N 22  
ARG CB  HB3  sing N N 23  
ARG CG  CD   sing N N 24  
ARG CG  HG2  sing N N 25  
ARG CG  HG3  sing N N 26  
ARG CD  NE   sing N N 27  
ARG CD  HD2  sing N N 28  
ARG CD  HD3  sing N N 29  
ARG NE  CZ   sing N N 30  
ARG NE  HE   sing N N 31  
ARG CZ  NH1  sing N N 32  
ARG CZ  NH2  doub N N 33  
ARG NH1 HH11 sing N N 34  
ARG NH1 HH12 sing N N 35  
ARG NH2 HH21 sing N N 36  
ARG NH2 HH22 sing N N 37  
ARG OXT HXT  sing N N 38  
ASN N   CA   sing N N 39  
ASN N   H    sing N N 40  
ASN N   H2   sing N N 41  
ASN CA  C    sing N N 42  
ASN CA  CB   sing N N 43  
ASN CA  HA   sing N N 44  
ASN C   O    doub N N 45  
ASN C   OXT  sing N N 46  
ASN CB  CG   sing N N 47  
ASN CB  HB2  sing N N 48  
ASN CB  HB3  sing N N 49  
ASN CG  OD1  doub N N 50  
ASN CG  ND2  sing N N 51  
ASN ND2 HD21 sing N N 52  
ASN ND2 HD22 sing N N 53  
ASN OXT HXT  sing N N 54  
ASP N   CA   sing N N 55  
ASP N   H    sing N N 56  
ASP N   H2   sing N N 57  
ASP CA  C    sing N N 58  
ASP CA  CB   sing N N 59  
ASP CA  HA   sing N N 60  
ASP C   O    doub N N 61  
ASP C   OXT  sing N N 62  
ASP CB  CG   sing N N 63  
ASP CB  HB2  sing N N 64  
ASP CB  HB3  sing N N 65  
ASP CG  OD1  doub N N 66  
ASP CG  OD2  sing N N 67  
ASP OD2 HD2  sing N N 68  
ASP OXT HXT  sing N N 69  
CYS N   CA   sing N N 70  
CYS N   H    sing N N 71  
CYS N   H2   sing N N 72  
CYS CA  C    sing N N 73  
CYS CA  CB   sing N N 74  
CYS CA  HA   sing N N 75  
CYS C   O    doub N N 76  
CYS C   OXT  sing N N 77  
CYS CB  SG   sing N N 78  
CYS CB  HB2  sing N N 79  
CYS CB  HB3  sing N N 80  
CYS SG  HG   sing N N 81  
CYS OXT HXT  sing N N 82  
GLN N   CA   sing N N 83  
GLN N   H    sing N N 84  
GLN N   H2   sing N N 85  
GLN CA  C    sing N N 86  
GLN CA  CB   sing N N 87  
GLN CA  HA   sing N N 88  
GLN C   O    doub N N 89  
GLN C   OXT  sing N N 90  
GLN CB  CG   sing N N 91  
GLN CB  HB2  sing N N 92  
GLN CB  HB3  sing N N 93  
GLN CG  CD   sing N N 94  
GLN CG  HG2  sing N N 95  
GLN CG  HG3  sing N N 96  
GLN CD  OE1  doub N N 97  
GLN CD  NE2  sing N N 98  
GLN NE2 HE21 sing N N 99  
GLN NE2 HE22 sing N N 100 
GLN OXT HXT  sing N N 101 
GLU N   CA   sing N N 102 
GLU N   H    sing N N 103 
GLU N   H2   sing N N 104 
GLU CA  C    sing N N 105 
GLU CA  CB   sing N N 106 
GLU CA  HA   sing N N 107 
GLU C   O    doub N N 108 
GLU C   OXT  sing N N 109 
GLU CB  CG   sing N N 110 
GLU CB  HB2  sing N N 111 
GLU CB  HB3  sing N N 112 
GLU CG  CD   sing N N 113 
GLU CG  HG2  sing N N 114 
GLU CG  HG3  sing N N 115 
GLU CD  OE1  doub N N 116 
GLU CD  OE2  sing N N 117 
GLU OE2 HE2  sing N N 118 
GLU OXT HXT  sing N N 119 
GLY N   CA   sing N N 120 
GLY N   H    sing N N 121 
GLY N   H2   sing N N 122 
GLY CA  C    sing N N 123 
GLY CA  HA2  sing N N 124 
GLY CA  HA3  sing N N 125 
GLY C   O    doub N N 126 
GLY C   OXT  sing N N 127 
GLY OXT HXT  sing N N 128 
HIS N   CA   sing N N 129 
HIS N   H    sing N N 130 
HIS N   H2   sing N N 131 
HIS CA  C    sing N N 132 
HIS CA  CB   sing N N 133 
HIS CA  HA   sing N N 134 
HIS C   O    doub N N 135 
HIS C   OXT  sing N N 136 
HIS CB  CG   sing N N 137 
HIS CB  HB2  sing N N 138 
HIS CB  HB3  sing N N 139 
HIS CG  ND1  sing Y N 140 
HIS CG  CD2  doub Y N 141 
HIS ND1 CE1  doub Y N 142 
HIS ND1 HD1  sing N N 143 
HIS CD2 NE2  sing Y N 144 
HIS CD2 HD2  sing N N 145 
HIS CE1 NE2  sing Y N 146 
HIS CE1 HE1  sing N N 147 
HIS NE2 HE2  sing N N 148 
HIS OXT HXT  sing N N 149 
ILE N   CA   sing N N 150 
ILE N   H    sing N N 151 
ILE N   H2   sing N N 152 
ILE CA  C    sing N N 153 
ILE CA  CB   sing N N 154 
ILE CA  HA   sing N N 155 
ILE C   O    doub N N 156 
ILE C   OXT  sing N N 157 
ILE CB  CG1  sing N N 158 
ILE CB  CG2  sing N N 159 
ILE CB  HB   sing N N 160 
ILE CG1 CD1  sing N N 161 
ILE CG1 HG12 sing N N 162 
ILE CG1 HG13 sing N N 163 
ILE CG2 HG21 sing N N 164 
ILE CG2 HG22 sing N N 165 
ILE CG2 HG23 sing N N 166 
ILE CD1 HD11 sing N N 167 
ILE CD1 HD12 sing N N 168 
ILE CD1 HD13 sing N N 169 
ILE OXT HXT  sing N N 170 
LEU N   CA   sing N N 171 
LEU N   H    sing N N 172 
LEU N   H2   sing N N 173 
LEU CA  C    sing N N 174 
LEU CA  CB   sing N N 175 
LEU CA  HA   sing N N 176 
LEU C   O    doub N N 177 
LEU C   OXT  sing N N 178 
LEU CB  CG   sing N N 179 
LEU CB  HB2  sing N N 180 
LEU CB  HB3  sing N N 181 
LEU CG  CD1  sing N N 182 
LEU CG  CD2  sing N N 183 
LEU CG  HG   sing N N 184 
LEU CD1 HD11 sing N N 185 
LEU CD1 HD12 sing N N 186 
LEU CD1 HD13 sing N N 187 
LEU CD2 HD21 sing N N 188 
LEU CD2 HD22 sing N N 189 
LEU CD2 HD23 sing N N 190 
LEU OXT HXT  sing N N 191 
LYS N   CA   sing N N 192 
LYS N   H    sing N N 193 
LYS N   H2   sing N N 194 
LYS CA  C    sing N N 195 
LYS CA  CB   sing N N 196 
LYS CA  HA   sing N N 197 
LYS C   O    doub N N 198 
LYS C   OXT  sing N N 199 
LYS CB  CG   sing N N 200 
LYS CB  HB2  sing N N 201 
LYS CB  HB3  sing N N 202 
LYS CG  CD   sing N N 203 
LYS CG  HG2  sing N N 204 
LYS CG  HG3  sing N N 205 
LYS CD  CE   sing N N 206 
LYS CD  HD2  sing N N 207 
LYS CD  HD3  sing N N 208 
LYS CE  NZ   sing N N 209 
LYS CE  HE2  sing N N 210 
LYS CE  HE3  sing N N 211 
LYS NZ  HZ1  sing N N 212 
LYS NZ  HZ2  sing N N 213 
LYS NZ  HZ3  sing N N 214 
LYS OXT HXT  sing N N 215 
MET N   CA   sing N N 216 
MET N   H    sing N N 217 
MET N   H2   sing N N 218 
MET CA  C    sing N N 219 
MET CA  CB   sing N N 220 
MET CA  HA   sing N N 221 
MET C   O    doub N N 222 
MET C   OXT  sing N N 223 
MET CB  CG   sing N N 224 
MET CB  HB2  sing N N 225 
MET CB  HB3  sing N N 226 
MET CG  SD   sing N N 227 
MET CG  HG2  sing N N 228 
MET CG  HG3  sing N N 229 
MET SD  CE   sing N N 230 
MET CE  HE1  sing N N 231 
MET CE  HE2  sing N N 232 
MET CE  HE3  sing N N 233 
MET OXT HXT  sing N N 234 
PHE N   CA   sing N N 235 
PHE N   H    sing N N 236 
PHE N   H2   sing N N 237 
PHE CA  C    sing N N 238 
PHE CA  CB   sing N N 239 
PHE CA  HA   sing N N 240 
PHE C   O    doub N N 241 
PHE C   OXT  sing N N 242 
PHE CB  CG   sing N N 243 
PHE CB  HB2  sing N N 244 
PHE CB  HB3  sing N N 245 
PHE CG  CD1  doub Y N 246 
PHE CG  CD2  sing Y N 247 
PHE CD1 CE1  sing Y N 248 
PHE CD1 HD1  sing N N 249 
PHE CD2 CE2  doub Y N 250 
PHE CD2 HD2  sing N N 251 
PHE CE1 CZ   doub Y N 252 
PHE CE1 HE1  sing N N 253 
PHE CE2 CZ   sing Y N 254 
PHE CE2 HE2  sing N N 255 
PHE CZ  HZ   sing N N 256 
PHE OXT HXT  sing N N 257 
PRO N   CA   sing N N 258 
PRO N   CD   sing N N 259 
PRO N   H    sing N N 260 
PRO CA  C    sing N N 261 
PRO CA  CB   sing N N 262 
PRO CA  HA   sing N N 263 
PRO C   O    doub N N 264 
PRO C   OXT  sing N N 265 
PRO CB  CG   sing N N 266 
PRO CB  HB2  sing N N 267 
PRO CB  HB3  sing N N 268 
PRO CG  CD   sing N N 269 
PRO CG  HG2  sing N N 270 
PRO CG  HG3  sing N N 271 
PRO CD  HD2  sing N N 272 
PRO CD  HD3  sing N N 273 
PRO OXT HXT  sing N N 274 
SER N   CA   sing N N 275 
SER N   H    sing N N 276 
SER N   H2   sing N N 277 
SER CA  C    sing N N 278 
SER CA  CB   sing N N 279 
SER CA  HA   sing N N 280 
SER C   O    doub N N 281 
SER C   OXT  sing N N 282 
SER CB  OG   sing N N 283 
SER CB  HB2  sing N N 284 
SER CB  HB3  sing N N 285 
SER OG  HG   sing N N 286 
SER OXT HXT  sing N N 287 
THR N   CA   sing N N 288 
THR N   H    sing N N 289 
THR N   H2   sing N N 290 
THR CA  C    sing N N 291 
THR CA  CB   sing N N 292 
THR CA  HA   sing N N 293 
THR C   O    doub N N 294 
THR C   OXT  sing N N 295 
THR CB  OG1  sing N N 296 
THR CB  CG2  sing N N 297 
THR CB  HB   sing N N 298 
THR OG1 HG1  sing N N 299 
THR CG2 HG21 sing N N 300 
THR CG2 HG22 sing N N 301 
THR CG2 HG23 sing N N 302 
THR OXT HXT  sing N N 303 
TRP N   CA   sing N N 304 
TRP N   H    sing N N 305 
TRP N   H2   sing N N 306 
TRP CA  C    sing N N 307 
TRP CA  CB   sing N N 308 
TRP CA  HA   sing N N 309 
TRP C   O    doub N N 310 
TRP C   OXT  sing N N 311 
TRP CB  CG   sing N N 312 
TRP CB  HB2  sing N N 313 
TRP CB  HB3  sing N N 314 
TRP CG  CD1  doub Y N 315 
TRP CG  CD2  sing Y N 316 
TRP CD1 NE1  sing Y N 317 
TRP CD1 HD1  sing N N 318 
TRP CD2 CE2  doub Y N 319 
TRP CD2 CE3  sing Y N 320 
TRP NE1 CE2  sing Y N 321 
TRP NE1 HE1  sing N N 322 
TRP CE2 CZ2  sing Y N 323 
TRP CE3 CZ3  doub Y N 324 
TRP CE3 HE3  sing N N 325 
TRP CZ2 CH2  doub Y N 326 
TRP CZ2 HZ2  sing N N 327 
TRP CZ3 CH2  sing Y N 328 
TRP CZ3 HZ3  sing N N 329 
TRP CH2 HH2  sing N N 330 
TRP OXT HXT  sing N N 331 
TYR N   CA   sing N N 332 
TYR N   H    sing N N 333 
TYR N   H2   sing N N 334 
TYR CA  C    sing N N 335 
TYR CA  CB   sing N N 336 
TYR CA  HA   sing N N 337 
TYR C   O    doub N N 338 
TYR C   OXT  sing N N 339 
TYR CB  CG   sing N N 340 
TYR CB  HB2  sing N N 341 
TYR CB  HB3  sing N N 342 
TYR CG  CD1  doub Y N 343 
TYR CG  CD2  sing Y N 344 
TYR CD1 CE1  sing Y N 345 
TYR CD1 HD1  sing N N 346 
TYR CD2 CE2  doub Y N 347 
TYR CD2 HD2  sing N N 348 
TYR CE1 CZ   doub Y N 349 
TYR CE1 HE1  sing N N 350 
TYR CE2 CZ   sing Y N 351 
TYR CE2 HE2  sing N N 352 
TYR CZ  OH   sing N N 353 
TYR OH  HH   sing N N 354 
TYR OXT HXT  sing N N 355 
VAL N   CA   sing N N 356 
VAL N   H    sing N N 357 
VAL N   H2   sing N N 358 
VAL CA  C    sing N N 359 
VAL CA  CB   sing N N 360 
VAL CA  HA   sing N N 361 
VAL C   O    doub N N 362 
VAL C   OXT  sing N N 363 
VAL CB  CG1  sing N N 364 
VAL CB  CG2  sing N N 365 
VAL CB  HB   sing N N 366 
VAL CG1 HG11 sing N N 367 
VAL CG1 HG12 sing N N 368 
VAL CG1 HG13 sing N N 369 
VAL CG2 HG21 sing N N 370 
VAL CG2 HG22 sing N N 371 
VAL CG2 HG23 sing N N 372 
VAL OXT HXT  sing N N 373 
# 
_atom_sites.entry_id                    5AIE 
_atom_sites.fract_transf_matrix[1][1]   0.00701963 
_atom_sites.fract_transf_matrix[1][2]   -0.00500364 
_atom_sites.fract_transf_matrix[1][3]   -0.00647313 
_atom_sites.fract_transf_matrix[2][1]   0.00999464 
_atom_sites.fract_transf_matrix[2][2]   -0.00207453 
_atom_sites.fract_transf_matrix[2][3]   0.00346581 
_atom_sites.fract_transf_matrix[3][1]   -0.00491509 
_atom_sites.fract_transf_matrix[3][2]   -0.01422041 
_atom_sites.fract_transf_matrix[3][3]   0.00566213 
_atom_sites.fract_transf_vector[1]      0.261650 
_atom_sites.fract_transf_vector[2]      0.172973 
_atom_sites.fract_transf_vector[3]      -1.019435 
# 
loop_
_atom_type.symbol 
C  
N  
O  
S  
ZN 
# 
loop_
_atom_site.group_PDB 
_atom_site.id 
_atom_site.type_symbol 
_atom_site.label_atom_id 
_atom_site.label_alt_id 
_atom_site.label_comp_id 
_atom_site.label_asym_id 
_atom_site.label_entity_id 
_atom_site.label_seq_id 
_atom_site.pdbx_PDB_ins_code 
_atom_site.Cartn_x 
_atom_site.Cartn_y 
_atom_site.Cartn_z 
_atom_site.occupancy 
_atom_site.B_iso_or_equiv 
_atom_site.pdbx_formal_charge 
_atom_site.auth_seq_id 
_atom_site.auth_comp_id 
_atom_site.auth_asym_id 
_atom_site.auth_atom_id 
_atom_site.pdbx_PDB_model_num 
ATOM   1    N  N   . MET A 1 3   ? 5.125   4.630   19.544  1.00 105.33 ? 29   MET A N   1 
ATOM   2    C  CA  . MET A 1 3   ? 6.286   5.145   18.824  1.00 116.36 ? 29   MET A CA  1 
ATOM   3    C  C   . MET A 1 3   ? 7.568   4.462   19.291  1.00 112.40 ? 29   MET A C   1 
ATOM   4    O  O   . MET A 1 3   ? 7.880   3.348   18.868  1.00 109.22 ? 29   MET A O   1 
ATOM   5    C  CB  . MET A 1 3   ? 6.402   6.660   19.002  1.00 109.47 ? 29   MET A CB  1 
ATOM   6    N  N   . GLU A 1 4   ? 8.308   5.139   20.162  1.00 110.52 ? 30   GLU A N   1 
ATOM   7    C  CA  . GLU A 1 4   ? 9.550   4.595   20.699  1.00 108.51 ? 30   GLU A CA  1 
ATOM   8    C  C   . GLU A 1 4   ? 9.271   3.437   21.651  1.00 108.68 ? 30   GLU A C   1 
ATOM   9    O  O   . GLU A 1 4   ? 8.172   3.325   22.196  1.00 110.38 ? 30   GLU A O   1 
ATOM   10   C  CB  . GLU A 1 4   ? 10.349  5.686   21.415  1.00 106.97 ? 30   GLU A CB  1 
ATOM   11   N  N   . ASP A 1 5   ? 10.275  2.582   21.838  1.00 107.26 ? 31   ASP A N   1 
ATOM   12   C  CA  . ASP A 1 5   ? 10.172  1.419   22.717  1.00 107.84 ? 31   ASP A CA  1 
ATOM   13   C  C   . ASP A 1 5   ? 9.018   0.499   22.320  1.00 104.69 ? 31   ASP A C   1 
ATOM   14   O  O   . ASP A 1 5   ? 8.345   -0.073  23.177  1.00 112.73 ? 31   ASP A O   1 
ATOM   15   C  CB  . ASP A 1 5   ? 10.014  1.860   24.176  1.00 106.52 ? 31   ASP A CB  1 
ATOM   16   N  N   . TYR A 1 6   ? 8.797   0.364   21.017  1.00 104.30 ? 32   TYR A N   1 
ATOM   17   C  CA  . TYR A 1 6   ? 7.755   -0.513  20.493  1.00 98.44  ? 32   TYR A CA  1 
ATOM   18   C  C   . TYR A 1 6   ? 8.145   -1.071  19.130  1.00 98.97  ? 32   TYR A C   1 
ATOM   19   O  O   . TYR A 1 6   ? 8.671   -0.347  18.283  1.00 108.94 ? 32   TYR A O   1 
ATOM   20   C  CB  . TYR A 1 6   ? 6.421   0.232   20.387  1.00 102.44 ? 32   TYR A CB  1 
ATOM   21   C  CG  . TYR A 1 6   ? 5.636   0.302   21.677  1.00 107.18 ? 32   TYR A CG  1 
ATOM   22   C  CD1 . TYR A 1 6   ? 4.856   -0.767  22.096  1.00 111.89 ? 32   TYR A CD1 1 
ATOM   23   C  CD2 . TYR A 1 6   ? 5.663   1.443   22.468  1.00 110.48 ? 32   TYR A CD2 1 
ATOM   24   C  CE1 . TYR A 1 6   ? 4.132   -0.708  23.272  1.00 115.71 ? 32   TYR A CE1 1 
ATOM   25   C  CE2 . TYR A 1 6   ? 4.942   1.513   23.647  1.00 116.84 ? 32   TYR A CE2 1 
ATOM   26   C  CZ  . TYR A 1 6   ? 4.178   0.435   24.044  1.00 117.64 ? 32   TYR A CZ  1 
ATOM   27   O  OH  . TYR A 1 6   ? 3.459   0.498   25.214  1.00 120.03 ? 32   TYR A OH  1 
ATOM   28   N  N   . CYS A 1 7   ? 7.887   -2.357  18.920  1.00 95.89  ? 33   CYS A N   1 
ATOM   29   C  CA  . CYS A 1 7   ? 8.146   -2.981  17.629  1.00 92.44  ? 33   CYS A CA  1 
ATOM   30   C  C   . CYS A 1 7   ? 7.173   -2.449  16.584  1.00 94.45  ? 33   CYS A C   1 
ATOM   31   O  O   . CYS A 1 7   ? 5.960   -2.516  16.771  1.00 96.76  ? 33   CYS A O   1 
ATOM   32   C  CB  . CYS A 1 7   ? 8.037   -4.503  17.730  1.00 99.33  ? 33   CYS A CB  1 
ATOM   33   S  SG  . CYS A 1 7   ? 8.447   -5.386  16.205  1.00 97.38  ? 33   CYS A SG  1 
ATOM   34   N  N   . PRO A 1 8   ? 7.705   -1.913  15.477  1.00 97.80  ? 34   PRO A N   1 
ATOM   35   C  CA  . PRO A 1 8   ? 6.886   -1.292  14.430  1.00 88.04  ? 34   PRO A CA  1 
ATOM   36   C  C   . PRO A 1 8   ? 6.078   -2.295  13.608  1.00 89.35  ? 34   PRO A C   1 
ATOM   37   O  O   . PRO A 1 8   ? 5.305   -1.885  12.742  1.00 89.08  ? 34   PRO A O   1 
ATOM   38   C  CB  . PRO A 1 8   ? 7.924   -0.589  13.551  1.00 79.97  ? 34   PRO A CB  1 
ATOM   39   C  CG  . PRO A 1 8   ? 9.165   -1.389  13.737  1.00 83.02  ? 34   PRO A CG  1 
ATOM   40   C  CD  . PRO A 1 8   ? 9.144   -1.849  15.166  1.00 90.22  ? 34   PRO A CD  1 
ATOM   41   N  N   . LEU A 1 9   ? 6.252   -3.585  13.874  1.00 88.48  ? 35   LEU A N   1 
ATOM   42   C  CA  . LEU A 1 9   ? 5.570   -4.617  13.099  1.00 91.12  ? 35   LEU A CA  1 
ATOM   43   C  C   . LEU A 1 9   ? 4.398   -5.232  13.860  1.00 95.04  ? 35   LEU A C   1 
ATOM   44   O  O   . LEU A 1 9   ? 3.290   -5.331  13.331  1.00 91.40  ? 35   LEU A O   1 
ATOM   45   C  CB  . LEU A 1 9   ? 6.555   -5.714  12.691  1.00 92.74  ? 35   LEU A CB  1 
ATOM   46   C  CG  . LEU A 1 9   ? 7.821   -5.267  11.957  1.00 85.35  ? 35   LEU A CG  1 
ATOM   47   C  CD1 . LEU A 1 9   ? 8.595   -6.472  11.449  1.00 86.36  ? 35   LEU A CD1 1 
ATOM   48   C  CD2 . LEU A 1 9   ? 7.479   -4.324  10.816  1.00 91.11  ? 35   LEU A CD2 1 
ATOM   49   N  N   . CYS A 1 10  ? 4.644   -5.645  15.100  1.00 97.96  ? 36   CYS A N   1 
ATOM   50   C  CA  . CYS A 1 10  ? 3.623   -6.327  15.892  1.00 104.43 ? 36   CYS A CA  1 
ATOM   51   C  C   . CYS A 1 10  ? 3.107   -5.470  17.044  1.00 107.50 ? 36   CYS A C   1 
ATOM   52   O  O   . CYS A 1 10  ? 2.254   -5.912  17.816  1.00 109.85 ? 36   CYS A O   1 
ATOM   53   C  CB  . CYS A 1 10  ? 4.174   -7.648  16.435  1.00 98.24  ? 36   CYS A CB  1 
ATOM   54   S  SG  . CYS A 1 10  ? 5.667   -7.478  17.437  1.00 109.61 ? 36   CYS A SG  1 
ATOM   55   N  N   . ILE A 1 11  ? 3.623   -4.247  17.143  1.00 101.47 ? 37   ILE A N   1 
ATOM   56   C  CA  . ILE A 1 11  ? 3.241   -3.295  18.190  1.00 99.87  ? 37   ILE A CA  1 
ATOM   57   C  C   . ILE A 1 11  ? 3.345   -3.929  19.577  1.00 110.10 ? 37   ILE A C   1 
ATOM   58   O  O   . ILE A 1 11  ? 2.400   -3.900  20.368  1.00 113.79 ? 37   ILE A O   1 
ATOM   59   C  CB  . ILE A 1 11  ? 1.811   -2.747  17.970  1.00 97.09  ? 37   ILE A CB  1 
ATOM   60   C  CG1 . ILE A 1 11  ? 1.539   -2.536  16.480  1.00 102.77 ? 37   ILE A CG1 1 
ATOM   61   C  CG2 . ILE A 1 11  ? 1.613   -1.436  18.721  1.00 100.59 ? 37   ILE A CG2 1 
ATOM   62   C  CD1 . ILE A 1 11  ? 2.412   -1.474  15.839  1.00 98.74  ? 37   ILE A CD1 1 
ATOM   63   N  N   . GLU A 1 12  ? 4.502   -4.517  19.860  1.00 107.73 ? 38   GLU A N   1 
ATOM   64   C  CA  . GLU A 1 12  ? 4.751   -5.135  21.155  1.00 112.60 ? 38   GLU A CA  1 
ATOM   65   C  C   . GLU A 1 12  ? 5.851   -4.391  21.901  1.00 112.81 ? 38   GLU A C   1 
ATOM   66   O  O   . GLU A 1 12  ? 6.788   -3.884  21.283  1.00 111.36 ? 38   GLU A O   1 
ATOM   67   C  CB  . GLU A 1 12  ? 5.125   -6.609  20.987  1.00 115.96 ? 38   GLU A CB  1 
ATOM   68   C  CG  . GLU A 1 12  ? 3.964   -7.496  20.579  1.00 119.21 ? 38   GLU A CG  1 
ATOM   69   C  CD  . GLU A 1 12  ? 2.854   -7.508  21.611  1.00 122.82 ? 38   GLU A CD  1 
ATOM   70   O  OE1 . GLU A 1 12  ? 3.166   -7.576  22.818  1.00 123.56 ? 38   GLU A OE1 1 
ATOM   71   O  OE2 . GLU A 1 12  ? 1.671   -7.442  21.214  1.00 125.32 ? 38   GLU A OE2 1 
ATOM   72   N  N   . PRO A 1 13  ? 5.732   -4.313  23.236  1.00 116.90 ? 39   PRO A N   1 
ATOM   73   C  CA  . PRO A 1 13  ? 6.742   -3.669  24.081  1.00 117.45 ? 39   PRO A CA  1 
ATOM   74   C  C   . PRO A 1 13  ? 8.123   -4.292  23.901  1.00 119.39 ? 39   PRO A C   1 
ATOM   75   O  O   . PRO A 1 13  ? 8.299   -5.484  24.152  1.00 116.04 ? 39   PRO A O   1 
ATOM   76   C  CB  . PRO A 1 13  ? 6.217   -3.907  25.499  1.00 117.98 ? 39   PRO A CB  1 
ATOM   77   C  CG  . PRO A 1 13  ? 4.749   -4.083  25.331  1.00 117.16 ? 39   PRO A CG  1 
ATOM   78   C  CD  . PRO A 1 13  ? 4.578   -4.784  24.019  1.00 114.85 ? 39   PRO A CD  1 
ATOM   79   N  N   . MET A 1 14  ? 9.085   -3.486  23.464  1.00 111.11 ? 40   MET A N   1 
ATOM   80   C  CA  . MET A 1 14  ? 10.444  -3.965  23.239  1.00 118.02 ? 40   MET A CA  1 
ATOM   81   C  C   . MET A 1 14  ? 11.141  -4.299  24.553  1.00 122.03 ? 40   MET A C   1 
ATOM   82   O  O   . MET A 1 14  ? 11.302  -3.436  25.416  1.00 118.25 ? 40   MET A O   1 
ATOM   83   C  CB  . MET A 1 14  ? 11.253  -2.924  22.462  1.00 114.06 ? 40   MET A CB  1 
ATOM   84   C  CG  . MET A 1 14  ? 10.698  -2.618  21.080  1.00 111.10 ? 40   MET A CG  1 
ATOM   85   S  SD  . MET A 1 14  ? 10.920  -3.978  19.920  1.00 107.93 ? 40   MET A SD  1 
ATOM   86   C  CE  . MET A 1 14  ? 12.688  -3.899  19.644  1.00 106.14 ? 40   MET A CE  1 
ATOM   87   N  N   . ASP A 1 15  ? 11.552  -5.554  24.699  1.00 121.20 ? 41   ASP A N   1 
ATOM   88   C  CA  . ASP A 1 15  ? 12.258  -5.995  25.897  1.00 128.19 ? 41   ASP A CA  1 
ATOM   89   C  C   . ASP A 1 15  ? 13.668  -5.416  25.952  1.00 128.08 ? 41   ASP A C   1 
ATOM   90   O  O   . ASP A 1 15  ? 14.105  -4.726  25.031  1.00 121.52 ? 41   ASP A O   1 
ATOM   91   C  CB  . ASP A 1 15  ? 12.320  -7.524  25.956  1.00 130.73 ? 41   ASP A CB  1 
ATOM   92   C  CG  . ASP A 1 15  ? 10.950  -8.160  26.087  1.00 142.13 ? 41   ASP A CG  1 
ATOM   93   O  OD1 . ASP A 1 15  ? 10.023  -7.485  26.583  1.00 146.43 ? 41   ASP A OD1 1 
ATOM   94   O  OD2 . ASP A 1 15  ? 10.802  -9.339  25.699  1.00 143.44 ? 41   ASP A OD2 1 
ATOM   95   N  N   . ILE A 1 16  ? 14.376  -5.703  27.038  1.00 131.32 ? 42   ILE A N   1 
ATOM   96   C  CA  . ILE A 1 16  ? 15.754  -5.253  27.190  1.00 126.90 ? 42   ILE A CA  1 
ATOM   97   C  C   . ILE A 1 16  ? 16.696  -6.062  26.304  1.00 125.06 ? 42   ILE A C   1 
ATOM   98   O  O   . ILE A 1 16  ? 17.815  -5.637  26.019  1.00 127.25 ? 42   ILE A O   1 
ATOM   99   C  CB  . ILE A 1 16  ? 16.220  -5.341  28.659  1.00 128.59 ? 42   ILE A CB  1 
ATOM   100  C  CG1 . ILE A 1 16  ? 15.420  -6.403  29.424  1.00 133.94 ? 42   ILE A CG1 1 
ATOM   101  C  CG2 . ILE A 1 16  ? 16.069  -3.991  29.342  1.00 118.59 ? 42   ILE A CG2 1 
ATOM   102  C  CD1 . ILE A 1 16  ? 15.817  -7.835  29.118  1.00 124.30 ? 42   ILE A CD1 1 
ATOM   103  N  N   . THR A 1 17  ? 16.235  -7.230  25.869  1.00 124.39 ? 43   THR A N   1 
ATOM   104  C  CA  . THR A 1 17  ? 17.009  -8.071  24.965  1.00 127.36 ? 43   THR A CA  1 
ATOM   105  C  C   . THR A 1 17  ? 16.716  -7.707  23.514  1.00 127.96 ? 43   THR A C   1 
ATOM   106  O  O   . THR A 1 17  ? 17.431  -8.120  22.601  1.00 127.28 ? 43   THR A O   1 
ATOM   107  C  CB  . THR A 1 17  ? 16.709  -9.566  25.184  1.00 124.04 ? 43   THR A CB  1 
ATOM   108  N  N   . ASP A 1 18  ? 15.658  -6.927  23.312  1.00 127.27 ? 44   ASP A N   1 
ATOM   109  C  CA  . ASP A 1 18  ? 15.240  -6.528  21.973  1.00 121.87 ? 44   ASP A CA  1 
ATOM   110  C  C   . ASP A 1 18  ? 15.727  -5.128  21.612  1.00 122.11 ? 44   ASP A C   1 
ATOM   111  O  O   . ASP A 1 18  ? 16.072  -4.864  20.459  1.00 121.18 ? 44   ASP A O   1 
ATOM   112  C  CB  . ASP A 1 18  ? 13.715  -6.598  21.851  1.00 122.24 ? 44   ASP A CB  1 
ATOM   113  C  CG  . ASP A 1 18  ? 13.200  -8.024  21.795  1.00 123.24 ? 44   ASP A CG  1 
ATOM   114  O  OD1 . ASP A 1 18  ? 13.919  -8.896  21.263  1.00 119.74 ? 44   ASP A OD1 1 
ATOM   115  O  OD2 . ASP A 1 18  ? 12.075  -8.272  22.280  1.00 128.85 ? 44   ASP A OD2 1 
ATOM   116  N  N   . LYS A 1 19  ? 15.752  -4.234  22.597  1.00 120.81 ? 45   LYS A N   1 
ATOM   117  C  CA  . LYS A 1 19  ? 16.192  -2.858  22.376  1.00 120.23 ? 45   LYS A CA  1 
ATOM   118  C  C   . LYS A 1 19  ? 17.670  -2.784  22.007  1.00 121.53 ? 45   LYS A C   1 
ATOM   119  O  O   . LYS A 1 19  ? 18.111  -1.831  21.365  1.00 120.92 ? 45   LYS A O   1 
ATOM   120  C  CB  . LYS A 1 19  ? 15.926  -2.001  23.616  1.00 122.14 ? 45   LYS A CB  1 
ATOM   121  C  CG  . LYS A 1 19  ? 14.464  -1.650  23.834  1.00 117.23 ? 45   LYS A CG  1 
ATOM   122  C  CD  . LYS A 1 19  ? 14.295  -0.710  25.017  1.00 119.24 ? 45   LYS A CD  1 
ATOM   123  C  CE  . LYS A 1 19  ? 12.839  -0.320  25.211  1.00 121.19 ? 45   LYS A CE  1 
ATOM   124  N  NZ  . LYS A 1 19  ? 12.648  0.580   26.383  1.00 119.85 ? 45   LYS A NZ  1 
ATOM   125  N  N   . ASN A 1 20  ? 18.432  -3.792  22.422  1.00 117.48 ? 46   ASN A N   1 
ATOM   126  C  CA  . ASN A 1 20  ? 19.857  -3.845  22.126  1.00 114.43 ? 46   ASN A CA  1 
ATOM   127  C  C   . ASN A 1 20  ? 20.157  -4.813  20.987  1.00 111.97 ? 46   ASN A C   1 
ATOM   128  O  O   . ASN A 1 20  ? 21.288  -5.274  20.830  1.00 111.64 ? 46   ASN A O   1 
ATOM   129  C  CB  . ASN A 1 20  ? 20.646  -4.243  23.374  1.00 123.01 ? 46   ASN A CB  1 
ATOM   130  C  CG  . ASN A 1 20  ? 20.312  -3.377  24.572  1.00 129.07 ? 46   ASN A CG  1 
ATOM   131  O  OD1 . ASN A 1 20  ? 20.867  -2.291  24.741  1.00 127.02 ? 46   ASN A OD1 1 
ATOM   132  N  ND2 . ASN A 1 20  ? 19.399  -3.854  25.410  1.00 128.30 ? 46   ASN A ND2 1 
ATOM   133  N  N   . PHE A 1 21  ? 19.132  -5.115  20.197  1.00 110.98 ? 47   PHE A N   1 
ATOM   134  C  CA  . PHE A 1 21  ? 19.271  -6.022  19.067  1.00 103.71 ? 47   PHE A CA  1 
ATOM   135  C  C   . PHE A 1 21  ? 19.249  -5.250  17.749  1.00 104.94 ? 47   PHE A C   1 
ATOM   136  O  O   . PHE A 1 21  ? 18.237  -4.649  17.388  1.00 102.15 ? 47   PHE A O   1 
ATOM   137  C  CB  . PHE A 1 21  ? 18.161  -7.078  19.095  1.00 96.35  ? 47   PHE A CB  1 
ATOM   138  C  CG  . PHE A 1 21  ? 18.193  -8.031  17.934  1.00 95.45  ? 47   PHE A CG  1 
ATOM   139  C  CD1 . PHE A 1 21  ? 19.386  -8.598  17.514  1.00 91.85  ? 47   PHE A CD1 1 
ATOM   140  C  CD2 . PHE A 1 21  ? 17.025  -8.375  17.272  1.00 93.46  ? 47   PHE A CD2 1 
ATOM   141  C  CE1 . PHE A 1 21  ? 19.415  -9.478  16.448  1.00 91.19  ? 47   PHE A CE1 1 
ATOM   142  C  CE2 . PHE A 1 21  ? 17.046  -9.255  16.207  1.00 87.37  ? 47   PHE A CE2 1 
ATOM   143  C  CZ  . PHE A 1 21  ? 18.243  -9.808  15.794  1.00 90.72  ? 47   PHE A CZ  1 
ATOM   144  N  N   . PHE A 1 22  ? 20.377  -5.261  17.045  1.00 99.52  ? 48   PHE A N   1 
ATOM   145  C  CA  . PHE A 1 22  ? 20.495  -4.575  15.763  1.00 95.16  ? 48   PHE A CA  1 
ATOM   146  C  C   . PHE A 1 22  ? 20.792  -5.559  14.636  1.00 94.23  ? 48   PHE A C   1 
ATOM   147  O  O   . PHE A 1 22  ? 21.947  -5.740  14.253  1.00 92.46  ? 48   PHE A O   1 
ATOM   148  C  CB  . PHE A 1 22  ? 21.589  -3.506  15.821  1.00 96.90  ? 48   PHE A CB  1 
ATOM   149  C  CG  . PHE A 1 22  ? 21.271  -2.360  16.736  1.00 103.31 ? 48   PHE A CG  1 
ATOM   150  C  CD1 . PHE A 1 22  ? 20.498  -1.299  16.294  1.00 95.15  ? 48   PHE A CD1 1 
ATOM   151  C  CD2 . PHE A 1 22  ? 21.746  -2.340  18.037  1.00 103.76 ? 48   PHE A CD2 1 
ATOM   152  C  CE1 . PHE A 1 22  ? 20.203  -0.241  17.132  1.00 93.63  ? 48   PHE A CE1 1 
ATOM   153  C  CE2 . PHE A 1 22  ? 21.455  -1.285  18.880  1.00 104.68 ? 48   PHE A CE2 1 
ATOM   154  C  CZ  . PHE A 1 22  ? 20.683  -0.234  18.427  1.00 97.94  ? 48   PHE A CZ  1 
ATOM   155  N  N   . PRO A 1 23  ? 19.740  -6.194  14.096  1.00 94.18  ? 49   PRO A N   1 
ATOM   156  C  CA  . PRO A 1 23  ? 19.883  -7.213  13.050  1.00 95.83  ? 49   PRO A CA  1 
ATOM   157  C  C   . PRO A 1 23  ? 20.402  -6.652  11.727  1.00 94.41  ? 49   PRO A C   1 
ATOM   158  O  O   . PRO A 1 23  ? 20.952  -7.400  10.918  1.00 97.13  ? 49   PRO A O   1 
ATOM   159  C  CB  . PRO A 1 23  ? 18.458  -7.748  12.890  1.00 97.04  ? 49   PRO A CB  1 
ATOM   160  C  CG  . PRO A 1 23  ? 17.583  -6.634  13.345  1.00 93.81  ? 49   PRO A CG  1 
ATOM   161  C  CD  . PRO A 1 23  ? 18.331  -5.968  14.458  1.00 89.91  ? 49   PRO A CD  1 
ATOM   162  N  N   . CYS A 1 24  ? 20.229  -5.352  11.516  1.00 95.57  ? 50   CYS A N   1 
ATOM   163  C  CA  . CYS A 1 24  ? 20.674  -4.705  10.288  1.00 93.91  ? 50   CYS A CA  1 
ATOM   164  C  C   . CYS A 1 24  ? 21.486  -3.453  10.608  1.00 89.74  ? 50   CYS A C   1 
ATOM   165  O  O   . CYS A 1 24  ? 21.135  -2.702  11.517  1.00 94.24  ? 50   CYS A O   1 
ATOM   166  C  CB  . CYS A 1 24  ? 19.472  -4.355  9.405   1.00 94.98  ? 50   CYS A CB  1 
ATOM   167  S  SG  . CYS A 1 24  ? 19.881  -3.844  7.722   1.00 100.73 ? 50   CYS A SG  1 
ATOM   168  N  N   . PRO A 1 25  ? 22.586  -3.230  9.868   1.00 92.10  ? 51   PRO A N   1 
ATOM   169  C  CA  . PRO A 1 25  ? 23.461  -2.064  10.064  1.00 95.91  ? 51   PRO A CA  1 
ATOM   170  C  C   . PRO A 1 25  ? 22.757  -0.715  9.899   1.00 92.47  ? 51   PRO A C   1 
ATOM   171  O  O   . PRO A 1 25  ? 23.302  0.308   10.316  1.00 91.34  ? 51   PRO A O   1 
ATOM   172  C  CB  . PRO A 1 25  ? 24.535  -2.243  8.980   1.00 87.47  ? 51   PRO A CB  1 
ATOM   173  C  CG  . PRO A 1 25  ? 23.975  -3.251  8.021   1.00 93.97  ? 51   PRO A CG  1 
ATOM   174  C  CD  . PRO A 1 25  ? 23.128  -4.151  8.856   1.00 93.22  ? 51   PRO A CD  1 
ATOM   175  N  N   . CYS A 1 26  ? 21.566  -0.712  9.306   1.00 88.89  ? 52   CYS A N   1 
ATOM   176  C  CA  . CYS A 1 26  ? 20.831  0.529   9.082   1.00 84.98  ? 52   CYS A CA  1 
ATOM   177  C  C   . CYS A 1 26  ? 20.257  1.084   10.383  1.00 81.67  ? 52   CYS A C   1 
ATOM   178  O  O   . CYS A 1 26  ? 20.046  2.289   10.510  1.00 89.59  ? 52   CYS A O   1 
ATOM   179  C  CB  . CYS A 1 26  ? 19.707  0.309   8.068   1.00 83.60  ? 52   CYS A CB  1 
ATOM   180  S  SG  . CYS A 1 26  ? 18.356  -0.720  8.665   1.00 88.76  ? 52   CYS A SG  1 
ATOM   181  N  N   . GLY A 1 27  ? 19.999  0.201   11.341  1.00 85.64  ? 53   GLY A N   1 
ATOM   182  C  CA  . GLY A 1 27  ? 19.510  0.620   12.642  1.00 89.33  ? 53   GLY A CA  1 
ATOM   183  C  C   . GLY A 1 27  ? 18.037  0.347   12.877  1.00 89.27  ? 53   GLY A C   1 
ATOM   184  O  O   . GLY A 1 27  ? 17.506  0.652   13.947  1.00 90.21  ? 53   GLY A O   1 
ATOM   185  N  N   . TYR A 1 28  ? 17.371  -0.223  11.878  1.00 83.35  ? 54   TYR A N   1 
ATOM   186  C  CA  . TYR A 1 28  ? 15.953  -0.545  11.994  1.00 80.09  ? 54   TYR A CA  1 
ATOM   187  C  C   . TYR A 1 28  ? 15.752  -1.706  12.966  1.00 96.69  ? 54   TYR A C   1 
ATOM   188  O  O   . TYR A 1 28  ? 16.281  -2.797  12.759  1.00 90.19  ? 54   TYR A O   1 
ATOM   189  C  CB  . TYR A 1 28  ? 15.368  -0.883  10.622  1.00 76.78  ? 54   TYR A CB  1 
ATOM   190  C  CG  . TYR A 1 28  ? 13.859  -0.867  10.573  1.00 82.78  ? 54   TYR A CG  1 
ATOM   191  C  CD1 . TYR A 1 28  ? 13.156  0.324   10.694  1.00 84.46  ? 54   TYR A CD1 1 
ATOM   192  C  CD2 . TYR A 1 28  ? 13.137  -2.040  10.395  1.00 84.13  ? 54   TYR A CD2 1 
ATOM   193  C  CE1 . TYR A 1 28  ? 11.777  0.347   10.648  1.00 82.17  ? 54   TYR A CE1 1 
ATOM   194  C  CE2 . TYR A 1 28  ? 11.754  -2.026  10.347  1.00 84.19  ? 54   TYR A CE2 1 
ATOM   195  C  CZ  . TYR A 1 28  ? 11.081  -0.829  10.474  1.00 89.22  ? 54   TYR A CZ  1 
ATOM   196  O  OH  . TYR A 1 28  ? 9.706   -0.807  10.425  1.00 93.04  ? 54   TYR A OH  1 
ATOM   197  N  N   . GLN A 1 29  ? 14.987  -1.464  14.027  1.00 94.88  ? 55   GLN A N   1 
ATOM   198  C  CA  . GLN A 1 29  ? 14.811  -2.459  15.083  1.00 93.14  ? 55   GLN A CA  1 
ATOM   199  C  C   . GLN A 1 29  ? 13.433  -3.116  15.067  1.00 94.98  ? 55   GLN A C   1 
ATOM   200  O  O   . GLN A 1 29  ? 12.407  -2.438  15.020  1.00 91.45  ? 55   GLN A O   1 
ATOM   201  C  CB  . GLN A 1 29  ? 15.055  -1.825  16.454  1.00 93.40  ? 55   GLN A CB  1 
ATOM   202  C  CG  . GLN A 1 29  ? 16.495  -1.421  16.707  1.00 95.62  ? 55   GLN A CG  1 
ATOM   203  C  CD  . GLN A 1 29  ? 16.721  -0.936  18.125  1.00 105.30 ? 55   GLN A CD  1 
ATOM   204  O  OE1 . GLN A 1 29  ? 16.264  0.142   18.505  1.00 104.10 ? 55   GLN A OE1 1 
ATOM   205  N  NE2 . GLN A 1 29  ? 17.425  -1.736  18.920  1.00 105.58 ? 55   GLN A NE2 1 
ATOM   206  N  N   . ILE A 1 30  ? 13.426  -4.445  15.112  1.00 97.59  ? 56   ILE A N   1 
ATOM   207  C  CA  . ILE A 1 30  ? 12.192  -5.219  15.205  1.00 98.60  ? 56   ILE A CA  1 
ATOM   208  C  C   . ILE A 1 30  ? 12.325  -6.279  16.296  1.00 97.42  ? 56   ILE A C   1 
ATOM   209  O  O   . ILE A 1 30  ? 13.422  -6.526  16.794  1.00 100.17 ? 56   ILE A O   1 
ATOM   210  C  CB  . ILE A 1 30  ? 11.840  -5.901  13.868  1.00 93.83  ? 56   ILE A CB  1 
ATOM   211  C  CG1 . ILE A 1 30  ? 12.949  -6.869  13.453  1.00 80.46  ? 56   ILE A CG1 1 
ATOM   212  C  CG2 . ILE A 1 30  ? 11.597  -4.863  12.781  1.00 89.63  ? 56   ILE A CG2 1 
ATOM   213  C  CD1 . ILE A 1 30  ? 12.693  -7.555  12.130  1.00 75.50  ? 56   ILE A CD1 1 
ATOM   214  N  N   . CYS A 1 31  ? 11.208  -6.902  16.663  1.00 103.15 ? 57   CYS A N   1 
ATOM   215  C  CA  . CYS A 1 31  ? 11.214  -7.926  17.704  1.00 103.97 ? 57   CYS A CA  1 
ATOM   216  C  C   . CYS A 1 31  ? 11.987  -9.172  17.285  1.00 99.38  ? 57   CYS A C   1 
ATOM   217  O  O   . CYS A 1 31  ? 12.243  -9.391  16.102  1.00 90.94  ? 57   CYS A O   1 
ATOM   218  C  CB  . CYS A 1 31  ? 9.785   -8.318  18.087  1.00 99.36  ? 57   CYS A CB  1 
ATOM   219  S  SG  . CYS A 1 31  ? 9.099   -7.383  19.470  1.00 131.69 ? 57   CYS A SG  1 
ATOM   220  N  N   . GLN A 1 32  ? 12.350  -9.987  18.270  1.00 108.50 ? 58   GLN A N   1 
ATOM   221  C  CA  . GLN A 1 32  ? 13.073  -11.225 18.017  1.00 101.40 ? 58   GLN A CA  1 
ATOM   222  C  C   . GLN A 1 32  ? 12.186  -12.227 17.287  1.00 97.15  ? 58   GLN A C   1 
ATOM   223  O  O   . GLN A 1 32  ? 12.677  -13.091 16.560  1.00 100.07 ? 58   GLN A O   1 
ATOM   224  C  CB  . GLN A 1 32  ? 13.584  -11.829 19.326  1.00 106.72 ? 58   GLN A CB  1 
ATOM   225  N  N   . PHE A 1 33  ? 10.878  -12.101 17.484  1.00 94.56  ? 59   PHE A N   1 
ATOM   226  C  CA  . PHE A 1 33  ? 9.917   -12.989 16.840  1.00 97.95  ? 59   PHE A CA  1 
ATOM   227  C  C   . PHE A 1 33  ? 9.637   -12.549 15.404  1.00 92.15  ? 59   PHE A C   1 
ATOM   228  O  O   . PHE A 1 33  ? 9.533   -13.382 14.505  1.00 82.61  ? 59   PHE A O   1 
ATOM   229  C  CB  . PHE A 1 33  ? 8.616   -13.045 17.642  1.00 101.02 ? 59   PHE A CB  1 
ATOM   230  C  CG  . PHE A 1 33  ? 8.794   -13.529 19.054  1.00 101.30 ? 59   PHE A CG  1 
ATOM   231  C  CD1 . PHE A 1 33  ? 9.123   -14.850 19.309  1.00 102.39 ? 59   PHE A CD1 1 
ATOM   232  C  CD2 . PHE A 1 33  ? 8.628   -12.665 20.125  1.00 102.12 ? 59   PHE A CD2 1 
ATOM   233  C  CE1 . PHE A 1 33  ? 9.289   -15.301 20.606  1.00 101.27 ? 59   PHE A CE1 1 
ATOM   234  C  CE2 . PHE A 1 33  ? 8.792   -13.110 21.424  1.00 109.73 ? 59   PHE A CE2 1 
ATOM   235  C  CZ  . PHE A 1 33  ? 9.122   -14.430 21.664  1.00 107.10 ? 59   PHE A CZ  1 
ATOM   236  N  N   . CYS A 1 34  ? 9.516   -11.241 15.196  1.00 101.22 ? 60   CYS A N   1 
ATOM   237  C  CA  . CYS A 1 34  ? 9.325   -10.696 13.856  1.00 90.18  ? 60   CYS A CA  1 
ATOM   238  C  C   . CYS A 1 34  ? 10.565  -10.930 13.002  1.00 85.72  ? 60   CYS A C   1 
ATOM   239  O  O   . CYS A 1 34  ? 10.469  -11.144 11.793  1.00 84.42  ? 60   CYS A O   1 
ATOM   240  C  CB  . CYS A 1 34  ? 9.003   -9.200  13.917  1.00 86.74  ? 60   CYS A CB  1 
ATOM   241  S  SG  . CYS A 1 34  ? 7.334   -8.810  14.498  1.00 83.94  ? 60   CYS A SG  1 
ATOM   242  N  N   . TYR A 1 35  ? 11.727  -10.889 13.644  1.00 85.75  ? 61   TYR A N   1 
ATOM   243  C  CA  . TYR A 1 35  ? 12.995  -11.159 12.975  1.00 86.81  ? 61   TYR A CA  1 
ATOM   244  C  C   . TYR A 1 35  ? 13.033  -12.582 12.428  1.00 94.91  ? 61   TYR A C   1 
ATOM   245  O  O   . TYR A 1 35  ? 13.237  -12.791 11.231  1.00 91.43  ? 61   TYR A O   1 
ATOM   246  C  CB  . TYR A 1 35  ? 14.161  -10.927 13.939  1.00 91.41  ? 61   TYR A CB  1 
ATOM   247  C  CG  . TYR A 1 35  ? 15.502  -11.392 13.419  1.00 93.95  ? 61   TYR A CG  1 
ATOM   248  C  CD1 . TYR A 1 35  ? 16.219  -10.630 12.507  1.00 94.04  ? 61   TYR A CD1 1 
ATOM   249  C  CD2 . TYR A 1 35  ? 16.054  -12.594 13.843  1.00 94.64  ? 61   TYR A CD2 1 
ATOM   250  C  CE1 . TYR A 1 35  ? 17.446  -11.054 12.031  1.00 93.74  ? 61   TYR A CE1 1 
ATOM   251  C  CE2 . TYR A 1 35  ? 17.279  -13.024 13.374  1.00 92.46  ? 61   TYR A CE2 1 
ATOM   252  C  CZ  . TYR A 1 35  ? 17.971  -12.250 12.470  1.00 87.14  ? 61   TYR A CZ  1 
ATOM   253  O  OH  . TYR A 1 35  ? 19.192  -12.678 12.000  1.00 88.51  ? 61   TYR A OH  1 
ATOM   254  N  N   . ASN A 1 36  ? 12.828  -13.556 13.311  1.00 95.01  ? 62   ASN A N   1 
ATOM   255  C  CA  . ASN A 1 36  ? 12.837  -14.962 12.925  1.00 88.51  ? 62   ASN A CA  1 
ATOM   256  C  C   . ASN A 1 36  ? 11.726  -15.300 11.936  1.00 89.52  ? 62   ASN A C   1 
ATOM   257  O  O   . ASN A 1 36  ? 11.892  -16.169 11.080  1.00 89.03  ? 62   ASN A O   1 
ATOM   258  C  CB  . ASN A 1 36  ? 12.719  -15.855 14.161  1.00 88.14  ? 62   ASN A CB  1 
ATOM   259  C  CG  . ASN A 1 36  ? 13.926  -15.754 15.073  1.00 98.36  ? 62   ASN A CG  1 
ATOM   260  O  OD1 . ASN A 1 36  ? 15.012  -16.229 14.739  1.00 101.16 ? 62   ASN A OD1 1 
ATOM   261  N  ND2 . ASN A 1 36  ? 13.739  -15.141 16.236  1.00 103.61 ? 62   ASN A ND2 1 
ATOM   262  N  N   . ASN A 1 37  ? 10.597  -14.608 12.060  1.00 88.82  ? 63   ASN A N   1 
ATOM   263  C  CA  . ASN A 1 37  ? 9.472   -14.797 11.149  1.00 88.78  ? 63   ASN A CA  1 
ATOM   264  C  C   . ASN A 1 37  ? 9.871   -14.490 9.711   1.00 95.71  ? 63   ASN A C   1 
ATOM   265  O  O   . ASN A 1 37  ? 9.558   -15.248 8.795   1.00 98.26  ? 63   ASN A O   1 
ATOM   266  C  CB  . ASN A 1 37  ? 8.286   -13.920 11.563  1.00 85.20  ? 63   ASN A CB  1 
ATOM   267  C  CG  . ASN A 1 37  ? 7.080   -14.089 10.651  1.00 85.31  ? 63   ASN A CG  1 
ATOM   268  O  OD1 . ASN A 1 37  ? 6.943   -15.100 9.960   1.00 93.13  ? 63   ASN A OD1 1 
ATOM   269  N  ND2 . ASN A 1 37  ? 6.197   -13.098 10.651  1.00 76.41  ? 63   ASN A ND2 1 
ATOM   270  N  N   . ILE A 1 38  ? 10.574  -13.378 9.525   1.00 97.44  ? 64   ILE A N   1 
ATOM   271  C  CA  . ILE A 1 38  ? 11.002  -12.945 8.201   1.00 99.08  ? 64   ILE A CA  1 
ATOM   272  C  C   . ILE A 1 38  ? 11.977  -13.928 7.561   1.00 99.93  ? 64   ILE A C   1 
ATOM   273  O  O   . ILE A 1 38  ? 11.832  -14.281 6.391   1.00 103.24 ? 64   ILE A O   1 
ATOM   274  C  CB  . ILE A 1 38  ? 11.664  -11.552 8.252   1.00 104.88 ? 64   ILE A CB  1 
ATOM   275  N  N   . ARG A 1 39  ? 12.964  -14.372 8.332   1.00 97.54  ? 65   ARG A N   1 
ATOM   276  C  CA  . ARG A 1 39  ? 14.011  -15.239 7.798   1.00 98.87  ? 65   ARG A CA  1 
ATOM   277  C  C   . ARG A 1 39  ? 13.529  -16.655 7.477   1.00 99.23  ? 65   ARG A C   1 
ATOM   278  O  O   . ARG A 1 39  ? 13.960  -17.249 6.491   1.00 103.49 ? 65   ARG A O   1 
ATOM   279  C  CB  . ARG A 1 39  ? 15.190  -15.312 8.777   1.00 96.41  ? 65   ARG A CB  1 
ATOM   280  C  CG  . ARG A 1 39  ? 15.821  -13.968 9.113   1.00 96.03  ? 65   ARG A CG  1 
ATOM   281  C  CD  . ARG A 1 39  ? 17.217  -14.139 9.702   1.00 88.11  ? 65   ARG A CD  1 
ATOM   282  N  NE  . ARG A 1 39  ? 18.171  -14.649 8.719   1.00 92.94  ? 65   ARG A NE  1 
ATOM   283  C  CZ  . ARG A 1 39  ? 19.469  -14.827 8.953   1.00 101.14 ? 65   ARG A CZ  1 
ATOM   284  N  NH1 . ARG A 1 39  ? 19.979  -14.536 10.142  1.00 105.05 ? 65   ARG A NH1 1 
ATOM   285  N  NH2 . ARG A 1 39  ? 20.259  -15.295 7.995   1.00 98.33  ? 65   ARG A NH2 1 
ATOM   286  N  N   . GLN A 1 40  ? 12.634  -17.190 8.304   1.00 99.39  ? 66   GLN A N   1 
ATOM   287  C  CA  . GLN A 1 40  ? 12.253  -18.601 8.214   1.00 95.77  ? 66   GLN A CA  1 
ATOM   288  C  C   . GLN A 1 40  ? 11.049  -18.886 7.310   1.00 94.22  ? 66   GLN A C   1 
ATOM   289  O  O   . GLN A 1 40  ? 11.087  -19.814 6.502   1.00 98.52  ? 66   GLN A O   1 
ATOM   290  C  CB  . GLN A 1 40  ? 11.986  -19.151 9.620   1.00 95.30  ? 66   GLN A CB  1 
ATOM   291  C  CG  . GLN A 1 40  ? 13.224  -19.219 10.501  1.00 98.98  ? 66   GLN A CG  1 
ATOM   292  C  CD  . GLN A 1 40  ? 12.972  -19.965 11.798  1.00 101.69 ? 66   GLN A CD  1 
ATOM   293  O  OE1 . GLN A 1 40  ? 11.840  -20.033 12.276  1.00 98.05  ? 66   GLN A OE1 1 
ATOM   294  N  NE2 . GLN A 1 40  ? 14.027  -20.536 12.369  1.00 98.03  ? 66   GLN A NE2 1 
ATOM   295  N  N   . ASN A 1 41  ? 9.989   -18.094 7.459   1.00 93.83  ? 67   ASN A N   1 
ATOM   296  C  CA  . ASN A 1 41  ? 8.780   -18.226 6.641   1.00 91.92  ? 67   ASN A CA  1 
ATOM   297  C  C   . ASN A 1 41  ? 9.106   -18.339 5.152   1.00 98.32  ? 67   ASN A C   1 
ATOM   298  O  O   . ASN A 1 41  ? 9.770   -17.464 4.589   1.00 105.70 ? 67   ASN A O   1 
ATOM   299  C  CB  . ASN A 1 41  ? 7.850   -17.032 6.893   1.00 91.56  ? 67   ASN A CB  1 
ATOM   300  C  CG  . ASN A 1 41  ? 6.448   -17.237 6.341   1.00 94.97  ? 67   ASN A CG  1 
ATOM   301  O  OD1 . ASN A 1 41  ? 6.263   -17.693 5.215   1.00 101.57 ? 67   ASN A OD1 1 
ATOM   302  N  ND2 . ASN A 1 41  ? 5.447   -16.891 7.145   1.00 86.97  ? 67   ASN A ND2 1 
ATOM   303  N  N   . PRO A 1 42  ? 8.649   -19.433 4.517   1.00 104.79 ? 68   PRO A N   1 
ATOM   304  C  CA  . PRO A 1 42  ? 8.956   -19.739 3.115   1.00 101.98 ? 68   PRO A CA  1 
ATOM   305  C  C   . PRO A 1 42  ? 8.526   -18.643 2.151   1.00 104.35 ? 68   PRO A C   1 
ATOM   306  O  O   . PRO A 1 42  ? 9.229   -18.387 1.175   1.00 114.12 ? 68   PRO A O   1 
ATOM   307  C  CB  . PRO A 1 42  ? 8.163   -21.031 2.852   1.00 105.61 ? 68   PRO A CB  1 
ATOM   308  C  CG  . PRO A 1 42  ? 7.139   -21.080 3.935   1.00 95.94  ? 68   PRO A CG  1 
ATOM   309  C  CD  . PRO A 1 42  ? 7.800   -20.474 5.118   1.00 102.41 ? 68   PRO A CD  1 
ATOM   310  N  N   . GLU A 1 43  ? 7.400   -17.995 2.429   1.00 97.92  ? 69   GLU A N   1 
ATOM   311  C  CA  . GLU A 1 43  ? 6.870   -16.979 1.531   1.00 106.70 ? 69   GLU A CA  1 
ATOM   312  C  C   . GLU A 1 43  ? 7.588   -15.640 1.688   1.00 107.18 ? 69   GLU A C   1 
ATOM   313  O  O   . GLU A 1 43  ? 7.653   -14.850 0.745   1.00 102.43 ? 69   GLU A O   1 
ATOM   314  C  CB  . GLU A 1 43  ? 5.363   -16.805 1.759   1.00 106.28 ? 69   GLU A CB  1 
ATOM   315  C  CG  . GLU A 1 43  ? 4.604   -18.124 1.801   1.00 106.05 ? 69   GLU A CG  1 
ATOM   316  C  CD  . GLU A 1 43  ? 3.227   -18.044 1.162   1.00 114.25 ? 69   GLU A CD  1 
ATOM   317  O  OE1 . GLU A 1 43  ? 2.649   -16.938 1.112   1.00 116.23 ? 69   GLU A OE1 1 
ATOM   318  O  OE2 . GLU A 1 43  ? 2.723   -19.093 0.707   1.00 114.26 ? 69   GLU A OE2 1 
ATOM   319  N  N   . LEU A 1 44  ? 8.130   -15.389 2.875   1.00 106.05 ? 70   LEU A N   1 
ATOM   320  C  CA  . LEU A 1 44  ? 8.801   -14.122 3.153   1.00 97.88  ? 70   LEU A CA  1 
ATOM   321  C  C   . LEU A 1 44  ? 10.204  -14.092 2.558   1.00 104.59 ? 70   LEU A C   1 
ATOM   322  O  O   . LEU A 1 44  ? 10.862  -15.126 2.440   1.00 107.48 ? 70   LEU A O   1 
ATOM   323  C  CB  . LEU A 1 44  ? 8.857   -13.861 4.662   1.00 96.52  ? 70   LEU A CB  1 
ATOM   324  C  CG  . LEU A 1 44  ? 7.495   -13.727 5.345   1.00 91.71  ? 70   LEU A CG  1 
ATOM   325  C  CD1 . LEU A 1 44  ? 7.638   -13.215 6.773   1.00 88.64  ? 70   LEU A CD1 1 
ATOM   326  C  CD2 . LEU A 1 44  ? 6.570   -12.829 4.538   1.00 87.29  ? 70   LEU A CD2 1 
ATOM   327  N  N   . ASN A 1 45  ? 10.648  -12.896 2.182   1.00 105.75 ? 71   ASN A N   1 
ATOM   328  C  CA  . ASN A 1 45  ? 11.946  -12.700 1.547   1.00 103.91 ? 71   ASN A CA  1 
ATOM   329  C  C   . ASN A 1 45  ? 13.112  -12.853 2.518   1.00 105.02 ? 71   ASN A C   1 
ATOM   330  O  O   . ASN A 1 45  ? 14.164  -13.389 2.161   1.00 114.87 ? 71   ASN A O   1 
ATOM   331  C  CB  . ASN A 1 45  ? 11.994  -11.320 0.888   1.00 105.06 ? 71   ASN A CB  1 
ATOM   332  C  CG  . ASN A 1 45  ? 11.451  -10.226 1.790   1.00 107.47 ? 71   ASN A CG  1 
ATOM   333  O  OD1 . ASN A 1 45  ? 11.808  -10.136 2.965   1.00 111.58 ? 71   ASN A OD1 1 
ATOM   334  N  ND2 . ASN A 1 45  ? 10.574  -9.393  1.244   1.00 108.35 ? 71   ASN A ND2 1 
ATOM   335  N  N   . GLY A 1 46  ? 12.925  -12.370 3.741   1.00 101.09 ? 72   GLY A N   1 
ATOM   336  C  CA  . GLY A 1 46  ? 13.947  -12.482 4.765   1.00 99.69  ? 72   GLY A CA  1 
ATOM   337  C  C   . GLY A 1 46  ? 14.993  -11.385 4.703   1.00 102.85 ? 72   GLY A C   1 
ATOM   338  O  O   . GLY A 1 46  ? 16.191  -11.657 4.757   1.00 100.06 ? 72   GLY A O   1 
ATOM   339  N  N   . ARG A 1 47  ? 14.539  -10.142 4.586   1.00 101.47 ? 73   ARG A N   1 
ATOM   340  C  CA  . ARG A 1 47  ? 15.437  -8.990  4.579   1.00 103.63 ? 73   ARG A CA  1 
ATOM   341  C  C   . ARG A 1 47  ? 14.840  -7.828  5.368   1.00 100.60 ? 73   ARG A C   1 
ATOM   342  O  O   . ARG A 1 47  ? 13.660  -7.848  5.720   1.00 98.31  ? 73   ARG A O   1 
ATOM   343  C  CB  . ARG A 1 47  ? 15.752  -8.559  3.144   1.00 102.34 ? 73   ARG A CB  1 
ATOM   344  C  CG  . ARG A 1 47  ? 14.561  -8.599  2.200   1.00 100.25 ? 73   ARG A CG  1 
ATOM   345  C  CD  . ARG A 1 47  ? 14.957  -8.193  0.787   1.00 102.75 ? 73   ARG A CD  1 
ATOM   346  N  NE  . ARG A 1 47  ? 16.125  -8.928  0.305   1.00 102.25 ? 73   ARG A NE  1 
ATOM   347  C  CZ  . ARG A 1 47  ? 16.595  -8.851  -0.936  1.00 103.42 ? 73   ARG A CZ  1 
ATOM   348  N  NH1 . ARG A 1 47  ? 15.993  -8.073  -1.827  1.00 107.55 ? 73   ARG A NH1 1 
ATOM   349  N  NH2 . ARG A 1 47  ? 17.663  -9.553  -1.289  1.00 104.21 ? 73   ARG A NH2 1 
ATOM   350  N  N   . CYS A 1 48  ? 15.661  -6.821  5.647   1.00 94.97  ? 74   CYS A N   1 
ATOM   351  C  CA  . CYS A 1 48  ? 15.236  -5.681  6.454   1.00 97.96  ? 74   CYS A CA  1 
ATOM   352  C  C   . CYS A 1 48  ? 14.112  -4.883  5.794   1.00 92.42  ? 74   CYS A C   1 
ATOM   353  O  O   . CYS A 1 48  ? 14.219  -4.491  4.633   1.00 83.19  ? 74   CYS A O   1 
ATOM   354  C  CB  . CYS A 1 48  ? 16.424  -4.761  6.739   1.00 94.18  ? 74   CYS A CB  1 
ATOM   355  S  SG  . CYS A 1 48  ? 16.008  -3.292  7.706   1.00 89.31  ? 74   CYS A SG  1 
ATOM   356  N  N   . PRO A 1 49  ? 13.027  -4.637  6.544   1.00 93.96  ? 75   PRO A N   1 
ATOM   357  C  CA  . PRO A 1 49  ? 11.861  -3.887  6.061   1.00 91.60  ? 75   PRO A CA  1 
ATOM   358  C  C   . PRO A 1 49  ? 12.181  -2.441  5.682   1.00 91.11  ? 75   PRO A C   1 
ATOM   359  O  O   . PRO A 1 49  ? 11.339  -1.768  5.089   1.00 85.22  ? 75   PRO A O   1 
ATOM   360  C  CB  . PRO A 1 49  ? 10.900  -3.925  7.256   1.00 86.72  ? 75   PRO A CB  1 
ATOM   361  C  CG  . PRO A 1 49  ? 11.321  -5.116  8.045   1.00 90.61  ? 75   PRO A CG  1 
ATOM   362  C  CD  . PRO A 1 49  ? 12.808  -5.180  7.895   1.00 95.12  ? 75   PRO A CD  1 
ATOM   363  N  N   . ALA A 1 50  ? 13.376  -1.973  6.025   1.00 90.10  ? 76   ALA A N   1 
ATOM   364  C  CA  . ALA A 1 50  ? 13.771  -0.602  5.725   1.00 84.37  ? 76   ALA A CA  1 
ATOM   365  C  C   . ALA A 1 50  ? 14.601  -0.514  4.446   1.00 87.05  ? 76   ALA A C   1 
ATOM   366  O  O   . ALA A 1 50  ? 14.111  -0.060  3.412   1.00 82.65  ? 76   ALA A O   1 
ATOM   367  C  CB  . ALA A 1 50  ? 14.540  -0.008  6.894   1.00 87.32  ? 76   ALA A CB  1 
ATOM   368  N  N   . CYS A 1 51  ? 15.854  -0.949  4.520   1.00 86.18  ? 77   CYS A N   1 
ATOM   369  C  CA  . CYS A 1 51  ? 16.782  -0.790  3.402   1.00 86.31  ? 77   CYS A CA  1 
ATOM   370  C  C   . CYS A 1 51  ? 16.928  -2.057  2.561   1.00 88.48  ? 77   CYS A C   1 
ATOM   371  O  O   . CYS A 1 51  ? 17.808  -2.132  1.702   1.00 99.42  ? 77   CYS A O   1 
ATOM   372  C  CB  . CYS A 1 51  ? 18.155  -0.354  3.916   1.00 93.53  ? 77   CYS A CB  1 
ATOM   373  S  SG  . CYS A 1 51  ? 19.016  -1.589  4.907   1.00 93.19  ? 77   CYS A SG  1 
ATOM   374  N  N   . ARG A 1 52  ? 16.073  -3.042  2.818   1.00 88.22  ? 78   ARG A N   1 
ATOM   375  C  CA  . ARG A 1 52  ? 16.031  -4.285  2.045   1.00 88.86  ? 78   ARG A CA  1 
ATOM   376  C  C   . ARG A 1 52  ? 17.352  -5.053  2.039   1.00 96.06  ? 78   ARG A C   1 
ATOM   377  O  O   . ARG A 1 52  ? 17.603  -5.858  1.142   1.00 104.71 ? 78   ARG A O   1 
ATOM   378  C  CB  . ARG A 1 52  ? 15.605  -3.999  0.601   1.00 87.29  ? 78   ARG A CB  1 
ATOM   379  C  CG  . ARG A 1 52  ? 14.248  -3.334  0.474   1.00 97.28  ? 78   ARG A CG  1 
ATOM   380  C  CD  . ARG A 1 52  ? 13.831  -3.218  -0.981  1.00 101.93 ? 78   ARG A CD  1 
ATOM   381  N  NE  . ARG A 1 52  ? 13.655  -4.527  -1.600  1.00 110.00 ? 78   ARG A NE  1 
ATOM   382  C  CZ  . ARG A 1 52  ? 12.514  -5.208  -1.594  1.00 102.80 ? 78   ARG A CZ  1 
ATOM   383  N  NH1 . ARG A 1 52  ? 11.442  -4.703  -1.000  1.00 101.67 ? 78   ARG A NH1 1 
ATOM   384  N  NH2 . ARG A 1 52  ? 12.445  -6.394  -2.184  1.00 102.66 ? 78   ARG A NH2 1 
ATOM   385  N  N   . ARG A 1 53  ? 18.192  -4.809  3.040   1.00 93.13  ? 79   ARG A N   1 
ATOM   386  C  CA  . ARG A 1 53  ? 19.467  -5.509  3.140   1.00 95.52  ? 79   ARG A CA  1 
ATOM   387  C  C   . ARG A 1 53  ? 19.242  -6.908  3.709   1.00 101.24 ? 79   ARG A C   1 
ATOM   388  O  O   . ARG A 1 53  ? 18.520  -7.077  4.691   1.00 97.08  ? 79   ARG A O   1 
ATOM   389  C  CB  . ARG A 1 53  ? 20.452  -4.723  4.010   1.00 97.10  ? 79   ARG A CB  1 
ATOM   390  C  CG  . ARG A 1 53  ? 21.920  -4.994  3.702   1.00 101.25 ? 79   ARG A CG  1 
ATOM   391  C  CD  . ARG A 1 53  ? 22.837  -4.217  4.638   1.00 96.00  ? 79   ARG A CD  1 
ATOM   392  N  NE  . ARG A 1 53  ? 22.739  -2.771  4.448   1.00 105.87 ? 79   ARG A NE  1 
ATOM   393  C  CZ  . ARG A 1 53  ? 23.728  -2.007  3.995   1.00 111.41 ? 79   ARG A CZ  1 
ATOM   394  N  NH1 . ARG A 1 53  ? 24.900  -2.547  3.687   1.00 109.25 ? 79   ARG A NH1 1 
ATOM   395  N  NH2 . ARG A 1 53  ? 23.550  -0.699  3.857   1.00 102.82 ? 79   ARG A NH2 1 
ATOM   396  N  N   . LYS A 1 54  ? 19.856  -7.905  3.082   1.00 103.86 ? 80   LYS A N   1 
ATOM   397  C  CA  . LYS A 1 54  ? 19.681  -9.294  3.494   1.00 101.99 ? 80   LYS A CA  1 
ATOM   398  C  C   . LYS A 1 54  ? 20.331  -9.572  4.847   1.00 103.63 ? 80   LYS A C   1 
ATOM   399  O  O   . LYS A 1 54  ? 21.431  -9.097  5.128   1.00 103.67 ? 80   LYS A O   1 
ATOM   400  C  CB  . LYS A 1 54  ? 20.255  -10.240 2.436   1.00 97.54  ? 80   LYS A CB  1 
ATOM   401  N  N   . TYR A 1 55  ? 19.642  -10.345 5.681   1.00 104.95 ? 81   TYR A N   1 
ATOM   402  C  CA  . TYR A 1 55  ? 20.158  -10.700 6.996   1.00 105.17 ? 81   TYR A CA  1 
ATOM   403  C  C   . TYR A 1 55  ? 21.267  -11.742 6.901   1.00 110.40 ? 81   TYR A C   1 
ATOM   404  O  O   . TYR A 1 55  ? 21.363  -12.475 5.916   1.00 110.33 ? 81   TYR A O   1 
ATOM   405  C  CB  . TYR A 1 55  ? 19.034  -11.216 7.897   1.00 95.59  ? 81   TYR A CB  1 
ATOM   406  C  CG  . TYR A 1 55  ? 18.045  -10.155 8.321   1.00 92.45  ? 81   TYR A CG  1 
ATOM   407  C  CD1 . TYR A 1 55  ? 18.415  -9.149  9.203   1.00 90.62  ? 81   TYR A CD1 1 
ATOM   408  C  CD2 . TYR A 1 55  ? 16.739  -10.165 7.849   1.00 94.50  ? 81   TYR A CD2 1 
ATOM   409  C  CE1 . TYR A 1 55  ? 17.516  -8.178  9.597   1.00 86.94  ? 81   TYR A CE1 1 
ATOM   410  C  CE2 . TYR A 1 55  ? 15.831  -9.198  8.240   1.00 98.28  ? 81   TYR A CE2 1 
ATOM   411  C  CZ  . TYR A 1 55  ? 16.225  -8.207  9.115   1.00 91.84  ? 81   TYR A CZ  1 
ATOM   412  O  OH  . TYR A 1 55  ? 15.327  -7.241  9.506   1.00 90.06  ? 81   TYR A OH  1 
ATOM   413  N  N   . ASP A 1 56  ? 22.104  -11.799 7.932   1.00 113.37 ? 82   ASP A N   1 
ATOM   414  C  CA  . ASP A 1 56  ? 23.216  -12.740 7.974   1.00 119.22 ? 82   ASP A CA  1 
ATOM   415  C  C   . ASP A 1 56  ? 23.368  -13.354 9.362   1.00 121.94 ? 82   ASP A C   1 
ATOM   416  O  O   . ASP A 1 56  ? 22.919  -14.473 9.610   1.00 115.30 ? 82   ASP A O   1 
ATOM   417  C  CB  . ASP A 1 56  ? 24.516  -12.047 7.559   1.00 120.00 ? 82   ASP A CB  1 
ATOM   418  C  CG  . ASP A 1 56  ? 24.802  -10.805 8.380   1.00 121.91 ? 82   ASP A CG  1 
ATOM   419  O  OD1 . ASP A 1 56  ? 23.839  -10.181 8.871   1.00 123.40 ? 82   ASP A OD1 1 
ATOM   420  O  OD2 . ASP A 1 56  ? 25.990  -10.452 8.535   1.00 118.51 ? 82   ASP A OD2 1 
ATOM   421  N  N   . THR B 2 9   ? -4.644  -16.488 20.892  1.00 122.73 ? -1   THR B N   1 
ATOM   422  C  CA  . THR B 2 9   ? -4.900  -15.254 21.625  1.00 126.07 ? -1   THR B CA  1 
ATOM   423  C  C   . THR B 2 9   ? -4.985  -14.058 20.678  1.00 120.41 ? -1   THR B C   1 
ATOM   424  O  O   . THR B 2 9   ? -5.487  -14.175 19.560  1.00 116.19 ? -1   THR B O   1 
ATOM   425  C  CB  . THR B 2 9   ? -3.808  -14.991 22.681  1.00 125.18 ? -1   THR B CB  1 
ATOM   426  O  OG1 . THR B 2 9   ? -2.535  -14.862 22.037  1.00 121.88 ? -1   THR B OG1 1 
ATOM   427  C  CG2 . THR B 2 9   ? -3.753  -16.133 23.685  1.00 118.35 ? -1   THR B CG2 1 
ATOM   428  N  N   . GLY B 2 10  ? -4.494  -12.909 21.134  1.00 113.59 ? 0    GLY B N   1 
ATOM   429  C  CA  . GLY B 2 10  ? -4.526  -11.691 20.342  1.00 111.06 ? 0    GLY B CA  1 
ATOM   430  C  C   . GLY B 2 10  ? -3.588  -11.736 19.151  1.00 108.59 ? 0    GLY B C   1 
ATOM   431  O  O   . GLY B 2 10  ? -2.414  -12.075 19.287  1.00 108.45 ? 0    GLY B O   1 
ATOM   432  N  N   . MET B 2 11  ? -4.109  -11.382 17.981  1.00 102.97 ? 1    MET B N   1 
ATOM   433  C  CA  . MET B 2 11  ? -3.339  -11.432 16.742  1.00 97.73  ? 1    MET B CA  1 
ATOM   434  C  C   . MET B 2 11  ? -2.381  -10.250 16.611  1.00 102.56 ? 1    MET B C   1 
ATOM   435  O  O   . MET B 2 11  ? -2.732  -9.117  16.941  1.00 104.44 ? 1    MET B O   1 
ATOM   436  C  CB  . MET B 2 11  ? -4.280  -11.469 15.537  1.00 98.01  ? 1    MET B CB  1 
ATOM   437  C  CG  . MET B 2 11  ? -5.247  -12.638 15.550  1.00 104.55 ? 1    MET B CG  1 
ATOM   438  S  SD  . MET B 2 11  ? -4.387  -14.219 15.493  1.00 103.86 ? 1    MET B SD  1 
ATOM   439  C  CE  . MET B 2 11  ? -3.522  -14.065 13.933  1.00 95.89  ? 1    MET B CE  1 
ATOM   440  N  N   . SER B 2 12  ? -1.172  -10.523 16.127  1.00 99.26  ? 2    SER B N   1 
ATOM   441  C  CA  . SER B 2 12  ? -0.185  -9.474  15.887  1.00 94.02  ? 2    SER B CA  1 
ATOM   442  C  C   . SER B 2 12  ? -0.645  -8.541  14.774  1.00 95.60  ? 2    SER B C   1 
ATOM   443  O  O   . SER B 2 12  ? -0.408  -7.336  14.822  1.00 99.67  ? 2    SER B O   1 
ATOM   444  C  CB  . SER B 2 12  ? 1.177   -10.078 15.532  1.00 86.83  ? 2    SER B CB  1 
ATOM   445  O  OG  . SER B 2 12  ? 1.804   -10.645 16.669  1.00 82.05  ? 2    SER B OG  1 
ATOM   446  N  N   . SER B 2 13  ? -1.307  -9.111  13.772  1.00 97.89  ? 3    SER B N   1 
ATOM   447  C  CA  . SER B 2 13  ? -1.819  -8.336  12.650  1.00 99.15  ? 3    SER B CA  1 
ATOM   448  C  C   . SER B 2 13  ? -2.913  -7.376  13.099  1.00 101.29 ? 3    SER B C   1 
ATOM   449  O  O   . SER B 2 13  ? -3.107  -6.317  12.505  1.00 106.43 ? 3    SER B O   1 
ATOM   450  C  CB  . SER B 2 13  ? -2.355  -9.263  11.558  1.00 101.49 ? 3    SER B CB  1 
ATOM   451  O  OG  . SER B 2 13  ? -3.414  -10.067 12.047  1.00 95.88  ? 3    SER B OG  1 
ATOM   452  N  N   . SER B 2 14  ? -3.621  -7.756  14.158  1.00 103.43 ? 4    SER B N   1 
ATOM   453  C  CA  . SER B 2 14  ? -4.715  -6.951  14.684  1.00 107.71 ? 4    SER B CA  1 
ATOM   454  C  C   . SER B 2 14  ? -4.221  -5.639  15.288  1.00 105.98 ? 4    SER B C   1 
ATOM   455  O  O   . SER B 2 14  ? -4.903  -4.616  15.215  1.00 107.18 ? 4    SER B O   1 
ATOM   456  C  CB  . SER B 2 14  ? -5.499  -7.747  15.731  1.00 100.45 ? 4    SER B CB  1 
ATOM   457  O  OG  . SER B 2 14  ? -6.559  -6.979  16.270  1.00 107.94 ? 4    SER B OG  1 
ATOM   458  N  N   . LYS B 2 15  ? -3.031  -5.673  15.882  1.00 100.70 ? 5    LYS B N   1 
ATOM   459  C  CA  . LYS B 2 15  ? -2.468  -4.499  16.544  1.00 97.12  ? 5    LYS B CA  1 
ATOM   460  C  C   . LYS B 2 15  ? -1.844  -3.514  15.559  1.00 107.67 ? 5    LYS B C   1 
ATOM   461  O  O   . LYS B 2 15  ? -1.981  -2.300  15.718  1.00 107.11 ? 5    LYS B O   1 
ATOM   462  C  CB  . LYS B 2 15  ? -1.425  -4.925  17.578  1.00 103.70 ? 5    LYS B CB  1 
ATOM   463  C  CG  . LYS B 2 15  ? -2.000  -5.642  18.785  1.00 107.02 ? 5    LYS B CG  1 
ATOM   464  C  CD  . LYS B 2 15  ? -0.928  -5.881  19.832  1.00 105.72 ? 5    LYS B CD  1 
ATOM   465  C  CE  . LYS B 2 15  ? -1.528  -6.408  21.123  1.00 117.38 ? 5    LYS B CE  1 
ATOM   466  N  NZ  . LYS B 2 15  ? -0.505  -6.524  22.199  1.00 118.97 ? 5    LYS B NZ  1 
ATOM   467  N  N   . ARG B 2 16  ? -1.152  -4.042  14.553  1.00 106.30 ? 6    ARG B N   1 
ATOM   468  C  CA  . ARG B 2 16  ? -0.502  -3.218  13.536  1.00 99.79  ? 6    ARG B CA  1 
ATOM   469  C  C   . ARG B 2 16  ? -1.519  -2.362  12.786  1.00 99.07  ? 6    ARG B C   1 
ATOM   470  O  O   . ARG B 2 16  ? -1.263  -1.195  12.490  1.00 101.35 ? 6    ARG B O   1 
ATOM   471  C  CB  . ARG B 2 16  ? 0.280   -4.099  12.556  1.00 97.80  ? 6    ARG B CB  1 
ATOM   472  C  CG  . ARG B 2 16  ? 0.688   -3.413  11.253  1.00 88.74  ? 6    ARG B CG  1 
ATOM   473  C  CD  . ARG B 2 16  ? 1.623   -2.231  11.490  1.00 89.34  ? 6    ARG B CD  1 
ATOM   474  N  NE  . ARG B 2 16  ? 2.010   -1.576  10.244  1.00 91.73  ? 6    ARG B NE  1 
ATOM   475  C  CZ  . ARG B 2 16  ? 3.205   -1.696  9.675   1.00 76.02  ? 6    ARG B CZ  1 
ATOM   476  N  NH1 . ARG B 2 16  ? 4.142   -2.439  10.243  1.00 77.21  ? 6    ARG B NH1 1 
ATOM   477  N  NH2 . ARG B 2 16  ? 3.466   -1.065  8.538   1.00 81.07  ? 6    ARG B NH2 1 
ATOM   478  N  N   . ILE B 2 17  ? -2.672  -2.950  12.488  1.00 99.92  ? 7    ILE B N   1 
ATOM   479  C  CA  . ILE B 2 17  ? -3.750  -2.228  11.826  1.00 102.29 ? 7    ILE B CA  1 
ATOM   480  C  C   . ILE B 2 17  ? -4.288  -1.120  12.725  1.00 105.08 ? 7    ILE B C   1 
ATOM   481  O  O   . ILE B 2 17  ? -4.543  -0.003  12.272  1.00 99.68  ? 7    ILE B O   1 
ATOM   482  C  CB  . ILE B 2 17  ? -4.905  -3.170  11.436  1.00 93.79  ? 7    ILE B CB  1 
ATOM   483  C  CG1 . ILE B 2 17  ? -4.424  -4.220  10.434  1.00 92.71  ? 7    ILE B CG1 1 
ATOM   484  C  CG2 . ILE B 2 17  ? -6.066  -2.384  10.850  1.00 100.82 ? 7    ILE B CG2 1 
ATOM   485  C  CD1 . ILE B 2 17  ? -5.501  -5.197  10.021  1.00 103.49 ? 7    ILE B CD1 1 
ATOM   486  N  N   . ALA B 2 18  ? -4.450  -1.438  14.006  1.00 104.80 ? 8    ALA B N   1 
ATOM   487  C  CA  . ALA B 2 18  ? -4.995  -0.492  14.974  1.00 102.21 ? 8    ALA B CA  1 
ATOM   488  C  C   . ALA B 2 18  ? -4.057  0.692   15.194  1.00 103.44 ? 8    ALA B C   1 
ATOM   489  O  O   . ALA B 2 18  ? -4.509  1.813   15.428  1.00 106.68 ? 8    ALA B O   1 
ATOM   490  C  CB  . ALA B 2 18  ? -5.278  -1.194  16.291  1.00 91.69  ? 8    ALA B CB  1 
ATOM   491  N  N   . LYS B 2 19  ? -2.755  0.438   15.118  1.00 97.12  ? 9    LYS B N   1 
ATOM   492  C  CA  . LYS B 2 19  ? -1.763  1.492   15.301  1.00 98.57  ? 9    LYS B CA  1 
ATOM   493  C  C   . LYS B 2 19  ? -1.765  2.457   14.121  1.00 106.69 ? 9    LYS B C   1 
ATOM   494  O  O   . LYS B 2 19  ? -1.680  3.673   14.303  1.00 109.80 ? 9    LYS B O   1 
ATOM   495  C  CB  . LYS B 2 19  ? -0.368  0.895   15.489  1.00 103.08 ? 9    LYS B CB  1 
ATOM   496  C  CG  . LYS B 2 19  ? 0.722   1.931   15.723  1.00 101.30 ? 9    LYS B CG  1 
ATOM   497  C  CD  . LYS B 2 19  ? 0.422   2.782   16.947  1.00 108.01 ? 9    LYS B CD  1 
ATOM   498  C  CE  . LYS B 2 19  ? 1.522   3.804   17.198  1.00 111.98 ? 9    LYS B CE  1 
ATOM   499  N  NZ  . LYS B 2 19  ? 1.671   4.756   16.063  1.00 110.75 ? 9    LYS B NZ  1 
ATOM   500  N  N   . GLU B 2 20  ? -1.863  1.912   12.912  1.00 104.20 ? 10   GLU B N   1 
ATOM   501  C  CA  . GLU B 2 20  ? -1.935  2.734   11.710  1.00 100.59 ? 10   GLU B CA  1 
ATOM   502  C  C   . GLU B 2 20  ? -3.232  3.535   11.690  1.00 104.12 ? 10   GLU B C   1 
ATOM   503  O  O   . GLU B 2 20  ? -3.266  4.670   11.218  1.00 109.93 ? 10   GLU B O   1 
ATOM   504  C  CB  . GLU B 2 20  ? -1.828  1.871   10.450  1.00 90.76  ? 10   GLU B CB  1 
ATOM   505  C  CG  . GLU B 2 20  ? -0.490  1.171   10.283  1.00 87.47  ? 10   GLU B CG  1 
ATOM   506  C  CD  . GLU B 2 20  ? -0.357  0.484   8.937   1.00 92.30  ? 10   GLU B CD  1 
ATOM   507  O  OE1 . GLU B 2 20  ? -1.212  0.727   8.057   1.00 89.13  ? 10   GLU B OE1 1 
ATOM   508  O  OE2 . GLU B 2 20  ? 0.601   -0.298  8.757   1.00 84.04  ? 10   GLU B OE2 1 
ATOM   509  N  N   . LEU B 2 21  ? -4.299  2.932   12.209  1.00 107.19 ? 11   LEU B N   1 
ATOM   510  C  CA  . LEU B 2 21  ? -5.596  3.593   12.294  1.00 111.60 ? 11   LEU B CA  1 
ATOM   511  C  C   . LEU B 2 21  ? -5.526  4.810   13.212  1.00 115.83 ? 11   LEU B C   1 
ATOM   512  O  O   . LEU B 2 21  ? -6.173  5.826   12.964  1.00 120.33 ? 11   LEU B O   1 
ATOM   513  C  CB  . LEU B 2 21  ? -6.662  2.615   12.791  1.00 111.54 ? 11   LEU B CB  1 
ATOM   514  C  CG  . LEU B 2 21  ? -8.071  3.179   12.981  1.00 112.42 ? 11   LEU B CG  1 
ATOM   515  C  CD1 . LEU B 2 21  ? -8.590  3.779   11.683  1.00 115.95 ? 11   LEU B CD1 1 
ATOM   516  C  CD2 . LEU B 2 21  ? -9.015  2.106   13.493  1.00 108.84 ? 11   LEU B CD2 1 
ATOM   517  N  N   . SER B 2 22  ? -4.734  4.696   14.272  1.00 112.76 ? 12   SER B N   1 
ATOM   518  C  CA  . SER B 2 22  ? -4.548  5.791   15.213  1.00 108.12 ? 12   SER B CA  1 
ATOM   519  C  C   . SER B 2 22  ? -3.765  6.933   14.575  1.00 114.65 ? 12   SER B C   1 
ATOM   520  O  O   . SER B 2 22  ? -4.084  8.105   14.776  1.00 125.20 ? 12   SER B O   1 
ATOM   521  C  CB  . SER B 2 22  ? -3.829  5.301   16.471  1.00 112.56 ? 12   SER B CB  1 
ATOM   522  O  OG  . SER B 2 22  ? -3.590  6.370   17.369  1.00 113.05 ? 12   SER B OG  1 
ATOM   523  N  N   . ASP B 2 23  ? -2.743  6.584   13.800  1.00 113.61 ? 13   ASP B N   1 
ATOM   524  C  CA  . ASP B 2 23  ? -1.897  7.577   13.148  1.00 118.13 ? 13   ASP B CA  1 
ATOM   525  C  C   . ASP B 2 23  ? -2.639  8.323   12.041  1.00 120.51 ? 13   ASP B C   1 
ATOM   526  O  O   . ASP B 2 23  ? -2.298  9.460   11.715  1.00 121.28 ? 13   ASP B O   1 
ATOM   527  C  CB  . ASP B 2 23  ? -0.637  6.917   12.579  1.00 117.55 ? 13   ASP B CB  1 
ATOM   528  C  CG  . ASP B 2 23  ? 0.328   6.473   13.661  1.00 114.61 ? 13   ASP B CG  1 
ATOM   529  O  OD1 . ASP B 2 23  ? 0.332   7.092   14.747  1.00 109.68 ? 13   ASP B OD1 1 
ATOM   530  O  OD2 . ASP B 2 23  ? 1.086   5.508   13.426  1.00 112.45 ? 13   ASP B OD2 1 
ATOM   531  N  N   . LEU B 2 24  ? -3.650  7.681   11.465  1.00 119.84 ? 14   LEU B N   1 
ATOM   532  C  CA  . LEU B 2 24  ? -4.429  8.293   10.394  1.00 121.33 ? 14   LEU B CA  1 
ATOM   533  C  C   . LEU B 2 24  ? -5.478  9.256   10.940  1.00 122.21 ? 14   LEU B C   1 
ATOM   534  O  O   . LEU B 2 24  ? -5.903  10.180  10.249  1.00 123.28 ? 14   LEU B O   1 
ATOM   535  C  CB  . LEU B 2 24  ? -5.102  7.217   9.538   1.00 120.40 ? 14   LEU B CB  1 
ATOM   536  C  CG  . LEU B 2 24  ? -4.180  6.370   8.660   1.00 116.39 ? 14   LEU B CG  1 
ATOM   537  C  CD1 . LEU B 2 24  ? -4.971  5.295   7.929   1.00 114.57 ? 14   LEU B CD1 1 
ATOM   538  C  CD2 . LEU B 2 24  ? -3.419  7.245   7.676   1.00 107.21 ? 14   LEU B CD2 1 
ATOM   539  N  N   . GLU B 2 25  ? -5.893  9.034   12.183  1.00 121.08 ? 15   GLU B N   1 
ATOM   540  C  CA  . GLU B 2 25  ? -6.892  9.888   12.817  1.00 124.19 ? 15   GLU B CA  1 
ATOM   541  C  C   . GLU B 2 25  ? -6.242  11.101  13.476  1.00 123.17 ? 15   GLU B C   1 
ATOM   542  O  O   . GLU B 2 25  ? -6.815  12.190  13.492  1.00 119.03 ? 15   GLU B O   1 
ATOM   543  C  CB  . GLU B 2 25  ? -7.700  9.092   13.844  1.00 118.20 ? 15   GLU B CB  1 
ATOM   544  C  CG  . GLU B 2 25  ? -8.598  8.028   13.231  1.00 120.11 ? 15   GLU B CG  1 
ATOM   545  C  CD  . GLU B 2 25  ? -9.256  7.145   14.274  1.00 125.48 ? 15   GLU B CD  1 
ATOM   546  O  OE1 . GLU B 2 25  ? -8.676  6.980   15.367  1.00 122.38 ? 15   GLU B OE1 1 
ATOM   547  O  OE2 . GLU B 2 25  ? -10.356 6.617   14.000  1.00 125.65 ? 15   GLU B OE2 1 
ATOM   548  N  N   . ARG B 2 26  ? -5.045  10.906  14.019  1.00 122.32 ? 16   ARG B N   1 
ATOM   549  C  CA  . ARG B 2 26  ? -4.297  11.997  14.634  1.00 123.38 ? 16   ARG B CA  1 
ATOM   550  C  C   . ARG B 2 26  ? -3.788  12.962  13.570  1.00 127.44 ? 16   ARG B C   1 
ATOM   551  O  O   . ARG B 2 26  ? -4.023  14.168  13.645  1.00 129.06 ? 16   ARG B O   1 
ATOM   552  C  CB  . ARG B 2 26  ? -3.130  11.453  15.460  1.00 119.24 ? 16   ARG B CB  1 
ATOM   553  N  N   . ASP B 2 27  ? -3.088  12.422  12.578  1.00 127.91 ? 17   ASP B N   1 
ATOM   554  C  CA  . ASP B 2 27  ? -2.586  13.218  11.465  1.00 133.55 ? 17   ASP B CA  1 
ATOM   555  C  C   . ASP B 2 27  ? -3.714  13.559  10.495  1.00 138.92 ? 17   ASP B C   1 
ATOM   556  O  O   . ASP B 2 27  ? -4.665  12.790  10.352  1.00 137.02 ? 17   ASP B O   1 
ATOM   557  C  CB  . ASP B 2 27  ? -1.467  12.472  10.735  1.00 134.65 ? 17   ASP B CB  1 
ATOM   558  C  CG  . ASP B 2 27  ? -0.227  12.299  11.591  1.00 135.47 ? 17   ASP B CG  1 
ATOM   559  O  OD1 . ASP B 2 27  ? -0.180  11.338  12.386  1.00 134.55 ? 17   ASP B OD1 1 
ATOM   560  O  OD2 . ASP B 2 27  ? 0.700   13.128  11.468  1.00 136.58 ? 17   ASP B OD2 1 
ATOM   561  N  N   . PRO B 2 28  ? -3.616  14.722  9.830   1.00 142.44 ? 18   PRO B N   1 
ATOM   562  C  CA  . PRO B 2 28  ? -4.629  15.118  8.846   1.00 146.28 ? 18   PRO B CA  1 
ATOM   563  C  C   . PRO B 2 28  ? -4.668  14.171  7.649   1.00 148.75 ? 18   PRO B C   1 
ATOM   564  O  O   . PRO B 2 28  ? -3.620  13.864  7.081   1.00 149.18 ? 18   PRO B O   1 
ATOM   565  C  CB  . PRO B 2 28  ? -4.179  16.521  8.423   1.00 148.42 ? 18   PRO B CB  1 
ATOM   566  C  CG  . PRO B 2 28  ? -2.720  16.562  8.731   1.00 145.66 ? 18   PRO B CG  1 
ATOM   567  C  CD  . PRO B 2 28  ? -2.555  15.733  9.967   1.00 138.42 ? 18   PRO B CD  1 
ATOM   568  N  N   . PRO B 2 29  ? -5.871  13.707  7.276   1.00 150.98 ? 19   PRO B N   1 
ATOM   569  C  CA  . PRO B 2 29  ? -6.056  12.778  6.155   1.00 144.90 ? 19   PRO B CA  1 
ATOM   570  C  C   . PRO B 2 29  ? -5.692  13.402  4.810   1.00 137.95 ? 19   PRO B C   1 
ATOM   571  O  O   . PRO B 2 29  ? -5.397  12.674  3.860   1.00 133.74 ? 19   PRO B O   1 
ATOM   572  C  CB  . PRO B 2 29  ? -7.550  12.444  6.220   1.00 144.92 ? 19   PRO B CB  1 
ATOM   573  C  CG  . PRO B 2 29  ? -8.166  13.611  6.910   1.00 149.30 ? 19   PRO B CG  1 
ATOM   574  C  CD  . PRO B 2 29  ? -7.150  14.062  7.914   1.00 149.51 ? 19   PRO B CD  1 
ATOM   575  N  N   . THR B 2 30  ? -5.712  14.732  4.746   1.00 136.52 ? 20   THR B N   1 
ATOM   576  C  CA  . THR B 2 30  ? -5.349  15.487  3.544   1.00 137.53 ? 20   THR B CA  1 
ATOM   577  C  C   . THR B 2 30  ? -6.156  15.063  2.318   1.00 132.97 ? 20   THR B C   1 
ATOM   578  O  O   . THR B 2 30  ? -7.384  14.991  2.365   1.00 133.74 ? 20   THR B O   1 
ATOM   579  C  CB  . THR B 2 30  ? -3.844  15.355  3.220   1.00 138.71 ? 20   THR B CB  1 
ATOM   580  O  OG1 . THR B 2 30  ? -3.542  14.006  2.841   1.00 135.83 ? 20   THR B OG1 1 
ATOM   581  C  CG2 . THR B 2 30  ? -3.001  15.747  4.423   1.00 138.44 ? 20   THR B CG2 1 
ATOM   582  N  N   . SER B 2 31  ? -5.455  14.779  1.224   1.00 128.01 ? 21   SER B N   1 
ATOM   583  C  CA  . SER B 2 31  ? -6.101  14.419  -0.035  1.00 127.09 ? 21   SER B CA  1 
ATOM   584  C  C   . SER B 2 31  ? -6.495  12.944  -0.082  1.00 128.98 ? 21   SER B C   1 
ATOM   585  O  O   . SER B 2 31  ? -6.677  12.376  -1.159  1.00 123.29 ? 21   SER B O   1 
ATOM   586  C  CB  . SER B 2 31  ? -5.185  14.751  -1.215  1.00 128.23 ? 21   SER B CB  1 
ATOM   587  O  OG  . SER B 2 31  ? -3.951  14.062  -1.115  1.00 128.52 ? 21   SER B OG  1 
ATOM   588  N  N   . CYS B 2 32  ? -6.625  12.327  1.089   1.00 129.11 ? 22   CYS B N   1 
ATOM   589  C  CA  . CYS B 2 32  ? -7.047  10.935  1.180   1.00 114.31 ? 22   CYS B CA  1 
ATOM   590  C  C   . CYS B 2 32  ? -8.019  10.738  2.337   1.00 125.01 ? 22   CYS B C   1 
ATOM   591  O  O   . CYS B 2 32  ? -8.247  11.651  3.130   1.00 129.00 ? 22   CYS B O   1 
ATOM   592  C  CB  . CYS B 2 32  ? -5.838  10.013  1.349   1.00 109.51 ? 22   CYS B CB  1 
ATOM   593  S  SG  . CYS B 2 32  ? -4.676  10.033  -0.034  1.00 118.39 ? 22   CYS B SG  1 
ATOM   594  N  N   . SER B 2 33  ? -8.587  9.539   2.422   1.00 123.85 ? 23   SER B N   1 
ATOM   595  C  CA  . SER B 2 33  ? -9.490  9.175   3.508   1.00 110.73 ? 23   SER B CA  1 
ATOM   596  C  C   . SER B 2 33  ? -9.667  7.662   3.551   1.00 109.77 ? 23   SER B C   1 
ATOM   597  O  O   . SER B 2 33  ? -9.941  7.034   2.528   1.00 113.88 ? 23   SER B O   1 
ATOM   598  C  CB  . SER B 2 33  ? -10.847 9.862   3.350   1.00 113.25 ? 23   SER B CB  1 
ATOM   599  O  OG  . SER B 2 33  ? -11.698 9.564   4.444   1.00 109.65 ? 23   SER B OG  1 
ATOM   600  N  N   . ALA B 2 34  ? -9.506  7.079   4.733   1.00 107.22 ? 24   ALA B N   1 
ATOM   601  C  CA  . ALA B 2 34  ? -9.601  5.632   4.879   1.00 106.97 ? 24   ALA B CA  1 
ATOM   602  C  C   . ALA B 2 34  ? -10.059 5.233   6.278   1.00 110.07 ? 24   ALA B C   1 
ATOM   603  O  O   . ALA B 2 34  ? -9.574  5.763   7.277   1.00 108.20 ? 24   ALA B O   1 
ATOM   604  C  CB  . ALA B 2 34  ? -8.265  4.983   4.557   1.00 102.83 ? 24   ALA B CB  1 
ATOM   605  N  N   . GLY B 2 35  ? -10.996 4.292   6.336   1.00 107.25 ? 25   GLY B N   1 
ATOM   606  C  CA  . GLY B 2 35  ? -11.510 3.799   7.599   1.00 107.58 ? 25   GLY B CA  1 
ATOM   607  C  C   . GLY B 2 35  ? -12.023 2.376   7.483   1.00 110.12 ? 25   GLY B C   1 
ATOM   608  O  O   . GLY B 2 35  ? -12.384 1.933   6.393   1.00 117.10 ? 25   GLY B O   1 
ATOM   609  N  N   . PRO B 2 36  ? -12.059 1.652   8.610   1.00 111.84 ? 26   PRO B N   1 
ATOM   610  C  CA  . PRO B 2 36  ? -12.528 0.262   8.648   1.00 113.82 ? 26   PRO B CA  1 
ATOM   611  C  C   . PRO B 2 36  ? -14.023 0.146   8.362   1.00 115.95 ? 26   PRO B C   1 
ATOM   612  O  O   . PRO B 2 36  ? -14.825 0.853   8.972   1.00 120.72 ? 26   PRO B O   1 
ATOM   613  C  CB  . PRO B 2 36  ? -12.210 -0.176  10.080  1.00 106.49 ? 26   PRO B CB  1 
ATOM   614  C  CG  . PRO B 2 36  ? -12.212 1.087   10.866  1.00 115.27 ? 26   PRO B CG  1 
ATOM   615  C  CD  . PRO B 2 36  ? -11.663 2.138   9.943   1.00 113.56 ? 26   PRO B CD  1 
ATOM   616  N  N   . VAL B 2 37  ? -14.383 -0.740  7.439   1.00 113.79 ? 27   VAL B N   1 
ATOM   617  C  CA  . VAL B 2 37  ? -15.781 -0.945  7.077   1.00 116.71 ? 27   VAL B CA  1 
ATOM   618  C  C   . VAL B 2 37  ? -16.561 -1.564  8.232   1.00 123.26 ? 27   VAL B C   1 
ATOM   619  O  O   . VAL B 2 37  ? -16.465 -2.766  8.486   1.00 121.29 ? 27   VAL B O   1 
ATOM   620  C  CB  . VAL B 2 37  ? -15.914 -1.847  5.835   1.00 114.34 ? 27   VAL B CB  1 
ATOM   621  C  CG1 . VAL B 2 37  ? -17.372 -1.961  5.417   1.00 119.23 ? 27   VAL B CG1 1 
ATOM   622  C  CG2 . VAL B 2 37  ? -15.070 -1.308  4.693   1.00 113.42 ? 27   VAL B CG2 1 
ATOM   623  N  N   . GLY B 2 38  ? -17.329 -0.737  8.931   1.00 121.42 ? 28   GLY B N   1 
ATOM   624  C  CA  . GLY B 2 38  ? -18.137 -1.204  10.043  1.00 123.21 ? 28   GLY B CA  1 
ATOM   625  C  C   . GLY B 2 38  ? -17.314 -1.550  11.268  1.00 123.79 ? 28   GLY B C   1 
ATOM   626  O  O   . GLY B 2 38  ? -16.741 -0.672  11.912  1.00 121.88 ? 28   GLY B O   1 
ATOM   627  N  N   . ASP B 2 39  ? -17.254 -2.839  11.589  1.00 126.99 ? 29   ASP B N   1 
ATOM   628  C  CA  . ASP B 2 39  ? -16.560 -3.301  12.786  1.00 125.60 ? 29   ASP B CA  1 
ATOM   629  C  C   . ASP B 2 39  ? -15.294 -4.087  12.456  1.00 124.16 ? 29   ASP B C   1 
ATOM   630  O  O   . ASP B 2 39  ? -14.359 -4.134  13.255  1.00 124.36 ? 29   ASP B O   1 
ATOM   631  C  CB  . ASP B 2 39  ? -17.498 -4.162  13.637  1.00 128.46 ? 29   ASP B CB  1 
ATOM   632  C  CG  . ASP B 2 39  ? -18.107 -5.309  12.853  1.00 133.14 ? 29   ASP B CG  1 
ATOM   633  O  OD1 . ASP B 2 39  ? -18.343 -5.142  11.638  1.00 128.32 ? 29   ASP B OD1 1 
ATOM   634  O  OD2 . ASP B 2 39  ? -18.349 -6.379  13.452  1.00 127.19 ? 29   ASP B OD2 1 
ATOM   635  N  N   . ASP B 2 40  ? -15.270 -4.703  11.279  1.00 122.57 ? 30   ASP B N   1 
ATOM   636  C  CA  . ASP B 2 40  ? -14.147 -5.543  10.877  1.00 119.51 ? 30   ASP B CA  1 
ATOM   637  C  C   . ASP B 2 40  ? -12.906 -4.701  10.586  1.00 118.50 ? 30   ASP B C   1 
ATOM   638  O  O   . ASP B 2 40  ? -12.940 -3.799  9.749   1.00 117.79 ? 30   ASP B O   1 
ATOM   639  C  CB  . ASP B 2 40  ? -14.520 -6.381  9.652   1.00 122.12 ? 30   ASP B CB  1 
ATOM   640  C  CG  . ASP B 2 40  ? -13.752 -7.687  9.584   1.00 119.27 ? 30   ASP B CG  1 
ATOM   641  O  OD1 . ASP B 2 40  ? -12.662 -7.770  10.189  1.00 117.78 ? 30   ASP B OD1 1 
ATOM   642  O  OD2 . ASP B 2 40  ? -14.240 -8.632  8.926   1.00 109.48 ? 30   ASP B OD2 1 
ATOM   643  N  N   . LEU B 2 41  ? -11.812 -5.005  11.280  1.00 119.57 ? 31   LEU B N   1 
ATOM   644  C  CA  . LEU B 2 41  ? -10.571 -4.249  11.135  1.00 111.97 ? 31   LEU B CA  1 
ATOM   645  C  C   . LEU B 2 41  ? -9.753  -4.684  9.923   1.00 109.07 ? 31   LEU B C   1 
ATOM   646  O  O   . LEU B 2 41  ? -8.766  -4.039  9.571   1.00 112.01 ? 31   LEU B O   1 
ATOM   647  C  CB  . LEU B 2 41  ? -9.714  -4.378  12.398  1.00 107.51 ? 31   LEU B CB  1 
ATOM   648  C  CG  . LEU B 2 41  ? -10.019 -3.431  13.558  1.00 111.13 ? 31   LEU B CG  1 
ATOM   649  C  CD1 . LEU B 2 41  ? -9.082  -3.698  14.726  1.00 110.86 ? 31   LEU B CD1 1 
ATOM   650  C  CD2 . LEU B 2 41  ? -9.917  -1.981  13.108  1.00 112.15 ? 31   LEU B CD2 1 
ATOM   651  N  N   . TYR B 2 42  ? -10.160 -5.779  9.290   1.00 108.29 ? 32   TYR B N   1 
ATOM   652  C  CA  . TYR B 2 42  ? -9.432  -6.298  8.138   1.00 102.26 ? 32   TYR B CA  1 
ATOM   653  C  C   . TYR B 2 42  ? -10.086 -5.882  6.823   1.00 106.20 ? 32   TYR B C   1 
ATOM   654  O  O   . TYR B 2 42  ? -9.551  -6.143  5.747   1.00 107.13 ? 32   TYR B O   1 
ATOM   655  C  CB  . TYR B 2 42  ? -9.322  -7.821  8.222   1.00 107.06 ? 32   TYR B CB  1 
ATOM   656  C  CG  . TYR B 2 42  ? -8.453  -8.298  9.364   1.00 104.42 ? 32   TYR B CG  1 
ATOM   657  C  CD1 . TYR B 2 42  ? -7.082  -8.450  9.201   1.00 100.35 ? 32   TYR B CD1 1 
ATOM   658  C  CD2 . TYR B 2 42  ? -9.001  -8.588  10.606  1.00 103.22 ? 32   TYR B CD2 1 
ATOM   659  C  CE1 . TYR B 2 42  ? -6.281  -8.881  10.242  1.00 102.39 ? 32   TYR B CE1 1 
ATOM   660  C  CE2 . TYR B 2 42  ? -8.208  -9.021  11.653  1.00 104.80 ? 32   TYR B CE2 1 
ATOM   661  C  CZ  . TYR B 2 42  ? -6.849  -9.165  11.466  1.00 109.06 ? 32   TYR B CZ  1 
ATOM   662  O  OH  . TYR B 2 42  ? -6.054  -9.595  12.504  1.00 111.04 ? 32   TYR B OH  1 
ATOM   663  N  N   . HIS B 2 43  ? -11.242 -5.233  6.919   1.00 108.30 ? 33   HIS B N   1 
ATOM   664  C  CA  . HIS B 2 43  ? -11.924 -4.705  5.743   1.00 106.83 ? 33   HIS B CA  1 
ATOM   665  C  C   . HIS B 2 43  ? -12.001 -3.185  5.812   1.00 106.78 ? 33   HIS B C   1 
ATOM   666  O  O   . HIS B 2 43  ? -12.724 -2.629  6.638   1.00 109.56 ? 33   HIS B O   1 
ATOM   667  C  CB  . HIS B 2 43  ? -13.330 -5.295  5.616   1.00 107.56 ? 33   HIS B CB  1 
ATOM   668  C  CG  . HIS B 2 43  ? -13.349 -6.777  5.398   1.00 116.97 ? 33   HIS B CG  1 
ATOM   669  N  ND1 . HIS B 2 43  ? -13.336 -7.682  6.436   1.00 120.74 ? 33   HIS B ND1 1 
ATOM   670  C  CD2 . HIS B 2 43  ? -13.379 -7.509  4.260   1.00 118.39 ? 33   HIS B CD2 1 
ATOM   671  C  CE1 . HIS B 2 43  ? -13.358 -8.910  5.949   1.00 115.72 ? 33   HIS B CE1 1 
ATOM   672  N  NE2 . HIS B 2 43  ? -13.384 -8.833  4.630   1.00 120.14 ? 33   HIS B NE2 1 
ATOM   673  N  N   . TRP B 2 44  ? -11.249 -2.517  4.943   1.00 105.75 ? 34   TRP B N   1 
ATOM   674  C  CA  . TRP B 2 44  ? -11.237 -1.059  4.913   1.00 104.82 ? 34   TRP B CA  1 
ATOM   675  C  C   . TRP B 2 44  ? -11.803 -0.513  3.608   1.00 103.47 ? 34   TRP B C   1 
ATOM   676  O  O   . TRP B 2 44  ? -11.780 -1.187  2.579   1.00 105.40 ? 34   TRP B O   1 
ATOM   677  C  CB  . TRP B 2 44  ? -9.816  -0.525  5.114   1.00 105.13 ? 34   TRP B CB  1 
ATOM   678  C  CG  . TRP B 2 44  ? -9.331  -0.580  6.528   1.00 103.89 ? 34   TRP B CG  1 
ATOM   679  C  CD1 . TRP B 2 44  ? -9.573  -1.562  7.443   1.00 107.65 ? 34   TRP B CD1 1 
ATOM   680  C  CD2 . TRP B 2 44  ? -8.529  0.401   7.196   1.00 104.69 ? 34   TRP B CD2 1 
ATOM   681  N  NE1 . TRP B 2 44  ? -8.965  -1.258  8.637   1.00 103.48 ? 34   TRP B NE1 1 
ATOM   682  C  CE2 . TRP B 2 44  ? -8.317  -0.057  8.512   1.00 103.91 ? 34   TRP B CE2 1 
ATOM   683  C  CE3 . TRP B 2 44  ? -7.966  1.621   6.808   1.00 108.97 ? 34   TRP B CE3 1 
ATOM   684  C  CZ2 . TRP B 2 44  ? -7.568  0.661   9.441   1.00 104.55 ? 34   TRP B CZ2 1 
ATOM   685  C  CZ3 . TRP B 2 44  ? -7.222  2.333   7.731   1.00 106.44 ? 34   TRP B CZ3 1 
ATOM   686  C  CH2 . TRP B 2 44  ? -7.030  1.851   9.032   1.00 110.24 ? 34   TRP B CH2 1 
ATOM   687  N  N   . GLN B 2 45  ? -12.312 0.712   3.664   1.00 104.13 ? 35   GLN B N   1 
ATOM   688  C  CA  . GLN B 2 45  ? -12.779 1.409   2.474   1.00 97.23  ? 35   GLN B CA  1 
ATOM   689  C  C   . GLN B 2 45  ? -12.065 2.749   2.339   1.00 107.71 ? 35   GLN B C   1 
ATOM   690  O  O   . GLN B 2 45  ? -12.341 3.687   3.087   1.00 110.83 ? 35   GLN B O   1 
ATOM   691  C  CB  . GLN B 2 45  ? -14.294 1.617   2.521   1.00 98.52  ? 35   GLN B CB  1 
ATOM   692  C  CG  . GLN B 2 45  ? -14.854 2.321   1.294   1.00 107.65 ? 35   GLN B CG  1 
ATOM   693  C  CD  . GLN B 2 45  ? -16.345 2.585   1.396   1.00 112.26 ? 35   GLN B CD  1 
ATOM   694  O  OE1 . GLN B 2 45  ? -16.990 2.202   2.373   1.00 115.70 ? 35   GLN B OE1 1 
ATOM   695  N  NE2 . GLN B 2 45  ? -16.900 3.246   0.387   1.00 107.33 ? 35   GLN B NE2 1 
ATOM   696  N  N   . ALA B 2 46  ? -11.142 2.830   1.387   1.00 109.11 ? 36   ALA B N   1 
ATOM   697  C  CA  . ALA B 2 46  ? -10.375 4.051   1.170   1.00 100.96 ? 36   ALA B CA  1 
ATOM   698  C  C   . ALA B 2 46  ? -11.041 4.938   0.127   1.00 101.19 ? 36   ALA B C   1 
ATOM   699  O  O   . ALA B 2 46  ? -11.958 4.509   -0.573  1.00 98.35  ? 36   ALA B O   1 
ATOM   700  C  CB  . ALA B 2 46  ? -8.954  3.716   0.751   1.00 98.42  ? 36   ALA B CB  1 
ATOM   701  N  N   . SER B 2 47  ? -10.571 6.176   0.029   1.00 106.59 ? 37   SER B N   1 
ATOM   702  C  CA  . SER B 2 47  ? -11.105 7.130   -0.935  1.00 101.31 ? 37   SER B CA  1 
ATOM   703  C  C   . SER B 2 47  ? -10.125 8.271   -1.169  1.00 104.76 ? 37   SER B C   1 
ATOM   704  O  O   . SER B 2 47  ? -10.048 9.207   -0.373  1.00 115.13 ? 37   SER B O   1 
ATOM   705  C  CB  . SER B 2 47  ? -12.449 7.683   -0.458  1.00 102.98 ? 37   SER B CB  1 
ATOM   706  O  OG  . SER B 2 47  ? -12.313 8.342   0.789   1.00 105.35 ? 37   SER B OG  1 
ATOM   707  N  N   . ILE B 2 48  ? -9.377  8.191   -2.264  1.00 105.34 ? 38   ILE B N   1 
ATOM   708  C  CA  . ILE B 2 48  ? -8.377  9.204   -2.570  1.00 106.67 ? 38   ILE B CA  1 
ATOM   709  C  C   . ILE B 2 48  ? -8.846  10.134  -3.685  1.00 104.70 ? 38   ILE B C   1 
ATOM   710  O  O   . ILE B 2 48  ? -9.694  9.770   -4.500  1.00 103.57 ? 38   ILE B O   1 
ATOM   711  C  CB  . ILE B 2 48  ? -7.030  8.564   -2.970  1.00 103.77 ? 38   ILE B CB  1 
ATOM   712  C  CG1 . ILE B 2 48  ? -7.125  7.911   -4.350  1.00 100.03 ? 38   ILE B CG1 1 
ATOM   713  C  CG2 . ILE B 2 48  ? -6.594  7.552   -1.923  1.00 105.87 ? 38   ILE B CG2 1 
ATOM   714  C  CD1 . ILE B 2 48  ? -5.811  7.341   -4.843  1.00 92.87  ? 38   ILE B CD1 1 
ATOM   715  N  N   . MET B 2 49  ? -8.294  11.342  -3.706  1.00 108.95 ? 39   MET B N   1 
ATOM   716  C  CA  . MET B 2 49  ? -8.625  12.321  -4.731  1.00 107.40 ? 39   MET B CA  1 
ATOM   717  C  C   . MET B 2 49  ? -7.656  12.217  -5.901  1.00 105.97 ? 39   MET B C   1 
ATOM   718  O  O   . MET B 2 49  ? -6.477  11.915  -5.716  1.00 105.26 ? 39   MET B O   1 
ATOM   719  C  CB  . MET B 2 49  ? -8.599  13.737  -4.152  1.00 113.67 ? 39   MET B CB  1 
ATOM   720  C  CG  . MET B 2 49  ? -9.579  13.967  -3.014  1.00 119.09 ? 39   MET B CG  1 
ATOM   721  S  SD  . MET B 2 49  ? -9.308  15.548  -2.190  1.00 141.48 ? 39   MET B SD  1 
ATOM   722  C  CE  . MET B 2 49  ? -9.398  16.678  -3.576  1.00 132.01 ? 39   MET B CE  1 
ATOM   723  N  N   . GLY B 2 50  ? -8.158  12.465  -7.106  1.00 100.07 ? 40   GLY B N   1 
ATOM   724  C  CA  . GLY B 2 50  ? -7.320  12.456  -8.290  1.00 101.39 ? 40   GLY B CA  1 
ATOM   725  C  C   . GLY B 2 50  ? -6.402  13.661  -8.317  1.00 104.53 ? 40   GLY B C   1 
ATOM   726  O  O   . GLY B 2 50  ? -6.868  14.797  -8.228  1.00 108.70 ? 40   GLY B O   1 
ATOM   727  N  N   . PRO B 2 51  ? -5.087  13.419  -8.434  1.00 103.16 ? 41   PRO B N   1 
ATOM   728  C  CA  . PRO B 2 51  ? -4.076  14.484  -8.460  1.00 103.09 ? 41   PRO B CA  1 
ATOM   729  C  C   . PRO B 2 51  ? -4.313  15.488  -9.586  1.00 102.77 ? 41   PRO B C   1 
ATOM   730  O  O   . PRO B 2 51  ? -4.810  15.114  -10.650 1.00 102.76 ? 41   PRO B O   1 
ATOM   731  C  CB  . PRO B 2 51  ? -2.767  13.719  -8.680  1.00 101.53 ? 41   PRO B CB  1 
ATOM   732  C  CG  . PRO B 2 51  ? -3.041  12.347  -8.168  1.00 102.11 ? 41   PRO B CG  1 
ATOM   733  C  CD  . PRO B 2 51  ? -4.478  12.080  -8.503  1.00 99.06  ? 41   PRO B CD  1 
ATOM   734  N  N   . ALA B 2 52  ? -3.965  16.748  -9.346  1.00 105.94 ? 42   ALA B N   1 
ATOM   735  C  CA  . ALA B 2 52  ? -4.131  17.795  -10.348 1.00 104.08 ? 42   ALA B CA  1 
ATOM   736  C  C   . ALA B 2 52  ? -3.173  17.585  -11.515 1.00 101.48 ? 42   ALA B C   1 
ATOM   737  O  O   . ALA B 2 52  ? -3.484  17.924  -12.657 1.00 104.86 ? 42   ALA B O   1 
ATOM   738  C  CB  . ALA B 2 52  ? -3.916  19.166  -9.727  1.00 95.59  ? 42   ALA B CB  1 
ATOM   739  N  N   . ASP B 2 53  ? -2.010  17.019  -11.211 1.00 102.83 ? 43   ASP B N   1 
ATOM   740  C  CA  . ASP B 2 53  ? -0.995  16.725  -12.218 1.00 108.33 ? 43   ASP B CA  1 
ATOM   741  C  C   . ASP B 2 53  ? -1.514  15.697  -13.222 1.00 107.94 ? 43   ASP B C   1 
ATOM   742  O  O   . ASP B 2 53  ? -1.210  15.765  -14.413 1.00 109.25 ? 43   ASP B O   1 
ATOM   743  C  CB  . ASP B 2 53  ? 0.284   16.216  -11.544 1.00 108.02 ? 43   ASP B CB  1 
ATOM   744  C  CG  . ASP B 2 53  ? 1.513   16.361  -12.425 1.00 125.59 ? 43   ASP B CG  1 
ATOM   745  O  OD1 . ASP B 2 53  ? 1.359   16.514  -13.655 1.00 128.78 ? 43   ASP B OD1 1 
ATOM   746  O  OD2 . ASP B 2 53  ? 2.637   16.319  -11.883 1.00 129.49 ? 43   ASP B OD2 1 
ATOM   747  N  N   . SER B 2 54  ? -2.306  14.752  -12.727 1.00 102.22 ? 44   SER B N   1 
ATOM   748  C  CA  . SER B 2 54  ? -2.862  13.686  -13.555 1.00 102.74 ? 44   SER B CA  1 
ATOM   749  C  C   . SER B 2 54  ? -4.125  14.143  -14.282 1.00 102.53 ? 44   SER B C   1 
ATOM   750  O  O   . SER B 2 54  ? -4.723  15.154  -13.914 1.00 103.18 ? 44   SER B O   1 
ATOM   751  C  CB  . SER B 2 54  ? -3.167  12.459  -12.691 1.00 106.23 ? 44   SER B CB  1 
ATOM   752  O  OG  . SER B 2 54  ? -4.171  12.750  -11.733 1.00 108.48 ? 44   SER B OG  1 
ATOM   753  N  N   . PRO B 2 55  ? -4.533  13.404  -15.329 1.00 101.43 ? 45   PRO B N   1 
ATOM   754  C  CA  . PRO B 2 55  ? -5.818  13.679  -15.981 1.00 102.99 ? 45   PRO B CA  1 
ATOM   755  C  C   . PRO B 2 55  ? -7.011  13.142  -15.186 1.00 105.02 ? 45   PRO B C   1 
ATOM   756  O  O   . PRO B 2 55  ? -8.134  13.146  -15.689 1.00 104.26 ? 45   PRO B O   1 
ATOM   757  C  CB  . PRO B 2 55  ? -5.691  12.954  -17.323 1.00 102.76 ? 45   PRO B CB  1 
ATOM   758  C  CG  . PRO B 2 55  ? -4.737  11.846  -17.052 1.00 99.67  ? 45   PRO B CG  1 
ATOM   759  C  CD  . PRO B 2 55  ? -3.741  12.412  -16.079 1.00 99.45  ? 45   PRO B CD  1 
ATOM   760  N  N   . TYR B 2 56  ? -6.763  12.685  -13.963 1.00 102.18 ? 46   TYR B N   1 
ATOM   761  C  CA  . TYR B 2 56  ? -7.826  12.176  -13.104 1.00 101.39 ? 46   TYR B CA  1 
ATOM   762  C  C   . TYR B 2 56  ? -8.266  13.236  -12.102 1.00 102.93 ? 46   TYR B C   1 
ATOM   763  O  O   . TYR B 2 56  ? -8.914  12.928  -11.101 1.00 98.93  ? 46   TYR B O   1 
ATOM   764  C  CB  . TYR B 2 56  ? -7.366  10.915  -12.368 1.00 102.23 ? 46   TYR B CB  1 
ATOM   765  C  CG  . TYR B 2 56  ? -6.837  9.833   -13.281 1.00 102.08 ? 46   TYR B CG  1 
ATOM   766  C  CD1 . TYR B 2 56  ? -7.701  8.963   -13.932 1.00 97.28  ? 46   TYR B CD1 1 
ATOM   767  C  CD2 . TYR B 2 56  ? -5.472  9.679   -13.489 1.00 100.88 ? 46   TYR B CD2 1 
ATOM   768  C  CE1 . TYR B 2 56  ? -7.223  7.973   -14.768 1.00 95.82  ? 46   TYR B CE1 1 
ATOM   769  C  CE2 . TYR B 2 56  ? -4.983  8.691   -14.323 1.00 99.00  ? 46   TYR B CE2 1 
ATOM   770  C  CZ  . TYR B 2 56  ? -5.864  7.840   -14.958 1.00 95.77  ? 46   TYR B CZ  1 
ATOM   771  O  OH  . TYR B 2 56  ? -5.384  6.854   -15.790 1.00 97.37  ? 46   TYR B OH  1 
ATOM   772  N  N   . ALA B 2 57  ? -7.905  14.486  -12.378 1.00 100.58 ? 47   ALA B N   1 
ATOM   773  C  CA  . ALA B 2 57  ? -8.224  15.597  -11.489 1.00 97.80  ? 47   ALA B CA  1 
ATOM   774  C  C   . ALA B 2 57  ? -9.725  15.859  -11.437 1.00 95.48  ? 47   ALA B C   1 
ATOM   775  O  O   . ALA B 2 57  ? -10.419 15.758  -12.449 1.00 91.95  ? 47   ALA B O   1 
ATOM   776  C  CB  . ALA B 2 57  ? -7.483  16.853  -11.927 1.00 103.82 ? 47   ALA B CB  1 
ATOM   777  N  N   . GLY B 2 58  ? -10.219 16.194  -10.249 1.00 94.39  ? 48   GLY B N   1 
ATOM   778  C  CA  . GLY B 2 58  ? -11.624 16.504  -10.064 1.00 94.51  ? 48   GLY B CA  1 
ATOM   779  C  C   . GLY B 2 58  ? -12.449 15.311  -9.621  1.00 106.39 ? 48   GLY B C   1 
ATOM   780  O  O   . GLY B 2 58  ? -13.564 15.466  -9.124  1.00 106.91 ? 48   GLY B O   1 
ATOM   781  N  N   . GLY B 2 59  ? -11.898 14.114  -9.797  1.00 100.84 ? 49   GLY B N   1 
ATOM   782  C  CA  . GLY B 2 59  ? -12.612 12.892  -9.473  1.00 101.27 ? 49   GLY B CA  1 
ATOM   783  C  C   . GLY B 2 59  ? -12.215 12.289  -8.139  1.00 109.15 ? 49   GLY B C   1 
ATOM   784  O  O   . GLY B 2 59  ? -11.071 12.415  -7.703  1.00 108.97 ? 49   GLY B O   1 
ATOM   785  N  N   . VAL B 2 60  ? -13.172 11.632  -7.490  1.00 100.68 ? 50   VAL B N   1 
ATOM   786  C  CA  . VAL B 2 60  ? -12.918 10.939  -6.233  1.00 101.33 ? 50   VAL B CA  1 
ATOM   787  C  C   . VAL B 2 60  ? -13.043 9.433   -6.431  1.00 104.97 ? 50   VAL B C   1 
ATOM   788  O  O   . VAL B 2 60  ? -14.090 8.938   -6.848  1.00 111.18 ? 50   VAL B O   1 
ATOM   789  C  CB  . VAL B 2 60  ? -13.885 11.397  -5.123  1.00 108.14 ? 50   VAL B CB  1 
ATOM   790  C  CG1 . VAL B 2 60  ? -13.707 10.543  -3.876  1.00 101.45 ? 50   VAL B CG1 1 
ATOM   791  C  CG2 . VAL B 2 60  ? -13.669 12.870  -4.808  1.00 106.00 ? 50   VAL B CG2 1 
ATOM   792  N  N   . PHE B 2 61  ? -11.972 8.708   -6.129  1.00 98.19  ? 51   PHE B N   1 
ATOM   793  C  CA  . PHE B 2 61  ? -11.920 7.275   -6.388  1.00 98.91  ? 51   PHE B CA  1 
ATOM   794  C  C   . PHE B 2 61  ? -11.967 6.457   -5.101  1.00 103.61 ? 51   PHE B C   1 
ATOM   795  O  O   . PHE B 2 61  ? -11.161 6.662   -4.192  1.00 101.94 ? 51   PHE B O   1 
ATOM   796  C  CB  . PHE B 2 61  ? -10.658 6.929   -7.181  1.00 100.16 ? 51   PHE B CB  1 
ATOM   797  C  CG  . PHE B 2 61  ? -10.552 7.650   -8.496  1.00 100.52 ? 51   PHE B CG  1 
ATOM   798  C  CD1 . PHE B 2 61  ? -10.003 8.921   -8.562  1.00 102.34 ? 51   PHE B CD1 1 
ATOM   799  C  CD2 . PHE B 2 61  ? -11.002 7.059   -9.665  1.00 97.05  ? 51   PHE B CD2 1 
ATOM   800  C  CE1 . PHE B 2 61  ? -9.906  9.589   -9.768  1.00 96.15  ? 51   PHE B CE1 1 
ATOM   801  C  CE2 . PHE B 2 61  ? -10.907 7.720   -10.874 1.00 100.52 ? 51   PHE B CE2 1 
ATOM   802  C  CZ  . PHE B 2 61  ? -10.357 8.988   -10.925 1.00 101.18 ? 51   PHE B CZ  1 
ATOM   803  N  N   . PHE B 2 62  ? -12.915 5.528   -5.033  1.00 102.93 ? 52   PHE B N   1 
ATOM   804  C  CA  . PHE B 2 62  ? -13.070 4.669   -3.864  1.00 102.27 ? 52   PHE B CA  1 
ATOM   805  C  C   . PHE B 2 62  ? -12.341 3.344   -4.049  1.00 99.17  ? 52   PHE B C   1 
ATOM   806  O  O   . PHE B 2 62  ? -12.232 2.834   -5.164  1.00 101.07 ? 52   PHE B O   1 
ATOM   807  C  CB  . PHE B 2 62  ? -14.552 4.416   -3.578  1.00 100.92 ? 52   PHE B CB  1 
ATOM   808  C  CG  . PHE B 2 62  ? -15.322 5.657   -3.234  1.00 104.36 ? 52   PHE B CG  1 
ATOM   809  C  CD1 . PHE B 2 62  ? -15.331 6.145   -1.938  1.00 108.29 ? 52   PHE B CD1 1 
ATOM   810  C  CD2 . PHE B 2 62  ? -16.038 6.336   -4.206  1.00 107.40 ? 52   PHE B CD2 1 
ATOM   811  C  CE1 . PHE B 2 62  ? -16.038 7.287   -1.616  1.00 110.97 ? 52   PHE B CE1 1 
ATOM   812  C  CE2 . PHE B 2 62  ? -16.749 7.479   -3.890  1.00 111.02 ? 52   PHE B CE2 1 
ATOM   813  C  CZ  . PHE B 2 62  ? -16.748 7.955   -2.593  1.00 109.29 ? 52   PHE B CZ  1 
ATOM   814  N  N   . LEU B 2 63  ? -11.841 2.789   -2.949  1.00 98.70  ? 53   LEU B N   1 
ATOM   815  C  CA  . LEU B 2 63  ? -11.077 1.548   -3.000  1.00 100.24 ? 53   LEU B CA  1 
ATOM   816  C  C   . LEU B 2 63  ? -11.546 0.542   -1.953  1.00 99.57  ? 53   LEU B C   1 
ATOM   817  O  O   . LEU B 2 63  ? -12.188 0.906   -0.967  1.00 101.66 ? 53   LEU B O   1 
ATOM   818  C  CB  . LEU B 2 63  ? -9.583  1.830   -2.812  1.00 97.15  ? 53   LEU B CB  1 
ATOM   819  C  CG  . LEU B 2 63  ? -8.854  2.644   -3.887  1.00 96.86  ? 53   LEU B CG  1 
ATOM   820  C  CD1 . LEU B 2 63  ? -8.992  4.144   -3.650  1.00 105.07 ? 53   LEU B CD1 1 
ATOM   821  C  CD2 . LEU B 2 63  ? -7.388  2.246   -3.955  1.00 95.24  ? 53   LEU B CD2 1 
ATOM   822  N  N   . SER B 2 64  ? -11.217 -0.726  -2.178  1.00 98.56  ? 54   SER B N   1 
ATOM   823  C  CA  . SER B 2 64  ? -11.535 -1.786  -1.230  1.00 98.16  ? 54   SER B CA  1 
ATOM   824  C  C   . SER B 2 64  ? -10.251 -2.413  -0.701  1.00 97.98  ? 54   SER B C   1 
ATOM   825  O  O   . SER B 2 64  ? -9.419  -2.889  -1.474  1.00 98.91  ? 54   SER B O   1 
ATOM   826  C  CB  . SER B 2 64  ? -12.423 -2.847  -1.882  1.00 99.70  ? 54   SER B CB  1 
ATOM   827  O  OG  . SER B 2 64  ? -12.805 -3.840  -0.947  1.00 104.26 ? 54   SER B OG  1 
ATOM   828  N  N   . ILE B 2 65  ? -10.090 -2.407  0.618   1.00 97.25  ? 55   ILE B N   1 
ATOM   829  C  CA  . ILE B 2 65  ? -8.860  -2.889  1.237   1.00 98.30  ? 55   ILE B CA  1 
ATOM   830  C  C   . ILE B 2 65  ? -9.104  -4.082  2.159   1.00 104.31 ? 55   ILE B C   1 
ATOM   831  O  O   . ILE B 2 65  ? -9.889  -4.001  3.103   1.00 102.43 ? 55   ILE B O   1 
ATOM   832  C  CB  . ILE B 2 65  ? -8.170  -1.772  2.039   1.00 96.29  ? 55   ILE B CB  1 
ATOM   833  C  CG1 . ILE B 2 65  ? -7.903  -0.564  1.140   1.00 97.47  ? 55   ILE B CG1 1 
ATOM   834  C  CG2 . ILE B 2 65  ? -6.878  -2.279  2.657   1.00 96.00  ? 55   ILE B CG2 1 
ATOM   835  C  CD1 . ILE B 2 65  ? -7.324  0.620   1.868   1.00 92.79  ? 55   ILE B CD1 1 
ATOM   836  N  N   . HIS B 2 66  ? -8.421  -5.187  1.873   1.00 100.04 ? 56   HIS B N   1 
ATOM   837  C  CA  . HIS B 2 66  ? -8.533  -6.398  2.680   1.00 99.07  ? 56   HIS B CA  1 
ATOM   838  C  C   . HIS B 2 66  ? -7.177  -6.807  3.248   1.00 100.76 ? 56   HIS B C   1 
ATOM   839  O  O   . HIS B 2 66  ? -6.293  -7.246  2.514   1.00 101.37 ? 56   HIS B O   1 
ATOM   840  C  CB  . HIS B 2 66  ? -9.121  -7.545  1.853   1.00 105.29 ? 56   HIS B CB  1 
ATOM   841  C  CG  . HIS B 2 66  ? -10.576 -7.379  1.529   1.00 113.02 ? 56   HIS B CG  1 
ATOM   842  N  ND1 . HIS B 2 66  ? -11.106 -6.194  1.066   1.00 110.66 ? 56   HIS B ND1 1 
ATOM   843  C  CD2 . HIS B 2 66  ? -11.607 -8.253  1.596   1.00 113.26 ? 56   HIS B CD2 1 
ATOM   844  C  CE1 . HIS B 2 66  ? -12.404 -6.346  0.866   1.00 107.14 ? 56   HIS B CE1 1 
ATOM   845  N  NE2 . HIS B 2 66  ? -12.733 -7.584  1.179   1.00 117.52 ? 56   HIS B NE2 1 
ATOM   846  N  N   . PHE B 2 67  ? -7.020  -6.662  4.561   1.00 100.27 ? 57   PHE B N   1 
ATOM   847  C  CA  . PHE B 2 67  ? -5.771  -7.021  5.223   1.00 99.24  ? 57   PHE B CA  1 
ATOM   848  C  C   . PHE B 2 67  ? -5.709  -8.514  5.524   1.00 97.61  ? 57   PHE B C   1 
ATOM   849  O  O   . PHE B 2 67  ? -6.697  -9.103  5.960   1.00 106.89 ? 57   PHE B O   1 
ATOM   850  C  CB  . PHE B 2 67  ? -5.599  -6.224  6.518   1.00 102.83 ? 57   PHE B CB  1 
ATOM   851  C  CG  . PHE B 2 67  ? -5.429  -4.746  6.307   1.00 98.36  ? 57   PHE B CG  1 
ATOM   852  C  CD1 . PHE B 2 67  ? -4.183  -4.213  6.022   1.00 95.17  ? 57   PHE B CD1 1 
ATOM   853  C  CD2 . PHE B 2 67  ? -6.513  -3.889  6.405   1.00 100.76 ? 57   PHE B CD2 1 
ATOM   854  C  CE1 . PHE B 2 67  ? -4.023  -2.855  5.830   1.00 98.78  ? 57   PHE B CE1 1 
ATOM   855  C  CE2 . PHE B 2 67  ? -6.357  -2.529  6.214   1.00 103.27 ? 57   PHE B CE2 1 
ATOM   856  C  CZ  . PHE B 2 67  ? -5.111  -2.012  5.926   1.00 99.32  ? 57   PHE B CZ  1 
ATOM   857  N  N   . PRO B 2 68  ? -4.541  -9.131  5.289   1.00 95.71  ? 58   PRO B N   1 
ATOM   858  C  CA  . PRO B 2 68  ? -4.327  -10.550 5.592   1.00 96.99  ? 58   PRO B CA  1 
ATOM   859  C  C   . PRO B 2 68  ? -4.121  -10.793 7.085   1.00 98.17  ? 58   PRO B C   1 
ATOM   860  O  O   . PRO B 2 68  ? -3.864  -9.848  7.831   1.00 103.49 ? 58   PRO B O   1 
ATOM   861  C  CB  . PRO B 2 68  ? -3.063  -10.886 4.802   1.00 97.97  ? 58   PRO B CB  1 
ATOM   862  C  CG  . PRO B 2 68  ? -2.314  -9.602  4.755   1.00 103.81 ? 58   PRO B CG  1 
ATOM   863  C  CD  . PRO B 2 68  ? -3.355  -8.515  4.666   1.00 102.35 ? 58   PRO B CD  1 
ATOM   864  N  N   . THR B 2 69  ? -4.225  -12.047 7.510   1.00 97.66  ? 59   THR B N   1 
ATOM   865  C  CA  . THR B 2 69  ? -4.110  -12.391 8.924   1.00 99.58  ? 59   THR B CA  1 
ATOM   866  C  C   . THR B 2 69  ? -2.668  -12.337 9.422   1.00 96.91  ? 59   THR B C   1 
ATOM   867  O  O   . THR B 2 69  ? -2.420  -12.375 10.627  1.00 95.82  ? 59   THR B O   1 
ATOM   868  C  CB  . THR B 2 69  ? -4.679  -13.794 9.210   1.00 92.19  ? 59   THR B CB  1 
ATOM   869  O  OG1 . THR B 2 69  ? -4.010  -14.762 8.389   1.00 96.19  ? 59   THR B OG1 1 
ATOM   870  C  CG2 . THR B 2 69  ? -6.170  -13.833 8.918   1.00 88.26  ? 59   THR B CG2 1 
ATOM   871  N  N   . ASP B 2 70  ? -1.719  -12.257 8.495   1.00 93.63  ? 60   ASP B N   1 
ATOM   872  C  CA  . ASP B 2 70  ? -0.311  -12.164 8.863   1.00 94.95  ? 60   ASP B CA  1 
ATOM   873  C  C   . ASP B 2 70  ? 0.271   -10.810 8.464   1.00 96.93  ? 60   ASP B C   1 
ATOM   874  O  O   . ASP B 2 70  ? 1.462   -10.691 8.174   1.00 94.39  ? 60   ASP B O   1 
ATOM   875  C  CB  . ASP B 2 70  ? 0.489   -13.303 8.229   1.00 88.53  ? 60   ASP B CB  1 
ATOM   876  C  CG  . ASP B 2 70  ? 0.429   -13.289 6.718   1.00 93.74  ? 60   ASP B CG  1 
ATOM   877  O  OD1 . ASP B 2 70  ? -0.609  -12.871 6.162   1.00 94.52  ? 60   ASP B OD1 1 
ATOM   878  O  OD2 . ASP B 2 70  ? 1.425   -13.697 6.086   1.00 88.32  ? 60   ASP B OD2 1 
ATOM   879  N  N   . TYR B 2 71  ? -0.589  -9.796  8.447   1.00 89.92  ? 61   TYR B N   1 
ATOM   880  C  CA  . TYR B 2 71  ? -0.174  -8.414  8.234   1.00 93.37  ? 61   TYR B CA  1 
ATOM   881  C  C   . TYR B 2 71  ? 0.772   -8.002  9.363   1.00 90.32  ? 61   TYR B C   1 
ATOM   882  O  O   . TYR B 2 71  ? 0.613   -8.463  10.493  1.00 93.72  ? 61   TYR B O   1 
ATOM   883  C  CB  . TYR B 2 71  ? -1.408  -7.505  8.176   1.00 99.01  ? 61   TYR B CB  1 
ATOM   884  C  CG  . TYR B 2 71  ? -1.153  -6.107  7.657   1.00 91.03  ? 61   TYR B CG  1 
ATOM   885  C  CD1 . TYR B 2 71  ? -1.029  -5.864  6.294   1.00 95.13  ? 61   TYR B CD1 1 
ATOM   886  C  CD2 . TYR B 2 71  ? -1.043  -5.031  8.527   1.00 92.94  ? 61   TYR B CD2 1 
ATOM   887  C  CE1 . TYR B 2 71  ? -0.794  -4.587  5.816   1.00 97.51  ? 61   TYR B CE1 1 
ATOM   888  C  CE2 . TYR B 2 71  ? -0.810  -3.753  8.056   1.00 95.10  ? 61   TYR B CE2 1 
ATOM   889  C  CZ  . TYR B 2 71  ? -0.687  -3.537  6.701   1.00 91.17  ? 61   TYR B CZ  1 
ATOM   890  O  OH  . TYR B 2 71  ? -0.455  -2.266  6.231   1.00 93.86  ? 61   TYR B OH  1 
ATOM   891  N  N   . PRO B 2 72  ? 1.764   -7.142  9.074   1.00 90.61  ? 62   PRO B N   1 
ATOM   892  C  CA  . PRO B 2 72  ? 2.091   -6.484  7.806   1.00 93.51  ? 62   PRO B CA  1 
ATOM   893  C  C   . PRO B 2 72  ? 3.105   -7.240  6.952   1.00 92.73  ? 62   PRO B C   1 
ATOM   894  O  O   . PRO B 2 72  ? 3.686   -6.653  6.040   1.00 96.03  ? 62   PRO B O   1 
ATOM   895  C  CB  . PRO B 2 72  ? 2.681   -5.155  8.268   1.00 91.43  ? 62   PRO B CB  1 
ATOM   896  C  CG  . PRO B 2 72  ? 3.410   -5.527  9.516   1.00 88.70  ? 62   PRO B CG  1 
ATOM   897  C  CD  . PRO B 2 72  ? 2.606   -6.631  10.171  1.00 88.72  ? 62   PRO B CD  1 
ATOM   898  N  N   . PHE B 2 73  ? 3.312   -8.519  7.240   1.00 89.97  ? 63   PHE B N   1 
ATOM   899  C  CA  . PHE B 2 73  ? 4.296   -9.307  6.507   1.00 86.60  ? 63   PHE B CA  1 
ATOM   900  C  C   . PHE B 2 73  ? 3.785   -9.678  5.118   1.00 87.57  ? 63   PHE B C   1 
ATOM   901  O  O   . PHE B 2 73  ? 4.520   -10.230 4.300   1.00 91.09  ? 63   PHE B O   1 
ATOM   902  C  CB  . PHE B 2 73  ? 4.666   -10.561 7.296   1.00 88.77  ? 63   PHE B CB  1 
ATOM   903  C  CG  . PHE B 2 73  ? 5.247   -10.271 8.650   1.00 82.18  ? 63   PHE B CG  1 
ATOM   904  C  CD1 . PHE B 2 73  ? 6.610   -10.081 8.809   1.00 79.32  ? 63   PHE B CD1 1 
ATOM   905  C  CD2 . PHE B 2 73  ? 4.429   -10.183 9.766   1.00 83.12  ? 63   PHE B CD2 1 
ATOM   906  C  CE1 . PHE B 2 73  ? 7.146   -9.812  10.054  1.00 82.25  ? 63   PHE B CE1 1 
ATOM   907  C  CE2 . PHE B 2 73  ? 4.959   -9.915  11.014  1.00 77.47  ? 63   PHE B CE2 1 
ATOM   908  C  CZ  . PHE B 2 73  ? 6.320   -9.729  11.158  1.00 82.44  ? 63   PHE B CZ  1 
ATOM   909  N  N   . LYS B 2 74  ? 2.518   -9.372  4.863   1.00 92.64  ? 64   LYS B N   1 
ATOM   910  C  CA  . LYS B 2 74  ? 1.935   -9.531  3.536   1.00 97.33  ? 64   LYS B CA  1 
ATOM   911  C  C   . LYS B 2 74  ? 1.110   -8.304  3.172   1.00 99.04  ? 64   LYS B C   1 
ATOM   912  O  O   . LYS B 2 74  ? 0.418   -7.742  4.020   1.00 97.55  ? 64   LYS B O   1 
ATOM   913  C  CB  . LYS B 2 74  ? 1.068   -10.789 3.463   1.00 100.35 ? 64   LYS B CB  1 
ATOM   914  C  CG  . LYS B 2 74  ? 1.852   -12.070 3.287   1.00 97.76  ? 64   LYS B CG  1 
ATOM   915  C  CD  . LYS B 2 74  ? 0.924   -13.233 2.991   1.00 107.68 ? 64   LYS B CD  1 
ATOM   916  C  CE  . LYS B 2 74  ? 1.683   -14.546 2.967   1.00 110.07 ? 64   LYS B CE  1 
ATOM   917  N  NZ  . LYS B 2 74  ? 0.764   -15.703 2.804   1.00 103.94 ? 64   LYS B NZ  1 
ATOM   918  N  N   . PRO B 2 75  ? 1.181   -7.890  1.900   1.00 104.48 ? 65   PRO B N   1 
ATOM   919  C  CA  . PRO B 2 75  ? 0.450   -6.720  1.405   1.00 97.42  ? 65   PRO B CA  1 
ATOM   920  C  C   . PRO B 2 75  ? -1.059  -6.909  1.463   1.00 99.65  ? 65   PRO B C   1 
ATOM   921  O  O   . PRO B 2 75  ? -1.544  -8.024  1.268   1.00 110.64 ? 65   PRO B O   1 
ATOM   922  C  CB  . PRO B 2 75  ? 0.920   -6.608  -0.046  1.00 94.77  ? 65   PRO B CB  1 
ATOM   923  C  CG  . PRO B 2 75  ? 1.302   -8.003  -0.414  1.00 101.87 ? 65   PRO B CG  1 
ATOM   924  C  CD  . PRO B 2 75  ? 1.930   -8.562  0.825   1.00 105.70 ? 65   PRO B CD  1 
ATOM   925  N  N   . PRO B 2 76  ? -1.799  -5.826  1.732   1.00 92.54  ? 66   PRO B N   1 
ATOM   926  C  CA  . PRO B 2 76  ? -3.261  -5.892  1.727   1.00 94.62  ? 66   PRO B CA  1 
ATOM   927  C  C   . PRO B 2 76  ? -3.818  -5.984  0.311   1.00 92.09  ? 66   PRO B C   1 
ATOM   928  O  O   . PRO B 2 76  ? -3.255  -5.396  -0.613  1.00 97.79  ? 66   PRO B O   1 
ATOM   929  C  CB  . PRO B 2 76  ? -3.671  -4.578  2.391   1.00 99.54  ? 66   PRO B CB  1 
ATOM   930  C  CG  . PRO B 2 76  ? -2.559  -3.644  2.064   1.00 91.18  ? 66   PRO B CG  1 
ATOM   931  C  CD  . PRO B 2 76  ? -1.309  -4.482  2.087   1.00 91.74  ? 66   PRO B CD  1 
ATOM   932  N  N   . LYS B 2 77  ? -4.908  -6.724  0.148   1.00 95.81  ? 67   LYS B N   1 
ATOM   933  C  CA  . LYS B 2 77  ? -5.571  -6.823  -1.144  1.00 97.94  ? 67   LYS B CA  1 
ATOM   934  C  C   . LYS B 2 77  ? -6.304  -5.525  -1.462  1.00 96.30  ? 67   LYS B C   1 
ATOM   935  O  O   . LYS B 2 77  ? -7.427  -5.309  -1.008  1.00 100.80 ? 67   LYS B O   1 
ATOM   936  C  CB  . LYS B 2 77  ? -6.544  -8.002  -1.161  1.00 87.13  ? 67   LYS B CB  1 
ATOM   937  N  N   . ILE B 2 78  ? -5.660  -4.660  -2.238  1.00 90.29  ? 68   ILE B N   1 
ATOM   938  C  CA  . ILE B 2 78  ? -6.244  -3.372  -2.597  1.00 94.77  ? 68   ILE B CA  1 
ATOM   939  C  C   . ILE B 2 78  ? -6.734  -3.363  -4.039  1.00 90.76  ? 68   ILE B C   1 
ATOM   940  O  O   . ILE B 2 78  ? -6.014  -3.766  -4.952  1.00 93.65  ? 68   ILE B O   1 
ATOM   941  C  CB  . ILE B 2 78  ? -5.234  -2.224  -2.404  1.00 93.54  ? 68   ILE B CB  1 
ATOM   942  C  CG1 . ILE B 2 78  ? -4.816  -2.122  -0.937  1.00 98.61  ? 68   ILE B CG1 1 
ATOM   943  C  CG2 . ILE B 2 78  ? -5.822  -0.905  -2.876  1.00 86.44  ? 68   ILE B CG2 1 
ATOM   944  C  CD1 . ILE B 2 78  ? -3.938  -0.933  -0.638  1.00 96.79  ? 68   ILE B CD1 1 
ATOM   945  N  N   . SER B 2 79  ? -7.965  -2.902  -4.235  1.00 91.10  ? 69   SER B N   1 
ATOM   946  C  CA  . SER B 2 79  ? -8.534  -2.786  -5.571  1.00 98.57  ? 69   SER B CA  1 
ATOM   947  C  C   . SER B 2 79  ? -9.402  -1.537  -5.682  1.00 94.44  ? 69   SER B C   1 
ATOM   948  O  O   . SER B 2 79  ? -9.804  -0.959  -4.674  1.00 96.20  ? 69   SER B O   1 
ATOM   949  C  CB  . SER B 2 79  ? -9.355  -4.029  -5.917  1.00 97.14  ? 69   SER B CB  1 
ATOM   950  O  OG  . SER B 2 79  ? -10.495 -4.137  -5.082  1.00 105.48 ? 69   SER B OG  1 
ATOM   951  N  N   . PHE B 2 80  ? -9.684  -1.125  -6.913  1.00 92.91  ? 70   PHE B N   1 
ATOM   952  C  CA  . PHE B 2 80  ? -10.524 0.040   -7.156  1.00 93.58  ? 70   PHE B CA  1 
ATOM   953  C  C   . PHE B 2 80  ? -11.996 -0.337  -7.276  1.00 97.00  ? 70   PHE B C   1 
ATOM   954  O  O   . PHE B 2 80  ? -12.337 -1.375  -7.844  1.00 103.21 ? 70   PHE B O   1 
ATOM   955  C  CB  . PHE B 2 80  ? -10.076 0.771   -8.425  1.00 96.61  ? 70   PHE B CB  1 
ATOM   956  C  CG  . PHE B 2 80  ? -8.963  1.755   -8.200  1.00 99.41  ? 70   PHE B CG  1 
ATOM   957  C  CD1 . PHE B 2 80  ? -9.241  3.075   -7.881  1.00 94.14  ? 70   PHE B CD1 1 
ATOM   958  C  CD2 . PHE B 2 80  ? -7.639  1.365   -8.314  1.00 94.47  ? 70   PHE B CD2 1 
ATOM   959  C  CE1 . PHE B 2 80  ? -8.221  3.984   -7.675  1.00 93.05  ? 70   PHE B CE1 1 
ATOM   960  C  CE2 . PHE B 2 80  ? -6.616  2.271   -8.109  1.00 86.32  ? 70   PHE B CE2 1 
ATOM   961  C  CZ  . PHE B 2 80  ? -6.907  3.581   -7.790  1.00 90.97  ? 70   PHE B CZ  1 
ATOM   962  N  N   . THR B 2 81  ? -12.861 0.512   -6.733  1.00 96.02  ? 71   THR B N   1 
ATOM   963  C  CA  . THR B 2 81  ? -14.301 0.350   -6.888  1.00 102.32 ? 71   THR B CA  1 
ATOM   964  C  C   . THR B 2 81  ? -14.772 1.167   -8.084  1.00 100.36 ? 71   THR B C   1 
ATOM   965  O  O   . THR B 2 81  ? -15.615 0.725   -8.865  1.00 104.84 ? 71   THR B O   1 
ATOM   966  C  CB  . THR B 2 81  ? -15.065 0.789   -5.622  1.00 104.61 ? 71   THR B CB  1 
ATOM   967  O  OG1 . THR B 2 81  ? -14.696 -0.050  -4.522  1.00 103.58 ? 71   THR B OG1 1 
ATOM   968  C  CG2 . THR B 2 81  ? -16.569 0.697   -5.840  1.00 96.75  ? 71   THR B CG2 1 
ATOM   969  N  N   . THR B 2 82  ? -14.209 2.362   -8.223  1.00 104.57 ? 72   THR B N   1 
ATOM   970  C  CA  . THR B 2 82  ? -14.562 3.259   -9.315  1.00 101.88 ? 72   THR B CA  1 
ATOM   971  C  C   . THR B 2 82  ? -13.839 2.868   -10.601 1.00 102.54 ? 72   THR B C   1 
ATOM   972  O  O   . THR B 2 82  ? -12.627 2.652   -10.602 1.00 105.03 ? 72   THR B O   1 
ATOM   973  C  CB  . THR B 2 82  ? -14.229 4.723   -8.968  1.00 93.31  ? 72   THR B CB  1 
ATOM   974  O  OG1 . THR B 2 82  ? -14.927 5.102   -7.776  1.00 97.52  ? 72   THR B OG1 1 
ATOM   975  C  CG2 . THR B 2 82  ? -14.638 5.647   -10.101 1.00 104.34 ? 72   THR B CG2 1 
ATOM   976  N  N   . LYS B 2 83  ? -14.596 2.773   -11.690 1.00 98.73  ? 73   LYS B N   1 
ATOM   977  C  CA  . LYS B 2 83  ? -14.039 2.438   -12.996 1.00 99.82  ? 73   LYS B CA  1 
ATOM   978  C  C   . LYS B 2 83  ? -13.033 3.491   -13.450 1.00 107.09 ? 73   LYS B C   1 
ATOM   979  O  O   . LYS B 2 83  ? -13.380 4.658   -13.634 1.00 109.42 ? 73   LYS B O   1 
ATOM   980  C  CB  . LYS B 2 83  ? -15.156 2.294   -14.032 1.00 95.65  ? 73   LYS B CB  1 
ATOM   981  N  N   . ILE B 2 84  ? -11.786 3.070   -13.630 1.00 106.70 ? 74   ILE B N   1 
ATOM   982  C  CA  . ILE B 2 84  ? -10.712 3.989   -13.988 1.00 102.41 ? 74   ILE B CA  1 
ATOM   983  C  C   . ILE B 2 84  ? -9.960  3.508   -15.232 1.00 106.09 ? 74   ILE B C   1 
ATOM   984  O  O   . ILE B 2 84  ? -9.760  2.308   -15.428 1.00 109.21 ? 74   ILE B O   1 
ATOM   985  C  CB  . ILE B 2 84  ? -9.725  4.175   -12.806 1.00 99.17  ? 74   ILE B CB  1 
ATOM   986  C  CG1 . ILE B 2 84  ? -8.639  5.197   -13.153 1.00 90.75  ? 74   ILE B CG1 1 
ATOM   987  C  CG2 . ILE B 2 84  ? -9.118  2.842   -12.390 1.00 99.77  ? 74   ILE B CG2 1 
ATOM   988  C  CD1 . ILE B 2 84  ? -7.690  5.491   -12.014 1.00 88.82  ? 74   ILE B CD1 1 
ATOM   989  N  N   . TYR B 2 85  ? -9.566  4.456   -16.077 1.00 101.86 ? 75   TYR B N   1 
ATOM   990  C  CA  . TYR B 2 85  ? -8.854  4.157   -17.315 1.00 96.80  ? 75   TYR B CA  1 
ATOM   991  C  C   . TYR B 2 85  ? -7.351  4.368   -17.135 1.00 96.36  ? 75   TYR B C   1 
ATOM   992  O  O   . TYR B 2 85  ? -6.848  5.480   -17.303 1.00 99.38  ? 75   TYR B O   1 
ATOM   993  C  CB  . TYR B 2 85  ? -9.390  5.033   -18.451 1.00 101.84 ? 75   TYR B CB  1 
ATOM   994  C  CG  . TYR B 2 85  ? -8.912  4.646   -19.834 1.00 101.06 ? 75   TYR B CG  1 
ATOM   995  C  CD1 . TYR B 2 85  ? -9.523  3.616   -20.538 1.00 99.15  ? 75   TYR B CD1 1 
ATOM   996  C  CD2 . TYR B 2 85  ? -7.862  5.322   -20.442 1.00 97.74  ? 75   TYR B CD2 1 
ATOM   997  C  CE1 . TYR B 2 85  ? -9.095  3.263   -21.804 1.00 97.80  ? 75   TYR B CE1 1 
ATOM   998  C  CE2 . TYR B 2 85  ? -7.428  4.977   -21.709 1.00 97.58  ? 75   TYR B CE2 1 
ATOM   999  C  CZ  . TYR B 2 85  ? -8.047  3.946   -22.385 1.00 99.63  ? 75   TYR B CZ  1 
ATOM   1000 O  OH  . TYR B 2 85  ? -7.618  3.599   -23.646 1.00 96.83  ? 75   TYR B OH  1 
ATOM   1001 N  N   . HIS B 2 86  ? -6.640  3.298   -16.793 1.00 93.88  ? 76   HIS B N   1 
ATOM   1002 C  CA  . HIS B 2 86  ? -5.212  3.386   -16.497 1.00 88.58  ? 76   HIS B CA  1 
ATOM   1003 C  C   . HIS B 2 86  ? -4.462  2.153   -17.005 1.00 86.15  ? 76   HIS B C   1 
ATOM   1004 O  O   . HIS B 2 86  ? -4.983  1.040   -16.942 1.00 92.74  ? 76   HIS B O   1 
ATOM   1005 C  CB  . HIS B 2 86  ? -4.998  3.557   -14.989 1.00 83.65  ? 76   HIS B CB  1 
ATOM   1006 C  CG  . HIS B 2 86  ? -3.622  4.018   -14.619 1.00 86.84  ? 76   HIS B CG  1 
ATOM   1007 N  ND1 . HIS B 2 86  ? -2.611  3.144   -14.280 1.00 89.77  ? 76   HIS B ND1 1 
ATOM   1008 C  CD2 . HIS B 2 86  ? -3.090  5.259   -14.532 1.00 88.15  ? 76   HIS B CD2 1 
ATOM   1009 C  CE1 . HIS B 2 86  ? -1.515  3.828   -14.002 1.00 92.43  ? 76   HIS B CE1 1 
ATOM   1010 N  NE2 . HIS B 2 86  ? -1.779  5.114   -14.148 1.00 87.00  ? 76   HIS B NE2 1 
ATOM   1011 N  N   . PRO B 2 87  ? -3.237  2.352   -17.522 1.00 95.47  ? 77   PRO B N   1 
ATOM   1012 C  CA  . PRO B 2 87  ? -2.411  1.263   -18.059 1.00 92.68  ? 77   PRO B CA  1 
ATOM   1013 C  C   . PRO B 2 87  ? -1.987  0.226   -17.018 1.00 92.22  ? 77   PRO B C   1 
ATOM   1014 O  O   . PRO B 2 87  ? -1.547  -0.862  -17.393 1.00 92.55  ? 77   PRO B O   1 
ATOM   1015 C  CB  . PRO B 2 87  ? -1.182  1.997   -18.610 1.00 91.75  ? 77   PRO B CB  1 
ATOM   1016 C  CG  . PRO B 2 87  ? -1.649  3.386   -18.865 1.00 89.74  ? 77   PRO B CG  1 
ATOM   1017 C  CD  . PRO B 2 87  ? -2.637  3.671   -17.780 1.00 94.45  ? 77   PRO B CD  1 
ATOM   1018 N  N   . ASN B 2 88  ? -2.105  0.554   -15.736 1.00 88.10  ? 78   ASN B N   1 
ATOM   1019 C  CA  . ASN B 2 88  ? -1.695  -0.367  -14.681 1.00 87.17  ? 78   ASN B CA  1 
ATOM   1020 C  C   . ASN B 2 88  ? -2.844  -0.735  -13.746 1.00 90.45  ? 78   ASN B C   1 
ATOM   1021 O  O   . ASN B 2 88  ? -2.631  -1.323  -12.686 1.00 93.44  ? 78   ASN B O   1 
ATOM   1022 C  CB  . ASN B 2 88  ? -0.535  0.229   -13.880 1.00 87.66  ? 78   ASN B CB  1 
ATOM   1023 C  CG  . ASN B 2 88  ? 0.704   0.452   -14.728 1.00 96.51  ? 78   ASN B CG  1 
ATOM   1024 O  OD1 . ASN B 2 88  ? 0.979   1.569   -15.166 1.00 95.90  ? 78   ASN B OD1 1 
ATOM   1025 N  ND2 . ASN B 2 88  ? 1.454   -0.617  -14.970 1.00 99.62  ? 78   ASN B ND2 1 
ATOM   1026 N  N   . ILE B 2 89  ? -4.061  -0.379  -14.144 1.00 88.77  ? 79   ILE B N   1 
ATOM   1027 C  CA  . ILE B 2 89  ? -5.265  -0.754  -13.408 1.00 87.86  ? 79   ILE B CA  1 
ATOM   1028 C  C   . ILE B 2 89  ? -6.297  -1.326  -14.377 1.00 95.23  ? 79   ILE B C   1 
ATOM   1029 O  O   . ILE B 2 89  ? -6.690  -0.660  -15.334 1.00 92.16  ? 79   ILE B O   1 
ATOM   1030 C  CB  . ILE B 2 89  ? -5.883  0.444   -12.657 1.00 88.43  ? 79   ILE B CB  1 
ATOM   1031 C  CG1 . ILE B 2 89  ? -4.798  1.273   -11.963 1.00 88.28  ? 79   ILE B CG1 1 
ATOM   1032 C  CG2 . ILE B 2 89  ? -6.923  -0.037  -11.655 1.00 90.79  ? 79   ILE B CG2 1 
ATOM   1033 C  CD1 . ILE B 2 89  ? -5.300  2.581   -11.391 1.00 81.70  ? 79   ILE B CD1 1 
ATOM   1034 N  N   . ASN B 2 90  ? -6.739  -2.555  -14.129 1.00 88.09  ? 80   ASN B N   1 
ATOM   1035 C  CA  . ASN B 2 90  ? -7.665  -3.223  -15.040 1.00 89.48  ? 80   ASN B CA  1 
ATOM   1036 C  C   . ASN B 2 90  ? -9.134  -2.961  -14.712 1.00 91.11  ? 80   ASN B C   1 
ATOM   1037 O  O   . ASN B 2 90  ? -9.454  -2.108  -13.883 1.00 85.45  ? 80   ASN B O   1 
ATOM   1038 C  CB  . ASN B 2 90  ? -7.396  -4.731  -15.056 1.00 91.79  ? 80   ASN B CB  1 
ATOM   1039 C  CG  . ASN B 2 90  ? -7.310  -5.327  -13.665 1.00 97.37  ? 80   ASN B CG  1 
ATOM   1040 O  OD1 . ASN B 2 90  ? -7.786  -4.742  -12.692 1.00 102.22 ? 80   ASN B OD1 1 
ATOM   1041 N  ND2 . ASN B 2 90  ? -6.700  -6.503  -13.564 1.00 99.89  ? 80   ASN B ND2 1 
ATOM   1042 N  N   . ALA B 2 91  ? -10.021 -3.706  -15.366 1.00 93.43  ? 81   ALA B N   1 
ATOM   1043 C  CA  . ALA B 2 91  ? -11.460 -3.497  -15.229 1.00 89.64  ? 81   ALA B CA  1 
ATOM   1044 C  C   . ALA B 2 91  ? -11.992 -3.980  -13.883 1.00 92.52  ? 81   ALA B C   1 
ATOM   1045 O  O   . ALA B 2 91  ? -13.085 -3.595  -13.467 1.00 90.90  ? 81   ALA B O   1 
ATOM   1046 C  CB  . ALA B 2 91  ? -12.200 -4.191  -16.364 1.00 90.13  ? 81   ALA B CB  1 
ATOM   1047 N  N   . ASN B 2 92  ? -11.221 -4.826  -13.206 1.00 94.08  ? 82   ASN B N   1 
ATOM   1048 C  CA  . ASN B 2 92  ? -11.625 -5.349  -11.906 1.00 97.55  ? 82   ASN B CA  1 
ATOM   1049 C  C   . ASN B 2 92  ? -11.185 -4.439  -10.764 1.00 92.34  ? 82   ASN B C   1 
ATOM   1050 O  O   . ASN B 2 92  ? -11.629 -4.594  -9.626  1.00 90.80  ? 82   ASN B O   1 
ATOM   1051 C  CB  . ASN B 2 92  ? -11.065 -6.756  -11.698 1.00 99.61  ? 82   ASN B CB  1 
ATOM   1052 C  CG  . ASN B 2 92  ? -11.621 -7.757  -12.693 1.00 95.53  ? 82   ASN B CG  1 
ATOM   1053 O  OD1 . ASN B 2 92  ? -12.771 -7.651  -13.122 1.00 94.24  ? 82   ASN B OD1 1 
ATOM   1054 N  ND2 . ASN B 2 92  ? -10.806 -8.736  -13.067 1.00 95.89  ? 82   ASN B ND2 1 
ATOM   1055 N  N   . GLY B 2 93  ? -10.309 -3.490  -11.075 1.00 94.98  ? 83   GLY B N   1 
ATOM   1056 C  CA  . GLY B 2 93  ? -9.835  -2.539  -10.088 1.00 95.82  ? 83   GLY B CA  1 
ATOM   1057 C  C   . GLY B 2 93  ? -8.493  -2.918  -9.494  1.00 96.21  ? 83   GLY B C   1 
ATOM   1058 O  O   . GLY B 2 93  ? -7.934  -2.180  -8.682  1.00 96.92  ? 83   GLY B O   1 
ATOM   1059 N  N   . ASN B 2 94  ? -7.973  -4.072  -9.898  1.00 94.94  ? 84   ASN B N   1 
ATOM   1060 C  CA  . ASN B 2 94  ? -6.686  -4.540  -9.398  1.00 95.51  ? 84   ASN B CA  1 
ATOM   1061 C  C   . ASN B 2 94  ? -5.529  -3.698  -9.926  1.00 90.29  ? 84   ASN B C   1 
ATOM   1062 O  O   . ASN B 2 94  ? -5.484  -3.351  -11.106 1.00 94.57  ? 84   ASN B O   1 
ATOM   1063 C  CB  . ASN B 2 94  ? -6.476  -6.013  -9.757  1.00 99.81  ? 84   ASN B CB  1 
ATOM   1064 C  CG  . ASN B 2 94  ? -7.348  -6.941  -8.933  1.00 95.86  ? 84   ASN B CG  1 
ATOM   1065 O  OD1 . ASN B 2 94  ? -6.976  -7.346  -7.832  1.00 95.41  ? 84   ASN B OD1 1 
ATOM   1066 N  ND2 . ASN B 2 94  ? -8.516  -7.282  -9.463  1.00 99.75  ? 84   ASN B ND2 1 
ATOM   1067 N  N   . ILE B 2 95  ? -4.598  -3.375  -9.034  1.00 93.41  ? 85   ILE B N   1 
ATOM   1068 C  CA  . ILE B 2 95  ? -3.485  -2.489  -9.355  1.00 95.79  ? 85   ILE B CA  1 
ATOM   1069 C  C   . ILE B 2 95  ? -2.187  -3.258  -9.574  1.00 99.57  ? 85   ILE B C   1 
ATOM   1070 O  O   . ILE B 2 95  ? -1.822  -4.116  -8.772  1.00 98.59  ? 85   ILE B O   1 
ATOM   1071 C  CB  . ILE B 2 95  ? -3.260  -1.455  -8.235  1.00 97.02  ? 85   ILE B CB  1 
ATOM   1072 C  CG1 . ILE B 2 95  ? -4.585  -0.809  -7.828  1.00 92.80  ? 85   ILE B CG1 1 
ATOM   1073 C  CG2 . ILE B 2 95  ? -2.251  -0.405  -8.670  1.00 97.70  ? 85   ILE B CG2 1 
ATOM   1074 C  CD1 . ILE B 2 95  ? -4.506  -0.023  -6.539  1.00 94.93  ? 85   ILE B CD1 1 
ATOM   1075 N  N   . CYS B 2 96  ? -1.489  -2.940  -10.660 1.00 97.45  ? 86   CYS B N   1 
ATOM   1076 C  CA  . CYS B 2 96  ? -0.180  -3.524  -10.924 1.00 102.03 ? 86   CYS B CA  1 
ATOM   1077 C  C   . CYS B 2 96  ? 0.905   -2.655  -10.301 1.00 100.16 ? 86   CYS B C   1 
ATOM   1078 O  O   . CYS B 2 96  ? 1.740   -2.082  -11.001 1.00 106.14 ? 86   CYS B O   1 
ATOM   1079 C  CB  . CYS B 2 96  ? 0.054   -3.678  -12.429 1.00 104.23 ? 86   CYS B CB  1 
ATOM   1080 S  SG  . CYS B 2 96  ? 1.571   -4.562  -12.873 1.00 129.59 ? 86   CYS B SG  1 
ATOM   1081 N  N   . LEU B 2 97  ? 0.877   -2.549  -8.976  1.00 101.45 ? 87   LEU B N   1 
ATOM   1082 C  CA  . LEU B 2 97  ? 1.857   -1.747  -8.257  1.00 99.20  ? 87   LEU B CA  1 
ATOM   1083 C  C   . LEU B 2 97  ? 2.982   -2.632  -7.735  1.00 95.42  ? 87   LEU B C   1 
ATOM   1084 O  O   . LEU B 2 97  ? 2.735   -3.627  -7.052  1.00 95.73  ? 87   LEU B O   1 
ATOM   1085 C  CB  . LEU B 2 97  ? 1.193   -0.987  -7.107  1.00 95.81  ? 87   LEU B CB  1 
ATOM   1086 C  CG  . LEU B 2 97  ? 2.051   0.079   -6.422  1.00 102.40 ? 87   LEU B CG  1 
ATOM   1087 C  CD1 . LEU B 2 97  ? 2.632   1.034   -7.453  1.00 98.79  ? 87   LEU B CD1 1 
ATOM   1088 C  CD2 . LEU B 2 97  ? 1.234   0.840   -5.390  1.00 99.80  ? 87   LEU B CD2 1 
ATOM   1089 N  N   . ASP B 2 98  ? 4.215   -2.263  -8.070  1.00 103.09 ? 88   ASP B N   1 
ATOM   1090 C  CA  . ASP B 2 98  ? 5.388   -3.045  -7.701  1.00 94.92  ? 88   ASP B CA  1 
ATOM   1091 C  C   . ASP B 2 98  ? 5.505   -3.232  -6.193  1.00 98.65  ? 88   ASP B C   1 
ATOM   1092 O  O   . ASP B 2 98  ? 5.743   -4.339  -5.721  1.00 96.30  ? 88   ASP B O   1 
ATOM   1093 C  CB  . ASP B 2 98  ? 6.656   -2.385  -8.248  1.00 110.54 ? 88   ASP B CB  1 
ATOM   1094 C  CG  . ASP B 2 98  ? 6.744   -0.910  -7.901  1.00 115.19 ? 88   ASP B CG  1 
ATOM   1095 O  OD1 . ASP B 2 98  ? 5.682   -0.279  -7.714  1.00 107.74 ? 88   ASP B OD1 1 
ATOM   1096 O  OD2 . ASP B 2 98  ? 7.874   -0.385  -7.817  1.00 123.33 ? 88   ASP B OD2 1 
ATOM   1097 N  N   . ILE B 2 99  ? 5.317   -2.155  -5.437  1.00 107.79 ? 89   ILE B N   1 
ATOM   1098 C  CA  . ILE B 2 99  ? 5.486   -2.206  -3.989  1.00 102.81 ? 89   ILE B CA  1 
ATOM   1099 C  C   . ILE B 2 99  ? 4.445   -3.102  -3.321  1.00 96.72  ? 89   ILE B C   1 
ATOM   1100 O  O   . ILE B 2 99  ? 4.591   -3.468  -2.156  1.00 100.57 ? 89   ILE B O   1 
ATOM   1101 C  CB  . ILE B 2 99  ? 5.409   -0.803  -3.358  1.00 96.92  ? 89   ILE B CB  1 
ATOM   1102 C  CG1 . ILE B 2 99  ? 3.953   -0.381  -3.150  1.00 96.45  ? 89   ILE B CG1 1 
ATOM   1103 C  CG2 . ILE B 2 99  ? 6.167   0.211   -4.210  1.00 103.08 ? 89   ILE B CG2 1 
ATOM   1104 C  CD1 . ILE B 2 99  ? 3.790   0.814   -2.248  1.00 104.78 ? 89   ILE B CD1 1 
ATOM   1105 N  N   . LEU B 2 100 ? 3.390   -3.446  -4.055  1.00 94.84  ? 90   LEU B N   1 
ATOM   1106 C  CA  . LEU B 2 100 ? 2.378   -4.354  -3.535  1.00 97.15  ? 90   LEU B CA  1 
ATOM   1107 C  C   . LEU B 2 100 ? 2.867   -5.795  -3.614  1.00 102.84 ? 90   LEU B C   1 
ATOM   1108 O  O   . LEU B 2 100 ? 2.805   -6.528  -2.634  1.00 105.40 ? 90   LEU B O   1 
ATOM   1109 C  CB  . LEU B 2 100 ? 1.055   -4.192  -4.288  1.00 94.50  ? 90   LEU B CB  1 
ATOM   1110 C  CG  . LEU B 2 100 ? 0.116   -3.106  -3.760  1.00 87.39  ? 90   LEU B CG  1 
ATOM   1111 C  CD1 . LEU B 2 100 ? -1.143  -3.028  -4.606  1.00 81.88  ? 90   LEU B CD1 1 
ATOM   1112 C  CD2 . LEU B 2 100 ? -0.230  -3.366  -2.301  1.00 84.26  ? 90   LEU B CD2 1 
ATOM   1113 N  N   . LYS B 2 101 ? 3.374   -6.193  -4.775  1.00 104.03 ? 91   LYS B N   1 
ATOM   1114 C  CA  . LYS B 2 101 ? 3.842   -7.563  -4.952  1.00 96.43  ? 91   LYS B CA  1 
ATOM   1115 C  C   . LYS B 2 101 ? 5.317   -7.630  -5.344  1.00 97.18  ? 91   LYS B C   1 
ATOM   1116 O  O   . LYS B 2 101 ? 5.745   -6.973  -6.294  1.00 107.83 ? 91   LYS B O   1 
ATOM   1117 C  CB  . LYS B 2 101 ? 3.002   -8.281  -6.005  1.00 109.61 ? 91   LYS B CB  1 
ATOM   1118 C  CG  . LYS B 2 101 ? 1.523   -7.926  -5.992  1.00 113.48 ? 91   LYS B CG  1 
ATOM   1119 C  CD  . LYS B 2 101 ? 1.216   -6.863  -7.033  1.00 105.00 ? 91   LYS B CD  1 
ATOM   1120 C  CE  . LYS B 2 101 ? -0.267  -6.784  -7.347  1.00 108.37 ? 91   LYS B CE  1 
ATOM   1121 N  NZ  . LYS B 2 101 ? -0.513  -5.883  -8.507  1.00 103.50 ? 91   LYS B NZ  1 
ATOM   1122 N  N   . ASP B 2 102 ? 6.075   -8.437  -4.603  1.00 98.55  ? 92   ASP B N   1 
ATOM   1123 C  CA  . ASP B 2 102 ? 7.503   -8.678  -4.840  1.00 104.23 ? 92   ASP B CA  1 
ATOM   1124 C  C   . ASP B 2 102 ? 8.384   -7.465  -4.534  1.00 107.94 ? 92   ASP B C   1 
ATOM   1125 O  O   . ASP B 2 102 ? 9.585   -7.485  -4.805  1.00 114.31 ? 92   ASP B O   1 
ATOM   1126 C  CB  . ASP B 2 102 ? 7.743   -9.140  -6.282  1.00 108.38 ? 92   ASP B CB  1 
ATOM   1127 C  CG  . ASP B 2 102 ? 7.127   -10.495 -6.567  1.00 115.71 ? 92   ASP B CG  1 
ATOM   1128 O  OD1 . ASP B 2 102 ? 6.262   -10.928 -5.778  1.00 115.67 ? 92   ASP B OD1 1 
ATOM   1129 O  OD2 . ASP B 2 102 ? 7.512   -11.128 -7.574  1.00 117.23 ? 92   ASP B OD2 1 
ATOM   1130 N  N   . GLN B 2 103 ? 7.794   -6.418  -3.966  1.00 104.86 ? 93   GLN B N   1 
ATOM   1131 C  CA  . GLN B 2 103 ? 8.558   -5.262  -3.505  1.00 104.44 ? 93   GLN B CA  1 
ATOM   1132 C  C   . GLN B 2 103 ? 7.987   -4.752  -2.189  1.00 100.45 ? 93   GLN B C   1 
ATOM   1133 O  O   . GLN B 2 103 ? 8.302   -3.647  -1.745  1.00 98.69  ? 93   GLN B O   1 
ATOM   1134 C  CB  . GLN B 2 103 ? 8.558   -4.144  -4.551  1.00 98.49  ? 93   GLN B CB  1 
ATOM   1135 C  CG  . GLN B 2 103 ? 9.489   -4.379  -5.729  1.00 100.86 ? 93   GLN B CG  1 
ATOM   1136 C  CD  . GLN B 2 103 ? 10.949  -4.282  -5.339  1.00 106.34 ? 93   GLN B CD  1 
ATOM   1137 O  OE1 . GLN B 2 103 ? 11.558  -5.266  -4.923  1.00 109.05 ? 93   GLN B OE1 1 
ATOM   1138 N  NE2 . GLN B 2 103 ? 11.518  -3.088  -5.468  1.00 107.10 ? 93   GLN B NE2 1 
ATOM   1139 N  N   . TRP B 2 104 ? 7.148   -5.574  -1.567  1.00 99.83  ? 94   TRP B N   1 
ATOM   1140 C  CA  . TRP B 2 104 ? 6.479   -5.208  -0.324  1.00 93.73  ? 94   TRP B CA  1 
ATOM   1141 C  C   . TRP B 2 104 ? 7.447   -5.131  0.852   1.00 94.06  ? 94   TRP B C   1 
ATOM   1142 O  O   . TRP B 2 104 ? 8.496   -5.777  0.857   1.00 91.13  ? 94   TRP B O   1 
ATOM   1143 C  CB  . TRP B 2 104 ? 5.356   -6.205  -0.017  1.00 97.91  ? 94   TRP B CB  1 
ATOM   1144 C  CG  . TRP B 2 104 ? 4.706   -5.994  1.320   1.00 99.10  ? 94   TRP B CG  1 
ATOM   1145 C  CD1 . TRP B 2 104 ? 4.748   -6.836  2.394   1.00 96.66  ? 94   TRP B CD1 1 
ATOM   1146 C  CD2 . TRP B 2 104 ? 3.936   -4.858  1.732   1.00 97.99  ? 94   TRP B CD2 1 
ATOM   1147 N  NE1 . TRP B 2 104 ? 4.041   -6.299  3.444   1.00 99.30  ? 94   TRP B NE1 1 
ATOM   1148 C  CE2 . TRP B 2 104 ? 3.535   -5.085  3.063   1.00 99.42  ? 94   TRP B CE2 1 
ATOM   1149 C  CE3 . TRP B 2 104 ? 3.542   -3.672  1.102   1.00 99.55  ? 94   TRP B CE3 1 
ATOM   1150 C  CZ2 . TRP B 2 104 ? 2.761   -4.171  3.775   1.00 95.39  ? 94   TRP B CZ2 1 
ATOM   1151 C  CZ3 . TRP B 2 104 ? 2.773   -2.768  1.812   1.00 95.23  ? 94   TRP B CZ3 1 
ATOM   1152 C  CH2 . TRP B 2 104 ? 2.390   -3.023  3.133   1.00 91.48  ? 94   TRP B CH2 1 
ATOM   1153 N  N   . SER B 2 105 ? 7.089   -4.320  1.843   1.00 90.71  ? 95   SER B N   1 
ATOM   1154 C  CA  . SER B 2 105 ? 7.851   -4.221  3.079   1.00 87.12  ? 95   SER B CA  1 
ATOM   1155 C  C   . SER B 2 105 ? 6.915   -4.109  4.276   1.00 92.37  ? 95   SER B C   1 
ATOM   1156 O  O   . SER B 2 105 ? 5.915   -3.394  4.220   1.00 92.37  ? 95   SER B O   1 
ATOM   1157 C  CB  . SER B 2 105 ? 8.797   -3.021  3.032   1.00 88.18  ? 95   SER B CB  1 
ATOM   1158 O  OG  . SER B 2 105 ? 9.396   -2.801  4.295   1.00 86.20  ? 95   SER B OG  1 
ATOM   1159 N  N   . PRO B 2 106 ? 7.236   -4.824  5.365   1.00 92.36  ? 96   PRO B N   1 
ATOM   1160 C  CA  . PRO B 2 106 ? 6.439   -4.765  6.596   1.00 85.51  ? 96   PRO B CA  1 
ATOM   1161 C  C   . PRO B 2 106 ? 6.470   -3.379  7.238   1.00 90.57  ? 96   PRO B C   1 
ATOM   1162 O  O   . PRO B 2 106 ? 5.647   -3.085  8.106   1.00 84.20  ? 96   PRO B O   1 
ATOM   1163 C  CB  . PRO B 2 106 ? 7.110   -5.803  7.501   1.00 88.69  ? 96   PRO B CB  1 
ATOM   1164 C  CG  . PRO B 2 106 ? 7.849   -6.707  6.571   1.00 92.47  ? 96   PRO B CG  1 
ATOM   1165 C  CD  . PRO B 2 106 ? 8.314   -5.823  5.457   1.00 92.10  ? 96   PRO B CD  1 
ATOM   1166 N  N   . ALA B 2 107 ? 7.414   -2.545  6.813   1.00 91.42  ? 97   ALA B N   1 
ATOM   1167 C  CA  . ALA B 2 107 ? 7.516   -1.176  7.307   1.00 86.80  ? 97   ALA B CA  1 
ATOM   1168 C  C   . ALA B 2 107 ? 6.586   -0.246  6.534   1.00 85.01  ? 97   ALA B C   1 
ATOM   1169 O  O   . ALA B 2 107 ? 6.138   0.775   7.059   1.00 90.22  ? 97   ALA B O   1 
ATOM   1170 C  CB  . ALA B 2 107 ? 8.949   -0.685  7.216   1.00 79.76  ? 97   ALA B CB  1 
ATOM   1171 N  N   . LEU B 2 108 ? 6.303   -0.604  5.285   1.00 78.79  ? 98   LEU B N   1 
ATOM   1172 C  CA  . LEU B 2 108 ? 5.387   0.170   4.454   1.00 83.26  ? 98   LEU B CA  1 
ATOM   1173 C  C   . LEU B 2 108 ? 3.980   0.155   5.041   1.00 84.21  ? 98   LEU B C   1 
ATOM   1174 O  O   . LEU B 2 108 ? 3.378   -0.905  5.202   1.00 91.34  ? 98   LEU B O   1 
ATOM   1175 C  CB  . LEU B 2 108 ? 5.367   -0.373  3.022   1.00 84.00  ? 98   LEU B CB  1 
ATOM   1176 C  CG  . LEU B 2 108 ? 6.615   -0.138  2.168   1.00 90.28  ? 98   LEU B CG  1 
ATOM   1177 C  CD1 . LEU B 2 108 ? 6.495   -0.852  0.829   1.00 86.56  ? 98   LEU B CD1 1 
ATOM   1178 C  CD2 . LEU B 2 108 ? 6.848   1.351   1.964   1.00 86.72  ? 98   LEU B CD2 1 
ATOM   1179 N  N   . THR B 2 109 ? 3.466   1.335   5.367   1.00 87.19  ? 99   THR B N   1 
ATOM   1180 C  CA  . THR B 2 109 ? 2.119   1.453   5.908   1.00 88.79  ? 99   THR B CA  1 
ATOM   1181 C  C   . THR B 2 109 ? 1.104   1.605   4.781   1.00 93.02  ? 99   THR B C   1 
ATOM   1182 O  O   . THR B 2 109 ? 1.476   1.747   3.616   1.00 90.34  ? 99   THR B O   1 
ATOM   1183 C  CB  . THR B 2 109 ? 1.994   2.651   6.866   1.00 87.66  ? 99   THR B CB  1 
ATOM   1184 O  OG1 . THR B 2 109 ? 2.149   3.872   6.131   1.00 90.11  ? 99   THR B OG1 1 
ATOM   1185 C  CG2 . THR B 2 109 ? 3.058   2.577   7.951   1.00 82.02  ? 99   THR B CG2 1 
ATOM   1186 N  N   . LEU B 2 110 ? -0.177  1.573   5.131   1.00 92.73  ? 100  LEU B N   1 
ATOM   1187 C  CA  . LEU B 2 110 ? -1.241  1.756   4.151   1.00 89.36  ? 100  LEU B CA  1 
ATOM   1188 C  C   . LEU B 2 110 ? -1.174  3.151   3.543   1.00 96.09  ? 100  LEU B C   1 
ATOM   1189 O  O   . LEU B 2 110 ? -1.464  3.341   2.361   1.00 99.76  ? 100  LEU B O   1 
ATOM   1190 C  CB  . LEU B 2 110 ? -2.610  1.520   4.791   1.00 91.83  ? 100  LEU B CB  1 
ATOM   1191 C  CG  . LEU B 2 110 ? -3.818  1.747   3.883   1.00 90.53  ? 100  LEU B CG  1 
ATOM   1192 C  CD1 . LEU B 2 110 ? -3.745  0.841   2.665   1.00 90.71  ? 100  LEU B CD1 1 
ATOM   1193 C  CD2 . LEU B 2 110 ? -5.111  1.523   4.648   1.00 97.98  ? 100  LEU B CD2 1 
ATOM   1194 N  N   . SER B 2 111 ? -0.781  4.121   4.363   1.00 93.19  ? 101  SER B N   1 
ATOM   1195 C  CA  . SER B 2 111 ? -0.622  5.499   3.917   1.00 89.75  ? 101  SER B CA  1 
ATOM   1196 C  C   . SER B 2 111 ? 0.414   5.593   2.801   1.00 92.85  ? 101  SER B C   1 
ATOM   1197 O  O   . SER B 2 111 ? 0.203   6.280   1.801   1.00 95.04  ? 101  SER B O   1 
ATOM   1198 C  CB  . SER B 2 111 ? -0.219  6.395   5.091   1.00 93.17  ? 101  SER B CB  1 
ATOM   1199 O  OG  . SER B 2 111 ? -0.163  7.755   4.701   1.00 99.21  ? 101  SER B OG  1 
ATOM   1200 N  N   . LYS B 2 112 ? 1.532   4.894   2.980   1.00 91.99  ? 102  LYS B N   1 
ATOM   1201 C  CA  . LYS B 2 112 ? 2.585   4.848   1.972   1.00 87.97  ? 102  LYS B CA  1 
ATOM   1202 C  C   . LYS B 2 112 ? 2.089   4.201   0.686   1.00 93.15  ? 102  LYS B C   1 
ATOM   1203 O  O   . LYS B 2 112 ? 2.482   4.597   -0.412  1.00 92.03  ? 102  LYS B O   1 
ATOM   1204 C  CB  . LYS B 2 112 ? 3.803   4.088   2.501   1.00 93.53  ? 102  LYS B CB  1 
ATOM   1205 C  CG  . LYS B 2 112 ? 4.641   4.863   3.499   1.00 93.26  ? 102  LYS B CG  1 
ATOM   1206 C  CD  . LYS B 2 112 ? 5.357   6.021   2.828   1.00 108.71 ? 102  LYS B CD  1 
ATOM   1207 C  CE  . LYS B 2 112 ? 6.276   6.739   3.801   1.00 116.93 ? 102  LYS B CE  1 
ATOM   1208 N  NZ  . LYS B 2 112 ? 5.541   7.214   5.005   1.00 117.35 ? 102  LYS B NZ  1 
ATOM   1209 N  N   . VAL B 2 113 ? 1.221   3.205   0.827   1.00 92.87  ? 103  VAL B N   1 
ATOM   1210 C  CA  . VAL B 2 113 ? 0.673   2.500   -0.325  1.00 92.89  ? 103  VAL B CA  1 
ATOM   1211 C  C   . VAL B 2 113 ? -0.299  3.390   -1.096  1.00 94.01  ? 103  VAL B C   1 
ATOM   1212 O  O   . VAL B 2 113 ? -0.207  3.501   -2.319  1.00 93.83  ? 103  VAL B O   1 
ATOM   1213 C  CB  . VAL B 2 113 ? -0.042  1.200   0.094   1.00 93.09  ? 103  VAL B CB  1 
ATOM   1214 C  CG1 . VAL B 2 113 ? -0.647  0.514   -1.120  1.00 78.74  ? 103  VAL B CG1 1 
ATOM   1215 C  CG2 . VAL B 2 113 ? 0.928   0.266   0.800   1.00 89.43  ? 103  VAL B CG2 1 
ATOM   1216 N  N   . LEU B 2 114 ? -1.220  4.026   -0.378  1.00 92.45  ? 104  LEU B N   1 
ATOM   1217 C  CA  . LEU B 2 114 ? -2.188  4.929   -0.996  1.00 95.43  ? 104  LEU B CA  1 
ATOM   1218 C  C   . LEU B 2 114 ? -1.492  6.086   -1.703  1.00 93.15  ? 104  LEU B C   1 
ATOM   1219 O  O   . LEU B 2 114 ? -1.929  6.532   -2.764  1.00 97.09  ? 104  LEU B O   1 
ATOM   1220 C  CB  . LEU B 2 114 ? -3.172  5.467   0.046   1.00 96.45  ? 104  LEU B CB  1 
ATOM   1221 C  CG  . LEU B 2 114 ? -4.060  4.440   0.752   1.00 99.89  ? 104  LEU B CG  1 
ATOM   1222 C  CD1 . LEU B 2 114 ? -5.046  5.136   1.679   1.00 99.09  ? 104  LEU B CD1 1 
ATOM   1223 C  CD2 . LEU B 2 114 ? -4.788  3.568   -0.257  1.00 100.76 ? 104  LEU B CD2 1 
ATOM   1224 N  N   . LEU B 2 115 ? -0.406  6.569   -1.107  1.00 87.07  ? 105  LEU B N   1 
ATOM   1225 C  CA  . LEU B 2 115 ? 0.392   7.628   -1.713  1.00 96.32  ? 105  LEU B CA  1 
ATOM   1226 C  C   . LEU B 2 115 ? 1.069   7.134   -2.984  1.00 96.47  ? 105  LEU B C   1 
ATOM   1227 O  O   . LEU B 2 115 ? 1.230   7.885   -3.945  1.00 99.27  ? 105  LEU B O   1 
ATOM   1228 C  CB  . LEU B 2 115 ? 1.442   8.147   -0.727  1.00 99.60  ? 105  LEU B CB  1 
ATOM   1229 C  CG  . LEU B 2 115 ? 1.115   9.454   -0.001  1.00 100.59 ? 105  LEU B CG  1 
ATOM   1230 C  CD1 . LEU B 2 115 ? -0.189  9.338   0.776   1.00 105.91 ? 105  LEU B CD1 1 
ATOM   1231 C  CD2 . LEU B 2 115 ? 2.258   9.856   0.919   1.00 104.80 ? 105  LEU B CD2 1 
ATOM   1232 N  N   . SER B 2 116 ? 1.467   5.866   -2.981  1.00 89.89  ? 106  SER B N   1 
ATOM   1233 C  CA  . SER B 2 116 ? 2.110   5.265   -4.142  1.00 91.96  ? 106  SER B CA  1 
ATOM   1234 C  C   . SER B 2 116 ? 1.113   5.089   -5.279  1.00 90.14  ? 106  SER B C   1 
ATOM   1235 O  O   . SER B 2 116 ? 1.480   5.147   -6.452  1.00 88.12  ? 106  SER B O   1 
ATOM   1236 C  CB  . SER B 2 116 ? 2.739   3.921   -3.776  1.00 101.41 ? 106  SER B CB  1 
ATOM   1237 O  OG  . SER B 2 116 ? 3.762   4.082   -2.808  1.00 107.53 ? 106  SER B OG  1 
ATOM   1238 N  N   . ILE B 2 117 ? -0.149  4.872   -4.925  1.00 92.40  ? 107  ILE B N   1 
ATOM   1239 C  CA  . ILE B 2 117 ? -1.211  4.774   -5.917  1.00 91.82  ? 107  ILE B CA  1 
ATOM   1240 C  C   . ILE B 2 117 ? -1.420  6.130   -6.585  1.00 91.24  ? 107  ILE B C   1 
ATOM   1241 O  O   . ILE B 2 117 ? -1.615  6.210   -7.798  1.00 93.58  ? 107  ILE B O   1 
ATOM   1242 C  CB  . ILE B 2 117 ? -2.533  4.287   -5.290  1.00 91.25  ? 107  ILE B CB  1 
ATOM   1243 C  CG1 . ILE B 2 117 ? -2.327  2.933   -4.607  1.00 90.11  ? 107  ILE B CG1 1 
ATOM   1244 C  CG2 . ILE B 2 117 ? -3.619  4.179   -6.346  1.00 84.31  ? 107  ILE B CG2 1 
ATOM   1245 C  CD1 . ILE B 2 117 ? -3.562  2.404   -3.916  1.00 96.55  ? 107  ILE B CD1 1 
ATOM   1246 N  N   . CYS B 2 118 ? -1.368  7.195   -5.790  1.00 91.66  ? 108  CYS B N   1 
ATOM   1247 C  CA  . CYS B 2 118 ? -1.446  8.551   -6.321  1.00 90.98  ? 108  CYS B CA  1 
ATOM   1248 C  C   . CYS B 2 118 ? -0.278  8.816   -7.265  1.00 88.20  ? 108  CYS B C   1 
ATOM   1249 O  O   . CYS B 2 118 ? -0.442  9.422   -8.324  1.00 90.96  ? 108  CYS B O   1 
ATOM   1250 C  CB  . CYS B 2 118 ? -1.456  9.582   -5.189  1.00 88.10  ? 108  CYS B CB  1 
ATOM   1251 S  SG  . CYS B 2 118 ? -2.925  9.534   -4.133  1.00 99.20  ? 108  CYS B SG  1 
ATOM   1252 N  N   . SER B 2 119 ? 0.900   8.339   -6.876  1.00 84.12  ? 109  SER B N   1 
ATOM   1253 C  CA  . SER B 2 119 ? 2.111   8.522   -7.669  1.00 86.32  ? 109  SER B CA  1 
ATOM   1254 C  C   . SER B 2 119 ? 2.110   7.637   -8.913  1.00 87.98  ? 109  SER B C   1 
ATOM   1255 O  O   . SER B 2 119 ? 2.979   7.764   -9.775  1.00 91.97  ? 109  SER B O   1 
ATOM   1256 C  CB  . SER B 2 119 ? 3.351   8.233   -6.821  1.00 90.74  ? 109  SER B CB  1 
ATOM   1257 O  OG  . SER B 2 119 ? 4.536   8.408   -7.578  1.00 96.21  ? 109  SER B OG  1 
ATOM   1258 N  N   . LEU B 2 120 ? 1.134   6.737   -8.998  1.00 93.70  ? 110  LEU B N   1 
ATOM   1259 C  CA  . LEU B 2 120 ? 0.987   5.874   -10.163 1.00 89.21  ? 110  LEU B CA  1 
ATOM   1260 C  C   . LEU B 2 120 ? -0.023  6.465   -11.140 1.00 93.20  ? 110  LEU B C   1 
ATOM   1261 O  O   . LEU B 2 120 ? 0.133   6.353   -12.357 1.00 94.89  ? 110  LEU B O   1 
ATOM   1262 C  CB  . LEU B 2 120 ? 0.560   4.467   -9.741  1.00 95.05  ? 110  LEU B CB  1 
ATOM   1263 C  CG  . LEU B 2 120 ? 0.354   3.452   -10.867 1.00 94.89  ? 110  LEU B CG  1 
ATOM   1264 C  CD1 . LEU B 2 120 ? 1.617   3.310   -11.702 1.00 94.18  ? 110  LEU B CD1 1 
ATOM   1265 C  CD2 . LEU B 2 120 ? -0.073  2.108   -10.302 1.00 90.70  ? 110  LEU B CD2 1 
ATOM   1266 N  N   . LEU B 2 121 ? -1.057  7.097   -10.596 1.00 87.05  ? 111  LEU B N   1 
ATOM   1267 C  CA  . LEU B 2 121 ? -2.067  7.774   -11.404 1.00 88.27  ? 111  LEU B CA  1 
ATOM   1268 C  C   . LEU B 2 121 ? -1.459  8.932   -12.188 1.00 100.47 ? 111  LEU B C   1 
ATOM   1269 O  O   . LEU B 2 121 ? -1.928  9.276   -13.272 1.00 95.90  ? 111  LEU B O   1 
ATOM   1270 C  CB  . LEU B 2 121 ? -3.207  8.286   -10.520 1.00 90.33  ? 111  LEU B CB  1 
ATOM   1271 C  CG  . LEU B 2 121 ? -4.439  7.394   -10.341 1.00 98.06  ? 111  LEU B CG  1 
ATOM   1272 C  CD1 . LEU B 2 121 ? -4.058  6.006   -9.850  1.00 90.36  ? 111  LEU B CD1 1 
ATOM   1273 C  CD2 . LEU B 2 121 ? -5.425  8.047   -9.386  1.00 93.61  ? 111  LEU B CD2 1 
ATOM   1274 N  N   . THR B 2 122 ? -0.412  9.530   -11.628 1.00 98.17  ? 112  THR B N   1 
ATOM   1275 C  CA  . THR B 2 122 ? 0.248   10.664  -12.261 1.00 95.89  ? 112  THR B CA  1 
ATOM   1276 C  C   . THR B 2 122 ? 1.269   10.200  -13.295 1.00 103.17 ? 112  THR B C   1 
ATOM   1277 O  O   . THR B 2 122 ? 1.356   10.760  -14.389 1.00 101.16 ? 112  THR B O   1 
ATOM   1278 C  CB  . THR B 2 122 ? 0.950   11.554  -11.218 1.00 101.46 ? 112  THR B CB  1 
ATOM   1279 O  OG1 . THR B 2 122 ? 0.005   11.961  -10.220 1.00 100.94 ? 112  THR B OG1 1 
ATOM   1280 C  CG2 . THR B 2 122 ? 1.544   12.787  -11.881 1.00 105.92 ? 112  THR B CG2 1 
ATOM   1281 N  N   . ASP B 2 123 ? 2.037   9.174   -12.944 1.00 100.79 ? 113  ASP B N   1 
ATOM   1282 C  CA  . ASP B 2 123 ? 3.079   8.661   -13.825 1.00 100.56 ? 113  ASP B CA  1 
ATOM   1283 C  C   . ASP B 2 123 ? 3.011   7.142   -13.947 1.00 99.93  ? 113  ASP B C   1 
ATOM   1284 O  O   . ASP B 2 123 ? 3.576   6.416   -13.127 1.00 101.60 ? 113  ASP B O   1 
ATOM   1285 C  CB  . ASP B 2 123 ? 4.459   9.086   -13.318 1.00 102.96 ? 113  ASP B CB  1 
ATOM   1286 C  CG  . ASP B 2 123 ? 4.566   10.585  -13.107 1.00 108.69 ? 113  ASP B CG  1 
ATOM   1287 O  OD1 . ASP B 2 123 ? 4.848   11.306  -14.087 1.00 103.84 ? 113  ASP B OD1 1 
ATOM   1288 O  OD2 . ASP B 2 123 ? 4.366   11.040  -11.961 1.00 107.80 ? 113  ASP B OD2 1 
ATOM   1289 N  N   . ALA B 2 124 ? 2.323   6.666   -14.980 1.00 98.35  ? 114  ALA B N   1 
ATOM   1290 C  CA  . ALA B 2 124 ? 2.134   5.234   -15.183 1.00 98.24  ? 114  ALA B CA  1 
ATOM   1291 C  C   . ALA B 2 124 ? 3.413   4.552   -15.657 1.00 103.85 ? 114  ALA B C   1 
ATOM   1292 O  O   . ALA B 2 124 ? 4.414   5.209   -15.943 1.00 103.58 ? 114  ALA B O   1 
ATOM   1293 C  CB  . ALA B 2 124 ? 1.010   4.989   -16.178 1.00 96.26  ? 114  ALA B CB  1 
ATOM   1294 N  N   . ASN B 2 125 ? 3.369   3.227   -15.732 1.00 105.00 ? 115  ASN B N   1 
ATOM   1295 C  CA  . ASN B 2 125 ? 4.494   2.448   -16.229 1.00 106.85 ? 115  ASN B CA  1 
ATOM   1296 C  C   . ASN B 2 125 ? 4.061   1.516   -17.353 1.00 113.49 ? 115  ASN B C   1 
ATOM   1297 O  O   . ASN B 2 125 ? 3.773   0.344   -17.115 1.00 118.49 ? 115  ASN B O   1 
ATOM   1298 C  CB  . ASN B 2 125 ? 5.133   1.640   -15.097 1.00 108.24 ? 115  ASN B CB  1 
ATOM   1299 C  CG  . ASN B 2 125 ? 5.584   2.510   -13.941 1.00 112.41 ? 115  ASN B CG  1 
ATOM   1300 O  OD1 . ASN B 2 125 ? 5.215   2.271   -12.790 1.00 111.77 ? 115  ASN B OD1 1 
ATOM   1301 N  ND2 . ASN B 2 125 ? 6.385   3.527   -14.241 1.00 110.03 ? 115  ASN B ND2 1 
ATOM   1302 N  N   . PRO B 2 126 ? 4.011   2.041   -18.586 1.00 109.72 ? 116  PRO B N   1 
ATOM   1303 C  CA  . PRO B 2 126 ? 3.595   1.257   -19.754 1.00 113.48 ? 116  PRO B CA  1 
ATOM   1304 C  C   . PRO B 2 126 ? 4.606   0.173   -20.122 1.00 114.98 ? 116  PRO B C   1 
ATOM   1305 O  O   . PRO B 2 126 ? 4.284   -0.724  -20.902 1.00 113.29 ? 116  PRO B O   1 
ATOM   1306 C  CB  . PRO B 2 126 ? 3.490   2.309   -20.861 1.00 112.52 ? 116  PRO B CB  1 
ATOM   1307 C  CG  . PRO B 2 126 ? 4.431   3.384   -20.442 1.00 106.51 ? 116  PRO B CG  1 
ATOM   1308 C  CD  . PRO B 2 126 ? 4.349   3.429   -18.943 1.00 104.38 ? 116  PRO B CD  1 
ATOM   1309 N  N   . ASP B 2 127 ? 5.813   0.262   -19.570 1.00 115.71 ? 117  ASP B N   1 
ATOM   1310 C  CA  . ASP B 2 127 ? 6.836   -0.753  -19.796 1.00 116.86 ? 117  ASP B CA  1 
ATOM   1311 C  C   . ASP B 2 127 ? 6.408   -2.086  -19.192 1.00 114.61 ? 117  ASP B C   1 
ATOM   1312 O  O   . ASP B 2 127 ? 6.604   -3.143  -19.791 1.00 114.62 ? 117  ASP B O   1 
ATOM   1313 C  CB  . ASP B 2 127 ? 8.177   -0.309  -19.209 1.00 119.85 ? 117  ASP B CB  1 
ATOM   1314 C  CG  . ASP B 2 127 ? 8.688   0.977   -19.832 1.00 120.98 ? 117  ASP B CG  1 
ATOM   1315 O  OD1 . ASP B 2 127 ? 8.357   1.243   -21.007 1.00 118.82 ? 117  ASP B OD1 1 
ATOM   1316 O  OD2 . ASP B 2 127 ? 9.422   1.720   -19.147 1.00 115.99 ? 117  ASP B OD2 1 
ATOM   1317 N  N   . ASP B 2 128 ? 5.822   -2.025  -17.999 1.00 116.72 ? 118  ASP B N   1 
ATOM   1318 C  CA  . ASP B 2 128 ? 5.253   -3.202  -17.353 1.00 117.94 ? 118  ASP B CA  1 
ATOM   1319 C  C   . ASP B 2 128 ? 3.756   -2.988  -17.155 1.00 117.99 ? 118  ASP B C   1 
ATOM   1320 O  O   . ASP B 2 128 ? 3.313   -2.643  -16.059 1.00 120.03 ? 118  ASP B O   1 
ATOM   1321 C  CB  . ASP B 2 128 ? 5.942   -3.478  -16.014 1.00 119.09 ? 118  ASP B CB  1 
ATOM   1322 C  CG  . ASP B 2 128 ? 5.660   -4.874  -15.482 1.00 128.16 ? 118  ASP B CG  1 
ATOM   1323 O  OD1 . ASP B 2 128 ? 4.618   -5.462  -15.841 1.00 123.57 ? 118  ASP B OD1 1 
ATOM   1324 O  OD2 . ASP B 2 128 ? 6.487   -5.387  -14.698 1.00 134.92 ? 118  ASP B OD2 1 
ATOM   1325 N  N   . PRO B 2 129 ? 2.970   -3.196  -18.222 1.00 112.40 ? 119  PRO B N   1 
ATOM   1326 C  CA  . PRO B 2 129 ? 1.539   -2.887  -18.212 1.00 106.40 ? 119  PRO B CA  1 
ATOM   1327 C  C   . PRO B 2 129 ? 0.678   -3.988  -17.609 1.00 102.75 ? 119  PRO B C   1 
ATOM   1328 O  O   . PRO B 2 129 ? 1.109   -5.137  -17.515 1.00 102.20 ? 119  PRO B O   1 
ATOM   1329 C  CB  . PRO B 2 129 ? 1.223   -2.722  -19.695 1.00 104.10 ? 119  PRO B CB  1 
ATOM   1330 C  CG  . PRO B 2 129 ? 2.137   -3.694  -20.357 1.00 105.10 ? 119  PRO B CG  1 
ATOM   1331 C  CD  . PRO B 2 129 ? 3.406   -3.708  -19.534 1.00 110.63 ? 119  PRO B CD  1 
ATOM   1332 N  N   . LEU B 2 130 ? -0.533  -3.623  -17.206 1.00 100.88 ? 120  LEU B N   1 
ATOM   1333 C  CA  . LEU B 2 130 ? -1.528  -4.591  -16.768 1.00 95.34  ? 120  LEU B CA  1 
ATOM   1334 C  C   . LEU B 2 130 ? -2.607  -4.698  -17.839 1.00 100.33 ? 120  LEU B C   1 
ATOM   1335 O  O   . LEU B 2 130 ? -3.263  -5.729  -17.981 1.00 109.39 ? 120  LEU B O   1 
ATOM   1336 C  CB  . LEU B 2 130 ? -2.131  -4.184  -15.424 1.00 96.03  ? 120  LEU B CB  1 
ATOM   1337 C  CG  . LEU B 2 130 ? -3.097  -5.183  -14.783 1.00 98.78  ? 120  LEU B CG  1 
ATOM   1338 C  CD1 . LEU B 2 130 ? -2.406  -6.515  -14.538 1.00 92.18  ? 120  LEU B CD1 1 
ATOM   1339 C  CD2 . LEU B 2 130 ? -3.666  -4.626  -13.489 1.00 94.59  ? 120  LEU B CD2 1 
ATOM   1340 N  N   . VAL B 2 131 ? -2.778  -3.615  -18.590 1.00 94.07  ? 121  VAL B N   1 
ATOM   1341 C  CA  . VAL B 2 131 ? -3.709  -3.583  -19.712 1.00 96.65  ? 121  VAL B CA  1 
ATOM   1342 C  C   . VAL B 2 131 ? -2.977  -3.158  -20.984 1.00 100.78 ? 121  VAL B C   1 
ATOM   1343 O  O   . VAL B 2 131 ? -2.739  -1.970  -21.198 1.00 104.21 ? 121  VAL B O   1 
ATOM   1344 C  CB  . VAL B 2 131 ? -4.885  -2.622  -19.453 1.00 91.99  ? 121  VAL B CB  1 
ATOM   1345 C  CG1 . VAL B 2 131 ? -5.913  -2.734  -20.566 1.00 91.20  ? 121  VAL B CG1 1 
ATOM   1346 C  CG2 . VAL B 2 131 ? -5.526  -2.915  -18.105 1.00 91.07  ? 121  VAL B CG2 1 
ATOM   1347 N  N   . PRO B 2 132 ? -2.610  -4.137  -21.825 1.00 104.15 ? 122  PRO B N   1 
ATOM   1348 C  CA  . PRO B 2 132 ? -1.852  -3.905  -23.063 1.00 101.69 ? 122  PRO B CA  1 
ATOM   1349 C  C   . PRO B 2 132 ? -2.548  -2.950  -24.031 1.00 104.46 ? 122  PRO B C   1 
ATOM   1350 O  O   . PRO B 2 132 ? -1.872  -2.170  -24.703 1.00 108.30 ? 122  PRO B O   1 
ATOM   1351 C  CB  . PRO B 2 132 ? -1.745  -5.306  -23.674 1.00 103.61 ? 122  PRO B CB  1 
ATOM   1352 C  CG  . PRO B 2 132 ? -1.882  -6.234  -22.518 1.00 107.60 ? 122  PRO B CG  1 
ATOM   1353 C  CD  . PRO B 2 132 ? -2.861  -5.570  -21.597 1.00 107.43 ? 122  PRO B CD  1 
ATOM   1354 N  N   . GLU B 2 133 ? -3.875  -3.013  -24.101 1.00 106.58 ? 123  GLU B N   1 
ATOM   1355 C  CA  . GLU B 2 133 ? -4.636  -2.170  -25.019 1.00 103.36 ? 123  GLU B CA  1 
ATOM   1356 C  C   . GLU B 2 133 ? -4.476  -0.690  -24.690 1.00 103.02 ? 123  GLU B C   1 
ATOM   1357 O  O   . GLU B 2 133 ? -4.365  0.146   -25.586 1.00 104.57 ? 123  GLU B O   1 
ATOM   1358 C  CB  . GLU B 2 133 ? -6.120  -2.550  -24.999 1.00 104.95 ? 123  GLU B CB  1 
ATOM   1359 C  CG  . GLU B 2 133 ? -6.414  -3.969  -25.462 1.00 110.60 ? 123  GLU B CG  1 
ATOM   1360 C  CD  . GLU B 2 133 ? -6.509  -4.953  -24.312 1.00 117.03 ? 123  GLU B CD  1 
ATOM   1361 O  OE1 . GLU B 2 133 ? -7.072  -4.587  -23.259 1.00 115.52 ? 123  GLU B OE1 1 
ATOM   1362 O  OE2 . GLU B 2 133 ? -6.019  -6.093  -24.461 1.00 123.60 ? 123  GLU B OE2 1 
ATOM   1363 N  N   . ILE B 2 134 ? -4.462  -0.371  -23.400 1.00 101.15 ? 124  ILE B N   1 
ATOM   1364 C  CA  . ILE B 2 134 ? -4.310  1.009   -22.957 1.00 101.39 ? 124  ILE B CA  1 
ATOM   1365 C  C   . ILE B 2 134 ? -2.854  1.456   -23.047 1.00 104.81 ? 124  ILE B C   1 
ATOM   1366 O  O   . ILE B 2 134 ? -2.563  2.577   -23.467 1.00 103.48 ? 124  ILE B O   1 
ATOM   1367 C  CB  . ILE B 2 134 ? -4.817  1.196   -21.514 1.00 98.21  ? 124  ILE B CB  1 
ATOM   1368 C  CG1 . ILE B 2 134 ? -6.297  0.819   -21.419 1.00 93.80  ? 124  ILE B CG1 1 
ATOM   1369 C  CG2 . ILE B 2 134 ? -4.609  2.629   -21.051 1.00 95.40  ? 124  ILE B CG2 1 
ATOM   1370 C  CD1 . ILE B 2 134 ? -6.887  1.011   -20.040 1.00 93.23  ? 124  ILE B CD1 1 
ATOM   1371 N  N   . ALA B 2 135 ? -1.942  0.569   -22.658 1.00 106.16 ? 125  ALA B N   1 
ATOM   1372 C  CA  . ALA B 2 135 ? -0.513  0.861   -22.702 1.00 105.15 ? 125  ALA B CA  1 
ATOM   1373 C  C   . ALA B 2 135 ? -0.044  1.134   -24.128 1.00 107.12 ? 125  ALA B C   1 
ATOM   1374 O  O   . ALA B 2 135 ? 0.851   1.948   -24.352 1.00 105.86 ? 125  ALA B O   1 
ATOM   1375 C  CB  . ALA B 2 135 ? 0.279   -0.285  -22.101 1.00 103.97 ? 125  ALA B CB  1 
ATOM   1376 N  N   . HIS B 2 136 ? -0.654  0.443   -25.087 1.00 106.37 ? 126  HIS B N   1 
ATOM   1377 C  CA  . HIS B 2 136 ? -0.339  0.642   -26.495 1.00 109.75 ? 126  HIS B CA  1 
ATOM   1378 C  C   . HIS B 2 136 ? -0.759  2.038   -26.943 1.00 109.15 ? 126  HIS B C   1 
ATOM   1379 O  O   . HIS B 2 136 ? -0.033  2.713   -27.675 1.00 99.30  ? 126  HIS B O   1 
ATOM   1380 C  CB  . HIS B 2 136 ? -1.023  -0.422  -27.354 1.00 101.21 ? 126  HIS B CB  1 
ATOM   1381 C  CG  . HIS B 2 136 ? -0.708  -0.317  -28.814 1.00 112.62 ? 126  HIS B CG  1 
ATOM   1382 N  ND1 . HIS B 2 136 ? -1.673  -0.078  -29.768 1.00 111.53 ? 126  HIS B ND1 1 
ATOM   1383 C  CD2 . HIS B 2 136 ? 0.466   -0.418  -29.482 1.00 117.34 ? 126  HIS B CD2 1 
ATOM   1384 C  CE1 . HIS B 2 136 ? -1.107  -0.038  -30.962 1.00 118.41 ? 126  HIS B CE1 1 
ATOM   1385 N  NE2 . HIS B 2 136 ? 0.189   -0.240  -30.816 1.00 124.24 ? 126  HIS B NE2 1 
ATOM   1386 N  N   . ILE B 2 137 ? -1.934  2.465   -26.493 1.00 104.43 ? 127  ILE B N   1 
ATOM   1387 C  CA  . ILE B 2 137 ? -2.429  3.806   -26.781 1.00 104.48 ? 127  ILE B CA  1 
ATOM   1388 C  C   . ILE B 2 137 ? -1.579  4.848   -26.060 1.00 106.61 ? 127  ILE B C   1 
ATOM   1389 O  O   . ILE B 2 137 ? -1.291  5.912   -26.604 1.00 105.30 ? 127  ILE B O   1 
ATOM   1390 C  CB  . ILE B 2 137 ? -3.909  3.960   -26.371 1.00 99.47  ? 127  ILE B CB  1 
ATOM   1391 C  CG1 . ILE B 2 137 ? -4.781  2.965   -27.140 1.00 101.42 ? 127  ILE B CG1 1 
ATOM   1392 C  CG2 . ILE B 2 137 ? -4.393  5.382   -26.611 1.00 99.09  ? 127  ILE B CG2 1 
ATOM   1393 C  CD1 . ILE B 2 137 ? -6.259  3.089   -26.841 1.00 98.57  ? 127  ILE B CD1 1 
ATOM   1394 N  N   . TYR B 2 138 ? -1.170  4.523   -24.837 1.00 105.50 ? 128  TYR B N   1 
ATOM   1395 C  CA  . TYR B 2 138 ? -0.354  5.419   -24.021 1.00 99.66  ? 128  TYR B CA  1 
ATOM   1396 C  C   . TYR B 2 138 ? 0.984   5.729   -24.687 1.00 101.35 ? 128  TYR B C   1 
ATOM   1397 O  O   . TYR B 2 138 ? 1.530   6.819   -24.524 1.00 105.86 ? 128  TYR B O   1 
ATOM   1398 C  CB  . TYR B 2 138 ? -0.124  4.804   -22.638 1.00 102.74 ? 128  TYR B CB  1 
ATOM   1399 C  CG  . TYR B 2 138 ? 0.563   5.715   -21.641 1.00 99.83  ? 128  TYR B CG  1 
ATOM   1400 C  CD1 . TYR B 2 138 ? 1.949   5.754   -21.541 1.00 102.01 ? 128  TYR B CD1 1 
ATOM   1401 C  CD2 . TYR B 2 138 ? -0.176  6.524   -20.787 1.00 98.49  ? 128  TYR B CD2 1 
ATOM   1402 C  CE1 . TYR B 2 138 ? 2.579   6.581   -20.629 1.00 98.32  ? 128  TYR B CE1 1 
ATOM   1403 C  CE2 . TYR B 2 138 ? 0.445   7.354   -19.871 1.00 96.49  ? 128  TYR B CE2 1 
ATOM   1404 C  CZ  . TYR B 2 138 ? 1.822   7.378   -19.796 1.00 95.88  ? 128  TYR B CZ  1 
ATOM   1405 O  OH  . TYR B 2 138 ? 2.442   8.201   -18.885 1.00 91.54  ? 128  TYR B OH  1 
ATOM   1406 N  N   . LYS B 2 139 ? 1.507   4.766   -25.440 1.00 104.74 ? 129  LYS B N   1 
ATOM   1407 C  CA  . LYS B 2 139 ? 2.803   4.919   -26.091 1.00 107.66 ? 129  LYS B CA  1 
ATOM   1408 C  C   . LYS B 2 139 ? 2.695   5.524   -27.489 1.00 108.17 ? 129  LYS B C   1 
ATOM   1409 O  O   . LYS B 2 139 ? 3.582   6.260   -27.923 1.00 106.63 ? 129  LYS B O   1 
ATOM   1410 C  CB  . LYS B 2 139 ? 3.519   3.567   -26.176 1.00 110.08 ? 129  LYS B CB  1 
ATOM   1411 C  CG  . LYS B 2 139 ? 4.058   3.055   -24.852 1.00 108.31 ? 129  LYS B CG  1 
ATOM   1412 C  CD  . LYS B 2 139 ? 4.863   1.780   -25.050 1.00 106.25 ? 129  LYS B CD  1 
ATOM   1413 C  CE  . LYS B 2 139 ? 5.506   1.320   -23.753 1.00 118.23 ? 129  LYS B CE  1 
ATOM   1414 N  NZ  . LYS B 2 139 ? 6.308   0.079   -23.941 1.00 127.85 ? 129  LYS B NZ  1 
ATOM   1415 N  N   . THR B 2 140 ? 1.611   5.215   -28.191 1.00 108.42 ? 130  THR B N   1 
ATOM   1416 C  CA  . THR B 2 140 ? 1.462   5.629   -29.582 1.00 104.02 ? 130  THR B CA  1 
ATOM   1417 C  C   . THR B 2 140 ? 0.615   6.890   -29.743 1.00 108.97 ? 130  THR B C   1 
ATOM   1418 O  O   . THR B 2 140 ? 0.838   7.680   -30.660 1.00 111.51 ? 130  THR B O   1 
ATOM   1419 C  CB  . THR B 2 140 ? 0.835   4.506   -30.432 1.00 111.56 ? 130  THR B CB  1 
ATOM   1420 O  OG1 . THR B 2 140 ? -0.452  4.163   -29.903 1.00 110.86 ? 130  THR B OG1 1 
ATOM   1421 C  CG2 . THR B 2 140 ? 1.726   3.272   -30.427 1.00 117.70 ? 130  THR B CG2 1 
ATOM   1422 N  N   . ASP B 2 141 ? -0.354  7.074   -28.853 1.00 108.78 ? 131  ASP B N   1 
ATOM   1423 C  CA  . ASP B 2 141 ? -1.277  8.199   -28.959 1.00 101.95 ? 131  ASP B CA  1 
ATOM   1424 C  C   . ASP B 2 141 ? -1.659  8.731   -27.579 1.00 102.50 ? 131  ASP B C   1 
ATOM   1425 O  O   . ASP B 2 141 ? -2.806  8.599   -27.152 1.00 106.72 ? 131  ASP B O   1 
ATOM   1426 C  CB  . ASP B 2 141 ? -2.532  7.781   -29.732 1.00 105.03 ? 131  ASP B CB  1 
ATOM   1427 C  CG  . ASP B 2 141 ? -3.323  8.966   -30.258 1.00 107.39 ? 131  ASP B CG  1 
ATOM   1428 O  OD1 . ASP B 2 141 ? -3.154  10.087  -29.736 1.00 111.00 ? 131  ASP B OD1 1 
ATOM   1429 O  OD2 . ASP B 2 141 ? -4.125  8.773   -31.198 1.00 107.39 ? 131  ASP B OD2 1 
ATOM   1430 N  N   . ARG B 2 142 ? -0.688  9.327   -26.891 1.00 97.43  ? 132  ARG B N   1 
ATOM   1431 C  CA  . ARG B 2 142 ? -0.910  9.914   -25.570 1.00 98.82  ? 132  ARG B CA  1 
ATOM   1432 C  C   . ARG B 2 142 ? -2.080  10.916  -25.508 1.00 103.10 ? 132  ARG B C   1 
ATOM   1433 O  O   . ARG B 2 142 ? -2.838  10.898  -24.539 1.00 106.56 ? 132  ARG B O   1 
ATOM   1434 C  CB  . ARG B 2 142 ? 0.373   10.590  -25.069 1.00 101.40 ? 132  ARG B CB  1 
ATOM   1435 C  CG  . ARG B 2 142 ? 0.244   11.233  -23.694 1.00 101.23 ? 132  ARG B CG  1 
ATOM   1436 C  CD  . ARG B 2 142 ? 0.243   10.194  -22.585 1.00 98.99  ? 132  ARG B CD  1 
ATOM   1437 N  NE  . ARG B 2 142 ? 1.588   9.936   -22.076 1.00 102.13 ? 132  ARG B NE  1 
ATOM   1438 C  CZ  . ARG B 2 142 ? 2.099   10.515  -20.994 1.00 101.84 ? 132  ARG B CZ  1 
ATOM   1439 N  NH1 . ARG B 2 142 ? 1.374   11.382  -20.300 1.00 97.53  ? 132  ARG B NH1 1 
ATOM   1440 N  NH2 . ARG B 2 142 ? 3.333   10.223  -20.602 1.00 100.87 ? 132  ARG B NH2 1 
ATOM   1441 N  N   . PRO B 2 143 ? -2.226  11.799  -26.523 1.00 107.66 ? 133  PRO B N   1 
ATOM   1442 C  CA  . PRO B 2 143 ? -3.389  12.698  -26.483 1.00 106.90 ? 133  PRO B CA  1 
ATOM   1443 C  C   . PRO B 2 143 ? -4.731  11.970  -26.403 1.00 104.22 ? 133  PRO B C   1 
ATOM   1444 O  O   . PRO B 2 143 ? -5.642  12.449  -25.727 1.00 106.13 ? 133  PRO B O   1 
ATOM   1445 C  CB  . PRO B 2 143 ? -3.277  13.467  -27.800 1.00 99.04  ? 133  PRO B CB  1 
ATOM   1446 C  CG  . PRO B 2 143 ? -1.828  13.495  -28.081 1.00 98.04  ? 133  PRO B CG  1 
ATOM   1447 C  CD  . PRO B 2 143 ? -1.304  12.169  -27.616 1.00 100.61 ? 133  PRO B CD  1 
ATOM   1448 N  N   . LYS B 2 144 ? -4.849  10.834  -27.083 1.00 103.27 ? 134  LYS B N   1 
ATOM   1449 C  CA  . LYS B 2 144 ? -6.084  10.057  -27.059 1.00 106.05 ? 134  LYS B CA  1 
ATOM   1450 C  C   . LYS B 2 144 ? -6.295  9.411   -25.693 1.00 102.87 ? 134  LYS B C   1 
ATOM   1451 O  O   . LYS B 2 144 ? -7.426  9.290   -25.222 1.00 104.27 ? 134  LYS B O   1 
ATOM   1452 C  CB  . LYS B 2 144 ? -6.070  8.988   -28.155 1.00 104.52 ? 134  LYS B CB  1 
ATOM   1453 C  CG  . LYS B 2 144 ? -7.381  8.232   -28.303 1.00 95.70  ? 134  LYS B CG  1 
ATOM   1454 C  CD  . LYS B 2 144 ? -7.343  7.271   -29.479 1.00 101.51 ? 134  LYS B CD  1 
ATOM   1455 C  CE  . LYS B 2 144 ? -8.679  6.567   -29.657 1.00 95.38  ? 134  LYS B CE  1 
ATOM   1456 N  NZ  . LYS B 2 144 ? -8.688  5.663   -30.842 1.00 97.13  ? 134  LYS B NZ  1 
ATOM   1457 N  N   . TYR B 2 145 ? -5.198  8.999   -25.065 1.00 102.84 ? 135  TYR B N   1 
ATOM   1458 C  CA  . TYR B 2 145 ? -5.247  8.420   -23.726 1.00 104.10 ? 135  TYR B CA  1 
ATOM   1459 C  C   . TYR B 2 145 ? -5.721  9.439   -22.695 1.00 102.66 ? 135  TYR B C   1 
ATOM   1460 O  O   . TYR B 2 145 ? -6.583  9.143   -21.867 1.00 103.07 ? 135  TYR B O   1 
ATOM   1461 C  CB  . TYR B 2 145 ? -3.872  7.874   -23.330 1.00 106.08 ? 135  TYR B CB  1 
ATOM   1462 C  CG  . TYR B 2 145 ? -3.644  7.816   -21.834 1.00 105.16 ? 135  TYR B CG  1 
ATOM   1463 C  CD1 . TYR B 2 145 ? -4.171  6.783   -21.070 1.00 103.22 ? 135  TYR B CD1 1 
ATOM   1464 C  CD2 . TYR B 2 145 ? -2.898  8.793   -21.187 1.00 102.40 ? 135  TYR B CD2 1 
ATOM   1465 C  CE1 . TYR B 2 145 ? -3.965  6.728   -19.704 1.00 104.47 ? 135  TYR B CE1 1 
ATOM   1466 C  CE2 . TYR B 2 145 ? -2.690  8.747   -19.822 1.00 101.90 ? 135  TYR B CE2 1 
ATOM   1467 C  CZ  . TYR B 2 145 ? -3.222  7.712   -19.085 1.00 98.78  ? 135  TYR B CZ  1 
ATOM   1468 O  OH  . TYR B 2 145 ? -3.015  7.663   -17.726 1.00 96.82  ? 135  TYR B OH  1 
ATOM   1469 N  N   . GLU B 2 146 ? -5.142  10.636  -22.750 1.00 105.95 ? 136  GLU B N   1 
ATOM   1470 C  CA  . GLU B 2 146 ? -5.477  11.710  -21.821 1.00 101.95 ? 136  GLU B CA  1 
ATOM   1471 C  C   . GLU B 2 146 ? -6.955  12.070  -21.892 1.00 102.67 ? 136  GLU B C   1 
ATOM   1472 O  O   . GLU B 2 146 ? -7.599  12.295  -20.869 1.00 101.08 ? 136  GLU B O   1 
ATOM   1473 C  CB  . GLU B 2 146 ? -4.627  12.950  -22.111 1.00 98.90  ? 136  GLU B CB  1 
ATOM   1474 C  CG  . GLU B 2 146 ? -3.136  12.759  -21.883 1.00 100.54 ? 136  GLU B CG  1 
ATOM   1475 C  CD  . GLU B 2 146 ? -2.771  12.712  -20.412 1.00 110.43 ? 136  GLU B CD  1 
ATOM   1476 O  OE1 . GLU B 2 146 ? -3.292  13.547  -19.641 1.00 115.41 ? 136  GLU B OE1 1 
ATOM   1477 O  OE2 . GLU B 2 146 ? -1.964  11.838  -20.026 1.00 103.63 ? 136  GLU B OE2 1 
ATOM   1478 N  N   . ALA B 2 147 ? -7.488  12.116  -23.109 1.00 100.56 ? 137  ALA B N   1 
ATOM   1479 C  CA  . ALA B 2 147 ? -8.884  12.473  -23.326 1.00 97.03  ? 137  ALA B CA  1 
ATOM   1480 C  C   . ALA B 2 147 ? -9.822  11.443  -22.705 1.00 104.77 ? 137  ALA B C   1 
ATOM   1481 O  O   . ALA B 2 147 ? -10.748 11.796  -21.976 1.00 104.69 ? 137  ALA B O   1 
ATOM   1482 C  CB  . ALA B 2 147 ? -9.166  12.619  -24.811 1.00 91.85  ? 137  ALA B CB  1 
ATOM   1483 N  N   . THR B 2 148 ? -9.572  10.171  -22.998 1.00 100.57 ? 138  THR B N   1 
ATOM   1484 C  CA  . THR B 2 148 ? -10.404 9.081   -22.499 1.00 100.79 ? 138  THR B CA  1 
ATOM   1485 C  C   . THR B 2 148 ? -10.351 8.984   -20.975 1.00 104.77 ? 138  THR B C   1 
ATOM   1486 O  O   . THR B 2 148 ? -11.363 8.711   -20.326 1.00 103.88 ? 138  THR B O   1 
ATOM   1487 C  CB  . THR B 2 148 ? -9.977  7.730   -23.108 1.00 100.45 ? 138  THR B CB  1 
ATOM   1488 O  OG1 . THR B 2 148 ? -10.024 7.811   -24.538 1.00 99.11  ? 138  THR B OG1 1 
ATOM   1489 C  CG2 . THR B 2 148 ? -10.897 6.613   -22.640 1.00 99.08  ? 138  THR B CG2 1 
ATOM   1490 N  N   . ALA B 2 149 ? -9.170  9.215   -20.412 1.00 103.92 ? 139  ALA B N   1 
ATOM   1491 C  CA  . ALA B 2 149 ? -8.977  9.128   -18.967 1.00 99.68  ? 139  ALA B CA  1 
ATOM   1492 C  C   . ALA B 2 149 ? -9.787  10.192  -18.229 1.00 101.08 ? 139  ALA B C   1 
ATOM   1493 O  O   . ALA B 2 149 ? -10.211 9.983   -17.093 1.00 108.64 ? 139  ALA B O   1 
ATOM   1494 C  CB  . ALA B 2 149 ? -7.501  9.253   -18.623 1.00 100.70 ? 139  ALA B CB  1 
ATOM   1495 N  N   . ARG B 2 150 ? -9.996  11.332  -18.881 1.00 100.07 ? 140  ARG B N   1 
ATOM   1496 C  CA  . ARG B 2 150 ? -10.780 12.414  -18.296 1.00 102.65 ? 140  ARG B CA  1 
ATOM   1497 C  C   . ARG B 2 150 ? -12.272 12.161  -18.473 1.00 103.27 ? 140  ARG B C   1 
ATOM   1498 O  O   . ARG B 2 150 ? -13.075 12.492  -17.600 1.00 101.31 ? 140  ARG B O   1 
ATOM   1499 C  CB  . ARG B 2 150 ? -10.394 13.757  -18.919 1.00 104.69 ? 140  ARG B CB  1 
ATOM   1500 C  CG  . ARG B 2 150 ? -8.949  14.155  -18.678 1.00 103.95 ? 140  ARG B CG  1 
ATOM   1501 C  CD  . ARG B 2 150 ? -8.626  15.498  -19.312 1.00 110.29 ? 140  ARG B CD  1 
ATOM   1502 N  NE  . ARG B 2 150 ? -7.194  15.786  -19.277 1.00 110.74 ? 140  ARG B NE  1 
ATOM   1503 C  CZ  . ARG B 2 150 ? -6.585  16.443  -18.295 1.00 108.52 ? 140  ARG B CZ  1 
ATOM   1504 N  NH1 . ARG B 2 150 ? -7.282  16.889  -17.258 1.00 102.69 ? 140  ARG B NH1 1 
ATOM   1505 N  NH2 . ARG B 2 150 ? -5.277  16.655  -18.352 1.00 105.93 ? 140  ARG B NH2 1 
ATOM   1506 N  N   . GLU B 2 151 ? -12.637 11.577  -19.610 1.00 104.88 ? 141  GLU B N   1 
ATOM   1507 C  CA  . GLU B 2 151 ? -14.026 11.232  -19.887 1.00 102.67 ? 141  GLU B CA  1 
ATOM   1508 C  C   . GLU B 2 151 ? -14.545 10.224  -18.870 1.00 105.96 ? 141  GLU B C   1 
ATOM   1509 O  O   . GLU B 2 151 ? -15.666 10.347  -18.378 1.00 109.19 ? 141  GLU B O   1 
ATOM   1510 C  CB  . GLU B 2 151 ? -14.175 10.672  -21.303 1.00 100.72 ? 141  GLU B CB  1 
ATOM   1511 C  CG  . GLU B 2 151 ? -13.910 11.681  -22.409 1.00 105.31 ? 141  GLU B CG  1 
ATOM   1512 C  CD  . GLU B 2 151 ? -14.038 11.073  -23.791 1.00 104.89 ? 141  GLU B CD  1 
ATOM   1513 O  OE1 . GLU B 2 151 ? -14.520 9.925   -23.895 1.00 112.37 ? 141  GLU B OE1 1 
ATOM   1514 O  OE2 . GLU B 2 151 ? -13.652 11.740  -24.774 1.00 100.04 ? 141  GLU B OE2 1 
ATOM   1515 N  N   . TRP B 2 152 ? -13.722 9.228   -18.555 1.00 103.66 ? 142  TRP B N   1 
ATOM   1516 C  CA  . TRP B 2 152 ? -14.089 8.217   -17.571 1.00 101.56 ? 142  TRP B CA  1 
ATOM   1517 C  C   . TRP B 2 152 ? -14.131 8.812   -16.170 1.00 104.65 ? 142  TRP B C   1 
ATOM   1518 O  O   . TRP B 2 152 ? -14.934 8.400   -15.332 1.00 105.24 ? 142  TRP B O   1 
ATOM   1519 C  CB  . TRP B 2 152 ? -13.113 7.038   -17.610 1.00 104.34 ? 142  TRP B CB  1 
ATOM   1520 C  CG  . TRP B 2 152 ? -13.310 6.120   -18.780 1.00 107.10 ? 142  TRP B CG  1 
ATOM   1521 C  CD1 . TRP B 2 152 ? -13.704 6.466   -20.040 1.00 112.09 ? 142  TRP B CD1 1 
ATOM   1522 C  CD2 . TRP B 2 152 ? -13.135 4.697   -18.791 1.00 109.92 ? 142  TRP B CD2 1 
ATOM   1523 N  NE1 . TRP B 2 152 ? -13.777 5.349   -20.838 1.00 112.69 ? 142  TRP B NE1 1 
ATOM   1524 C  CE2 . TRP B 2 152 ? -13.433 4.250   -20.093 1.00 108.88 ? 142  TRP B CE2 1 
ATOM   1525 C  CE3 . TRP B 2 152 ? -12.753 3.760   -17.826 1.00 113.49 ? 142  TRP B CE3 1 
ATOM   1526 C  CZ2 . TRP B 2 152 ? -13.361 2.906   -20.457 1.00 111.64 ? 142  TRP B CZ2 1 
ATOM   1527 C  CZ3 . TRP B 2 152 ? -12.681 2.427   -18.188 1.00 111.11 ? 142  TRP B CZ3 1 
ATOM   1528 C  CH2 . TRP B 2 152 ? -12.984 2.012   -19.491 1.00 113.63 ? 142  TRP B CH2 1 
ATOM   1529 N  N   . THR B 2 153 ? -13.258 9.783   -15.922 1.00 102.68 ? 143  THR B N   1 
ATOM   1530 C  CA  . THR B 2 153 ? -13.200 10.459  -14.632 1.00 100.57 ? 143  THR B CA  1 
ATOM   1531 C  C   . THR B 2 153 ? -14.494 11.218  -14.356 1.00 105.65 ? 143  THR B C   1 
ATOM   1532 O  O   . THR B 2 153 ? -15.056 11.135  -13.264 1.00 102.82 ? 143  THR B O   1 
ATOM   1533 C  CB  . THR B 2 153 ? -12.012 11.438  -14.564 1.00 98.61  ? 143  THR B CB  1 
ATOM   1534 O  OG1 . THR B 2 153 ? -10.793 10.731  -14.818 1.00 102.24 ? 143  THR B OG1 1 
ATOM   1535 C  CG2 . THR B 2 153 ? -11.937 12.094  -13.194 1.00 100.87 ? 143  THR B CG2 1 
ATOM   1536 N  N   . LYS B 2 154 ? -14.966 11.949  -15.361 1.00 106.94 ? 144  LYS B N   1 
ATOM   1537 C  CA  . LYS B 2 154 ? -16.168 12.762  -15.220 1.00 106.41 ? 144  LYS B CA  1 
ATOM   1538 C  C   . LYS B 2 154 ? -17.444 11.929  -15.315 1.00 104.99 ? 144  LYS B C   1 
ATOM   1539 O  O   . LYS B 2 154 ? -18.540 12.435  -15.080 1.00 108.28 ? 144  LYS B O   1 
ATOM   1540 C  CB  . LYS B 2 154 ? -16.190 13.864  -16.282 1.00 107.72 ? 144  LYS B CB  1 
ATOM   1541 N  N   . LYS B 2 155 ? -17.300 10.653  -15.660 1.00 106.55 ? 145  LYS B N   1 
ATOM   1542 C  CA  . LYS B 2 155 ? -18.460 9.788   -15.839 1.00 106.28 ? 145  LYS B CA  1 
ATOM   1543 C  C   . LYS B 2 155 ? -18.639 8.814   -14.676 1.00 110.51 ? 145  LYS B C   1 
ATOM   1544 O  O   . LYS B 2 155 ? -19.765 8.531   -14.265 1.00 115.92 ? 145  LYS B O   1 
ATOM   1545 C  CB  . LYS B 2 155 ? -18.350 9.016   -17.157 1.00 105.55 ? 145  LYS B CB  1 
ATOM   1546 C  CG  . LYS B 2 155 ? -19.589 8.206   -17.503 1.00 106.56 ? 145  LYS B CG  1 
ATOM   1547 C  CD  . LYS B 2 155 ? -19.589 7.777   -18.962 1.00 112.44 ? 145  LYS B CD  1 
ATOM   1548 C  CE  . LYS B 2 155 ? -18.404 6.884   -19.284 1.00 113.04 ? 145  LYS B CE  1 
ATOM   1549 N  NZ  . LYS B 2 155 ? -18.430 6.418   -20.698 1.00 108.72 ? 145  LYS B NZ  1 
ATOM   1550 N  N   . TYR B 2 156 ? -17.531 8.308   -14.147 1.00 110.80 ? 146  TYR B N   1 
ATOM   1551 C  CA  . TYR B 2 156 ? -17.587 7.329   -13.065 1.00 104.52 ? 146  TYR B CA  1 
ATOM   1552 C  C   . TYR B 2 156 ? -17.179 7.924   -11.720 1.00 106.36 ? 146  TYR B C   1 
ATOM   1553 O  O   . TYR B 2 156 ? -17.836 7.689   -10.706 1.00 106.76 ? 146  TYR B O   1 
ATOM   1554 C  CB  . TYR B 2 156 ? -16.698 6.126   -13.387 1.00 98.98  ? 146  TYR B CB  1 
ATOM   1555 C  CG  . TYR B 2 156 ? -17.052 5.425   -14.678 1.00 104.65 ? 146  TYR B CG  1 
ATOM   1556 C  CD1 . TYR B 2 156 ? -18.167 4.601   -14.761 1.00 103.85 ? 146  TYR B CD1 1 
ATOM   1557 C  CD2 . TYR B 2 156 ? -16.266 5.581   -15.812 1.00 106.67 ? 146  TYR B CD2 1 
ATOM   1558 C  CE1 . TYR B 2 156 ? -18.493 3.957   -15.941 1.00 100.84 ? 146  TYR B CE1 1 
ATOM   1559 C  CE2 . TYR B 2 156 ? -16.582 4.940   -16.995 1.00 105.81 ? 146  TYR B CE2 1 
ATOM   1560 C  CZ  . TYR B 2 156 ? -17.697 4.129   -17.054 1.00 107.21 ? 146  TYR B CZ  1 
ATOM   1561 O  OH  . TYR B 2 156 ? -18.015 3.491   -18.231 1.00 102.90 ? 146  TYR B OH  1 
ATOM   1562 N  N   . ALA B 2 157 ? -16.094 8.692   -11.715 1.00 106.69 ? 147  ALA B N   1 
ATOM   1563 C  CA  . ALA B 2 157 ? -15.547 9.236   -10.475 1.00 103.52 ? 147  ALA B CA  1 
ATOM   1564 C  C   . ALA B 2 157 ? -16.236 10.533  -10.061 1.00 104.69 ? 147  ALA B C   1 
ATOM   1565 O  O   . ALA B 2 157 ? -16.004 11.044  -8.966  1.00 101.33 ? 147  ALA B O   1 
ATOM   1566 C  CB  . ALA B 2 157 ? -14.050 9.459   -10.617 1.00 104.09 ? 147  ALA B CB  1 
ATOM   1567 N  N   . VAL B 2 158 ? -17.083 11.061  -10.940 1.00 103.99 ? 148  VAL B N   1 
ATOM   1568 C  CA  . VAL B 2 158 ? -17.805 12.295  -10.656 1.00 107.08 ? 148  VAL B CA  1 
ATOM   1569 C  C   . VAL B 2 158 ? -19.313 12.090  -10.759 1.00 109.17 ? 148  VAL B C   1 
ATOM   1570 O  O   . VAL B 2 158 ? -20.054 12.378  -9.818  1.00 112.39 ? 148  VAL B O   1 
ATOM   1571 C  CB  . VAL B 2 158 ? -17.382 13.428  -11.611 1.00 109.20 ? 148  VAL B CB  1 
ATOM   1572 C  CG1 . VAL B 2 158 ? -18.291 14.636  -11.442 1.00 107.14 ? 148  VAL B CG1 1 
ATOM   1573 C  CG2 . VAL B 2 158 ? -15.928 13.807  -11.371 1.00 106.31 ? 148  VAL B CG2 1 
HETATM 1574 ZN ZN  . ZN  C 3 .   ? 7.868   -7.984  16.672  1.00 93.17  ? 1083 ZN  A ZN  1 
HETATM 1575 ZN ZN  . ZN  D 3 .   ? 18.163  -2.334  6.949   1.00 96.10  ? 1084 ZN  A ZN  1 
# 
